data_6BEH
#
_entry.id   6BEH
#
_cell.length_a   190.790
_cell.length_b   190.790
_cell.length_c   253.530
_cell.angle_alpha   90.00
_cell.angle_beta   90.00
_cell.angle_gamma   120.00
#
_symmetry.space_group_name_H-M   'P 61 2 2'
#
loop_
_entity.id
_entity.type
_entity.pdbx_description
1 polymer 'Scaffold protein D13'
2 non-polymer RIFAPENTINE
3 non-polymer 'FORMIC ACID'
4 non-polymer 1,2-ETHANEDIOL
5 water water
#
_entity_poly.entity_id   1
_entity_poly.type   'polypeptide(L)'
_entity_poly.pdbx_seq_one_letter_code
;GAMNNTIINSLIGGDDSIKRSNVFAVDSQIPTLYMPQYISLSGVMTNDGPDNQAIASFEIRDQYITALNHLVLSLELPEV
KGMGRFGYVPYVGYKCINHVSISSCNGVIWEIEGEELYNNCINNTIALKHSGYSSELNDISIGLTPNDTIKEPSTVYVYI
KTPFDVEDTFSSLKLSDSKITVTVTFNPVSDIVIRDSSFDFETFNKEFVYVPELSFIGYMVKNVQIKPSFIEKPRRVIGQ
INQPTATVTEVHAATSLSVYTKPYYGNTDNKFISYPGYSQDEKDYIDAYVSRLLDDLVIVSDGPPTGYPESAEIVEVPED
GIVSIQDADVYVKIDNVPDNMSVYLHTNLLMFGTRKNSFIYNISKKFSAITGTYSDATKRTIFAHISHSINIIDTSIPVS
LWTSQRNVYNGDNRSAESKAKDLFINDPFIKGIDFKNKTDIISRLEVRFGNDVLYSENGPISRIYNELLTKSNNGTRTLT
FNFTPKIFFRPTTITANVSRGKDKLSVRVVYSTMDVNHPIYYVQKQLVVVCNDLYKVSYDQGVSITKIMGDNN
;
_entity_poly.pdbx_strand_id   A,B,C
#
# COMPACT_ATOMS: atom_id res chain seq x y z
N ALA A 2 -1.53 -15.85 -34.85
CA ALA A 2 -2.65 -16.49 -35.54
C ALA A 2 -3.65 -17.14 -34.58
N MET A 3 -4.93 -17.13 -34.97
CA MET A 3 -6.02 -17.73 -34.20
C MET A 3 -5.95 -19.25 -34.30
N ASN A 4 -6.27 -19.94 -33.20
CA ASN A 4 -6.27 -21.41 -33.17
C ASN A 4 -7.48 -21.95 -33.93
N ASN A 5 -7.25 -23.05 -34.69
CA ASN A 5 -8.26 -23.72 -35.52
C ASN A 5 -9.51 -24.18 -34.75
N THR A 6 -9.36 -24.53 -33.45
CA THR A 6 -10.47 -24.96 -32.58
C THR A 6 -11.47 -23.80 -32.32
N ILE A 7 -10.96 -22.55 -32.30
CA ILE A 7 -11.76 -21.33 -32.10
C ILE A 7 -12.48 -20.95 -33.41
N ILE A 8 -11.75 -20.96 -34.55
CA ILE A 8 -12.26 -20.63 -35.89
C ILE A 8 -13.44 -21.53 -36.27
N ASN A 9 -13.32 -22.85 -36.05
CA ASN A 9 -14.37 -23.84 -36.33
C ASN A 9 -15.57 -23.69 -35.40
N SER A 10 -15.35 -23.21 -34.16
CA SER A 10 -16.38 -22.99 -33.15
C SER A 10 -17.32 -21.82 -33.50
N LEU A 11 -16.83 -20.84 -34.27
CA LEU A 11 -17.61 -19.68 -34.67
C LEU A 11 -18.08 -19.74 -36.13
N ILE A 12 -17.16 -19.97 -37.08
CA ILE A 12 -17.46 -20.06 -38.51
C ILE A 12 -18.09 -21.41 -38.87
N SER A 17 -29.64 -14.99 -36.16
CA SER A 17 -31.07 -14.72 -36.02
C SER A 17 -31.38 -13.79 -34.83
N ILE A 18 -30.83 -14.12 -33.61
CA ILE A 18 -31.03 -13.37 -32.36
C ILE A 18 -30.38 -11.99 -32.37
N LYS A 19 -31.09 -10.98 -31.82
CA LYS A 19 -30.62 -9.59 -31.75
C LYS A 19 -29.50 -9.46 -30.73
N ARG A 20 -28.38 -8.86 -31.14
CA ARG A 20 -27.19 -8.70 -30.30
C ARG A 20 -26.76 -7.25 -30.15
N SER A 21 -26.36 -6.88 -28.91
CA SER A 21 -25.87 -5.55 -28.58
C SER A 21 -24.40 -5.45 -28.99
N ASN A 22 -24.05 -4.38 -29.72
CA ASN A 22 -22.69 -4.15 -30.20
C ASN A 22 -21.72 -3.88 -29.04
N VAL A 23 -20.86 -4.86 -28.78
CA VAL A 23 -19.88 -4.85 -27.69
C VAL A 23 -18.49 -4.42 -28.20
N PHE A 24 -18.31 -4.29 -29.54
CA PHE A 24 -17.03 -3.90 -30.14
C PHE A 24 -17.02 -2.50 -30.76
N ALA A 25 -18.16 -1.82 -30.80
CA ALA A 25 -18.27 -0.46 -31.33
C ALA A 25 -19.39 0.31 -30.65
N VAL A 26 -19.26 1.65 -30.57
CA VAL A 26 -20.26 2.49 -29.95
C VAL A 26 -20.38 3.84 -30.69
N ASP A 27 -21.60 4.40 -30.75
CA ASP A 27 -21.85 5.69 -31.40
C ASP A 27 -21.30 6.79 -30.46
N SER A 28 -20.29 7.54 -30.91
CA SER A 28 -19.67 8.60 -30.11
C SER A 28 -20.60 9.81 -30.04
N GLN A 29 -21.45 9.85 -28.97
CA GLN A 29 -22.44 10.89 -28.73
C GLN A 29 -21.76 12.24 -28.55
N ILE A 30 -22.26 13.28 -29.21
CA ILE A 30 -21.71 14.62 -29.06
C ILE A 30 -22.19 15.17 -27.71
N PRO A 31 -21.28 15.48 -26.77
CA PRO A 31 -21.75 15.97 -25.46
C PRO A 31 -22.11 17.45 -25.49
N THR A 32 -22.60 17.97 -24.35
CA THR A 32 -22.95 19.39 -24.18
C THR A 32 -21.66 20.19 -24.39
N LEU A 33 -21.72 21.27 -25.21
CA LEU A 33 -20.53 22.09 -25.47
C LEU A 33 -20.15 22.88 -24.23
N TYR A 34 -18.97 22.56 -23.70
CA TYR A 34 -18.44 23.21 -22.50
C TYR A 34 -16.92 23.36 -22.56
N MET A 35 -16.37 24.05 -21.56
CA MET A 35 -14.94 24.29 -21.43
C MET A 35 -14.59 24.36 -19.94
N PRO A 36 -13.72 23.46 -19.44
CA PRO A 36 -13.37 23.51 -18.01
C PRO A 36 -12.18 24.43 -17.74
N GLN A 37 -12.07 24.90 -16.49
CA GLN A 37 -10.97 25.78 -16.07
C GLN A 37 -10.75 25.66 -14.57
N TYR A 38 -9.48 25.50 -14.15
CA TYR A 38 -9.15 25.44 -12.73
C TYR A 38 -9.11 26.89 -12.24
N ILE A 39 -10.07 27.28 -11.39
CA ILE A 39 -10.18 28.64 -10.88
C ILE A 39 -9.80 28.68 -9.40
N SER A 40 -8.84 29.55 -9.05
CA SER A 40 -8.38 29.74 -7.68
C SER A 40 -8.76 31.14 -7.20
N LEU A 41 -9.36 31.23 -6.01
CA LEU A 41 -9.80 32.49 -5.43
C LEU A 41 -9.24 32.73 -4.05
N SER A 42 -8.85 33.98 -3.78
CA SER A 42 -8.39 34.43 -2.47
C SER A 42 -9.66 34.82 -1.72
N GLY A 43 -9.69 34.55 -0.41
CA GLY A 43 -10.87 34.83 0.41
C GLY A 43 -10.85 36.12 1.20
N VAL A 44 -11.80 36.21 2.13
CA VAL A 44 -11.99 37.33 3.05
C VAL A 44 -11.95 36.72 4.45
N MET A 45 -10.93 37.10 5.23
CA MET A 45 -10.78 36.58 6.58
C MET A 45 -11.51 37.41 7.63
N THR A 46 -12.24 36.73 8.52
CA THR A 46 -13.04 37.31 9.60
C THR A 46 -12.70 36.57 10.90
N ASN A 47 -12.73 37.29 12.05
CA ASN A 47 -12.44 36.72 13.37
C ASN A 47 -13.50 37.12 14.39
N ASP A 51 -14.55 30.91 20.11
CA ASP A 51 -14.04 32.16 20.67
C ASP A 51 -13.05 32.85 19.71
N ASN A 52 -13.56 33.86 18.95
CA ASN A 52 -12.85 34.65 17.95
C ASN A 52 -12.30 33.76 16.79
N GLN A 53 -13.18 32.87 16.28
CA GLN A 53 -12.92 31.89 15.21
C GLN A 53 -12.60 32.50 13.84
N ALA A 54 -11.56 31.95 13.18
CA ALA A 54 -11.15 32.35 11.83
C ALA A 54 -12.12 31.81 10.78
N ILE A 55 -12.71 32.70 9.98
CA ILE A 55 -13.69 32.33 8.94
C ILE A 55 -13.26 32.91 7.60
N ALA A 56 -13.16 32.06 6.56
CA ALA A 56 -12.80 32.46 5.21
C ALA A 56 -14.03 32.38 4.31
N SER A 57 -14.35 33.49 3.63
CA SER A 57 -15.48 33.56 2.72
C SER A 57 -15.01 33.74 1.28
N PHE A 58 -15.50 32.87 0.38
CA PHE A 58 -15.16 32.88 -1.04
C PHE A 58 -16.43 33.05 -1.86
N GLU A 59 -16.52 34.16 -2.62
CA GLU A 59 -17.69 34.45 -3.47
C GLU A 59 -17.43 34.07 -4.92
N ILE A 60 -18.30 33.19 -5.44
CA ILE A 60 -18.24 32.70 -6.82
C ILE A 60 -19.44 33.26 -7.58
N ARG A 61 -19.18 34.20 -8.49
CA ARG A 61 -20.18 34.80 -9.38
C ARG A 61 -19.48 35.25 -10.65
N ASP A 62 -19.75 34.55 -11.73
CA ASP A 62 -19.16 34.82 -13.05
C ASP A 62 -20.13 34.31 -14.11
N GLN A 63 -20.32 35.09 -15.19
CA GLN A 63 -21.23 34.68 -16.28
C GLN A 63 -20.73 33.43 -17.00
N TYR A 64 -19.39 33.32 -17.18
CA TYR A 64 -18.74 32.18 -17.81
C TYR A 64 -18.96 30.92 -16.97
N ILE A 65 -18.67 30.94 -15.64
CA ILE A 65 -18.87 29.79 -14.75
C ILE A 65 -20.37 29.45 -14.64
N THR A 66 -20.74 28.35 -15.31
CA THR A 66 -22.09 27.79 -15.37
C THR A 66 -22.25 26.71 -14.28
N ALA A 67 -21.20 25.89 -14.07
CA ALA A 67 -21.17 24.82 -13.08
C ALA A 67 -19.79 24.69 -12.43
N LEU A 68 -19.73 24.03 -11.26
CA LEU A 68 -18.48 23.78 -10.54
C LEU A 68 -18.52 22.51 -9.69
N ASN A 69 -17.33 21.92 -9.47
CA ASN A 69 -17.10 20.75 -8.62
C ASN A 69 -15.62 20.68 -8.22
N HIS A 70 -15.24 19.66 -7.43
CA HIS A 70 -13.88 19.39 -6.94
C HIS A 70 -13.25 20.61 -6.26
N LEU A 71 -13.76 20.95 -5.07
CA LEU A 71 -13.26 22.06 -4.27
C LEU A 71 -11.98 21.62 -3.56
N VAL A 72 -10.90 22.40 -3.72
CA VAL A 72 -9.60 22.12 -3.09
C VAL A 72 -9.18 23.40 -2.36
N LEU A 73 -8.99 23.30 -1.03
CA LEU A 73 -8.56 24.44 -0.22
C LEU A 73 -7.06 24.37 0.00
N SER A 74 -6.37 25.44 -0.42
CA SER A 74 -4.92 25.58 -0.27
C SER A 74 -4.70 26.32 1.03
N LEU A 75 -3.61 25.98 1.74
CA LEU A 75 -3.24 26.63 3.00
C LEU A 75 -1.75 26.84 3.05
N GLU A 76 -1.34 28.10 3.29
CA GLU A 76 0.07 28.47 3.37
C GLU A 76 0.52 28.42 4.82
N LEU A 77 1.22 27.33 5.17
CA LEU A 77 1.76 27.14 6.50
C LEU A 77 3.05 27.97 6.59
N PRO A 78 3.15 28.87 7.60
CA PRO A 78 4.32 29.74 7.66
C PRO A 78 5.57 29.06 8.20
N GLU A 79 6.72 29.75 8.08
CA GLU A 79 8.00 29.31 8.61
C GLU A 79 7.87 29.38 10.13
N VAL A 80 8.26 28.31 10.82
CA VAL A 80 8.18 28.25 12.27
C VAL A 80 9.60 28.38 12.82
N LYS A 81 9.90 29.53 13.43
CA LYS A 81 11.22 29.83 14.01
C LYS A 81 11.15 29.98 15.51
N GLY A 82 12.22 29.58 16.19
CA GLY A 82 12.32 29.70 17.63
C GLY A 82 12.85 28.47 18.31
N MET A 83 12.65 28.42 19.62
CA MET A 83 13.11 27.32 20.47
C MET A 83 11.98 26.36 20.86
N GLY A 84 12.37 25.14 21.20
CA GLY A 84 11.44 24.10 21.63
C GLY A 84 11.08 23.10 20.56
N ARG A 85 10.28 22.10 20.95
CA ARG A 85 9.79 21.03 20.07
C ARG A 85 8.47 21.45 19.43
N PHE A 86 8.33 21.20 18.12
CA PHE A 86 7.14 21.55 17.36
C PHE A 86 6.94 20.61 16.16
N GLY A 87 5.68 20.32 15.85
CA GLY A 87 5.27 19.50 14.72
C GLY A 87 3.79 19.63 14.45
N TYR A 88 3.37 19.42 13.20
CA TYR A 88 1.96 19.49 12.83
C TYR A 88 1.32 18.10 12.95
N VAL A 89 0.00 18.04 13.21
CA VAL A 89 -0.78 16.79 13.31
C VAL A 89 -0.82 16.11 11.91
N PRO A 90 -0.93 14.76 11.78
CA PRO A 90 -1.00 14.16 10.44
C PRO A 90 -2.26 14.63 9.73
N TYR A 91 -2.17 14.85 8.40
CA TYR A 91 -3.27 15.34 7.56
C TYR A 91 -3.76 16.69 8.11
N VAL A 92 -2.79 17.58 8.42
CA VAL A 92 -2.92 18.90 9.03
C VAL A 92 -4.02 19.75 8.35
N GLY A 93 -4.09 19.71 7.03
CA GLY A 93 -5.06 20.45 6.23
C GLY A 93 -6.51 20.14 6.58
N TYR A 94 -6.82 18.85 6.79
CA TYR A 94 -8.18 18.41 7.15
C TYR A 94 -8.52 18.82 8.58
N LYS A 95 -7.53 18.70 9.49
CA LYS A 95 -7.65 19.05 10.91
C LYS A 95 -7.87 20.54 11.16
N CYS A 96 -7.47 21.41 10.19
N CYS A 96 -7.47 21.42 10.23
CA CYS A 96 -7.64 22.86 10.21
CA CYS A 96 -7.68 22.86 10.40
C CYS A 96 -9.11 23.23 10.11
C CYS A 96 -9.13 23.26 10.12
N ILE A 97 -9.86 22.45 9.32
CA ILE A 97 -11.28 22.66 9.02
C ILE A 97 -12.18 22.33 10.22
N ASN A 98 -13.08 23.26 10.59
CA ASN A 98 -14.08 23.06 11.64
C ASN A 98 -15.43 22.88 10.95
N HIS A 99 -15.68 23.65 9.88
CA HIS A 99 -16.93 23.62 9.11
C HIS A 99 -16.73 24.19 7.72
N VAL A 100 -17.50 23.65 6.74
CA VAL A 100 -17.52 24.12 5.35
C VAL A 100 -19.00 24.28 4.96
N SER A 101 -19.37 25.43 4.37
CA SER A 101 -20.75 25.64 3.93
C SER A 101 -20.84 26.31 2.55
N ILE A 102 -21.50 25.62 1.61
CA ILE A 102 -21.73 26.09 0.25
C ILE A 102 -23.15 26.62 0.24
N SER A 103 -23.29 27.95 0.12
CA SER A 103 -24.61 28.57 0.14
C SER A 103 -24.86 29.52 -1.04
N SER A 104 -26.14 29.77 -1.33
CA SER A 104 -26.59 30.69 -2.37
C SER A 104 -27.45 31.77 -1.69
N CYS A 105 -28.07 32.67 -2.50
CA CYS A 105 -28.95 33.74 -2.00
CA CYS A 105 -28.95 33.74 -2.00
C CYS A 105 -30.18 33.16 -1.29
N ASN A 106 -30.57 31.92 -1.67
CA ASN A 106 -31.71 31.18 -1.12
C ASN A 106 -31.35 30.40 0.16
N GLY A 107 -30.07 30.43 0.56
CA GLY A 107 -29.57 29.76 1.76
C GLY A 107 -28.54 28.68 1.50
N VAL A 108 -28.26 27.87 2.55
CA VAL A 108 -27.27 26.77 2.52
C VAL A 108 -27.72 25.66 1.56
N ILE A 109 -26.84 25.29 0.60
CA ILE A 109 -27.07 24.23 -0.39
C ILE A 109 -26.53 22.91 0.16
N TRP A 110 -25.33 22.97 0.77
CA TRP A 110 -24.64 21.82 1.36
C TRP A 110 -23.63 22.32 2.39
N GLU A 111 -23.49 21.58 3.50
CA GLU A 111 -22.55 21.90 4.57
C GLU A 111 -22.09 20.64 5.29
N ILE A 112 -20.85 20.68 5.82
CA ILE A 112 -20.24 19.57 6.52
C ILE A 112 -19.38 20.05 7.70
N GLU A 113 -19.30 19.23 8.75
CA GLU A 113 -18.43 19.50 9.90
C GLU A 113 -17.04 18.96 9.52
N GLY A 114 -16.00 19.63 9.98
CA GLY A 114 -14.61 19.29 9.71
C GLY A 114 -14.28 17.81 9.78
N GLU A 115 -14.68 17.15 10.90
CA GLU A 115 -14.45 15.73 11.13
C GLU A 115 -15.17 14.84 10.12
N GLU A 116 -16.38 15.24 9.71
CA GLU A 116 -17.15 14.46 8.75
C GLU A 116 -16.55 14.52 7.35
N LEU A 117 -15.97 15.67 6.96
CA LEU A 117 -15.29 15.82 5.68
C LEU A 117 -14.06 14.91 5.66
N TYR A 118 -13.31 14.87 6.77
CA TYR A 118 -12.13 14.03 6.97
C TYR A 118 -12.51 12.56 6.90
N ASN A 119 -13.62 12.17 7.57
CA ASN A 119 -14.14 10.81 7.59
C ASN A 119 -14.51 10.34 6.19
N ASN A 120 -15.08 11.25 5.37
CA ASN A 120 -15.47 10.97 4.00
C ASN A 120 -14.23 10.81 3.08
N CYS A 121 -13.07 11.34 3.51
CA CYS A 121 -11.82 11.28 2.75
C CYS A 121 -10.76 10.34 3.34
N ILE A 122 -11.08 9.63 4.46
CA ILE A 122 -10.15 8.73 5.16
C ILE A 122 -9.65 7.57 4.26
N ASN A 123 -10.47 7.16 3.28
CA ASN A 123 -10.13 6.08 2.34
C ASN A 123 -9.31 6.58 1.13
N ASN A 124 -9.27 7.91 0.93
CA ASN A 124 -8.54 8.56 -0.17
C ASN A 124 -7.12 8.90 0.27
N THR A 125 -6.17 8.02 -0.07
CA THR A 125 -4.74 8.17 0.28
C THR A 125 -4.14 9.45 -0.32
N ILE A 126 -4.49 9.77 -1.58
CA ILE A 126 -4.01 10.93 -2.31
C ILE A 126 -4.43 12.23 -1.61
N ALA A 127 -5.75 12.37 -1.31
CA ALA A 127 -6.32 13.54 -0.63
C ALA A 127 -5.70 13.74 0.75
N LEU A 128 -5.45 12.63 1.48
CA LEU A 128 -4.82 12.66 2.80
C LEU A 128 -3.35 13.10 2.72
N LYS A 129 -2.61 12.61 1.70
CA LYS A 129 -1.20 12.98 1.50
C LYS A 129 -1.07 14.47 1.17
N HIS A 130 -1.95 14.97 0.27
CA HIS A 130 -2.00 16.37 -0.16
C HIS A 130 -2.26 17.32 1.01
N SER A 131 -3.09 16.90 1.98
CA SER A 131 -3.45 17.72 3.14
C SER A 131 -2.31 17.90 4.14
N GLY A 132 -1.21 17.16 3.96
CA GLY A 132 -0.05 17.28 4.83
C GLY A 132 0.28 16.05 5.63
N TYR A 133 0.97 15.09 4.99
CA TYR A 133 1.44 13.88 5.63
C TYR A 133 2.84 13.55 5.15
N SER A 134 3.84 14.17 5.80
CA SER A 134 5.27 14.06 5.50
C SER A 134 6.12 14.08 6.76
N SER A 135 7.39 13.62 6.67
CA SER A 135 8.33 13.65 7.79
C SER A 135 8.71 15.11 8.06
N GLU A 136 8.66 15.95 6.99
CA GLU A 136 8.96 17.38 7.05
C GLU A 136 7.94 18.10 7.94
N LEU A 137 6.64 17.74 7.83
CA LEU A 137 5.57 18.37 8.59
C LEU A 137 5.20 17.71 9.91
N ASN A 138 5.09 16.37 9.94
CA ASN A 138 4.57 15.62 11.07
C ASN A 138 5.59 15.12 12.09
N ASP A 139 6.88 15.01 11.75
CA ASP A 139 7.88 14.61 12.76
C ASP A 139 8.09 15.79 13.71
N ILE A 140 8.34 15.51 14.99
CA ILE A 140 8.52 16.59 15.96
C ILE A 140 9.94 17.17 15.87
N SER A 141 10.05 18.40 15.33
CA SER A 141 11.34 19.08 15.13
C SER A 141 11.70 19.94 16.33
N ILE A 142 13.02 20.03 16.65
CA ILE A 142 13.51 20.80 17.80
C ILE A 142 14.30 22.04 17.34
N GLY A 143 13.95 23.18 17.92
CA GLY A 143 14.60 24.47 17.71
C GLY A 143 15.57 24.76 18.83
N LEU A 144 16.86 24.99 18.49
CA LEU A 144 17.91 25.20 19.47
C LEU A 144 18.17 26.67 19.83
N THR A 145 18.16 27.56 18.84
CA THR A 145 18.38 29.01 19.05
C THR A 145 17.08 29.80 18.78
N PRO A 146 16.89 31.02 19.32
CA PRO A 146 15.64 31.76 19.07
C PRO A 146 15.35 32.10 17.60
N ASN A 147 16.37 31.95 16.72
CA ASN A 147 16.25 32.20 15.28
C ASN A 147 16.41 30.93 14.44
N ASP A 148 16.48 29.75 15.10
CA ASP A 148 16.59 28.45 14.44
C ASP A 148 15.26 28.10 13.79
N THR A 149 15.30 27.58 12.55
CA THR A 149 14.10 27.19 11.83
C THR A 149 13.68 25.79 12.26
N ILE A 150 12.48 25.68 12.85
CA ILE A 150 11.89 24.42 13.29
C ILE A 150 11.22 23.77 12.07
N LYS A 151 10.31 24.51 11.41
CA LYS A 151 9.57 24.09 10.23
C LYS A 151 9.71 25.10 9.11
N GLU A 152 10.03 24.62 7.90
CA GLU A 152 10.15 25.46 6.71
C GLU A 152 8.74 25.72 6.20
N PRO A 153 8.44 26.87 5.53
CA PRO A 153 7.07 27.10 5.04
C PRO A 153 6.64 26.04 4.01
N SER A 154 5.35 25.69 4.02
CA SER A 154 4.81 24.69 3.11
C SER A 154 3.38 25.01 2.73
N THR A 155 2.90 24.44 1.61
CA THR A 155 1.54 24.61 1.12
C THR A 155 0.84 23.26 1.17
N VAL A 156 -0.31 23.19 1.85
CA VAL A 156 -1.09 21.96 1.95
C VAL A 156 -2.38 22.11 1.17
N TYR A 157 -2.86 21.02 0.55
CA TYR A 157 -4.07 21.03 -0.27
C TYR A 157 -5.13 20.10 0.31
N VAL A 158 -6.28 20.67 0.70
CA VAL A 158 -7.40 19.97 1.32
C VAL A 158 -8.54 19.76 0.33
N TYR A 159 -8.75 18.51 -0.09
CA TYR A 159 -9.83 18.20 -1.02
C TYR A 159 -11.16 18.15 -0.29
N ILE A 160 -11.99 19.19 -0.51
CA ILE A 160 -13.32 19.29 0.07
C ILE A 160 -14.26 18.47 -0.82
N LYS A 161 -14.37 17.17 -0.53
CA LYS A 161 -15.23 16.22 -1.25
C LYS A 161 -16.68 16.62 -1.00
N THR A 162 -17.42 16.86 -2.10
CA THR A 162 -18.84 17.26 -2.07
C THR A 162 -19.66 16.27 -2.91
N PRO A 163 -21.01 16.20 -2.78
CA PRO A 163 -21.78 15.27 -3.64
C PRO A 163 -21.76 15.66 -5.13
N PHE A 164 -21.22 16.85 -5.45
CA PHE A 164 -21.12 17.35 -6.82
C PHE A 164 -19.99 16.69 -7.62
N ASP A 165 -19.14 15.89 -6.95
CA ASP A 165 -17.99 15.22 -7.57
C ASP A 165 -18.28 13.76 -7.94
N VAL A 166 -19.31 13.15 -7.30
CA VAL A 166 -19.74 11.75 -7.46
C VAL A 166 -19.74 11.30 -8.93
N GLU A 167 -20.46 12.02 -9.81
CA GLU A 167 -20.53 11.68 -11.23
C GLU A 167 -20.02 12.81 -12.14
N ASP A 168 -18.88 13.41 -11.74
CA ASP A 168 -18.15 14.48 -12.43
C ASP A 168 -19.07 15.62 -12.93
N THR A 169 -19.18 15.81 -14.26
CA THR A 169 -20.00 16.87 -14.89
C THR A 169 -21.48 16.71 -14.62
N PHE A 170 -21.97 15.45 -14.54
CA PHE A 170 -23.39 15.13 -14.30
C PHE A 170 -23.86 15.57 -12.92
N SER A 171 -22.99 15.45 -11.90
CA SER A 171 -23.29 15.78 -10.51
C SER A 171 -22.94 17.21 -10.09
N SER A 172 -22.17 17.94 -10.93
CA SER A 172 -21.68 19.30 -10.69
C SER A 172 -22.75 20.29 -10.20
N LEU A 173 -22.33 21.24 -9.33
CA LEU A 173 -23.21 22.28 -8.80
C LEU A 173 -23.41 23.33 -9.89
N LYS A 174 -24.65 23.46 -10.39
CA LYS A 174 -24.99 24.43 -11.42
C LYS A 174 -25.31 25.80 -10.78
N LEU A 175 -24.87 26.90 -11.40
CA LEU A 175 -25.07 28.28 -10.94
C LEU A 175 -26.05 29.01 -11.91
N SER A 176 -27.33 29.11 -11.51
CA SER A 176 -28.40 29.75 -12.28
C SER A 176 -28.29 31.29 -12.16
N ASP A 177 -27.17 31.86 -12.69
CA ASP A 177 -26.82 33.30 -12.61
C ASP A 177 -26.87 33.80 -11.13
N SER A 178 -26.63 32.85 -10.20
CA SER A 178 -26.66 33.04 -8.75
C SER A 178 -25.27 33.06 -8.12
N LYS A 179 -25.14 33.78 -7.01
CA LYS A 179 -23.90 33.95 -6.26
C LYS A 179 -23.76 32.79 -5.27
N ILE A 180 -22.67 32.03 -5.42
CA ILE A 180 -22.36 30.90 -4.55
C ILE A 180 -21.26 31.33 -3.59
N THR A 181 -21.52 31.21 -2.28
CA THR A 181 -20.56 31.55 -1.22
C THR A 181 -20.06 30.28 -0.53
N VAL A 182 -18.73 30.09 -0.54
CA VAL A 182 -18.08 28.97 0.14
C VAL A 182 -17.47 29.56 1.40
N THR A 183 -17.97 29.13 2.57
CA THR A 183 -17.56 29.61 3.88
C THR A 183 -16.82 28.50 4.64
N VAL A 184 -15.54 28.76 4.97
CA VAL A 184 -14.69 27.81 5.70
C VAL A 184 -14.36 28.35 7.10
N THR A 185 -14.84 27.64 8.13
CA THR A 185 -14.60 27.96 9.54
C THR A 185 -13.38 27.14 9.98
N PHE A 186 -12.39 27.81 10.59
CA PHE A 186 -11.17 27.15 11.01
C PHE A 186 -11.08 26.89 12.51
N ASN A 187 -10.58 25.70 12.86
CA ASN A 187 -10.31 25.28 14.24
C ASN A 187 -9.09 26.08 14.73
N PRO A 188 -8.93 26.32 16.06
CA PRO A 188 -7.74 27.07 16.52
C PRO A 188 -6.45 26.34 16.16
N VAL A 189 -5.36 27.09 15.91
CA VAL A 189 -4.05 26.52 15.54
C VAL A 189 -3.53 25.53 16.61
N SER A 190 -4.05 25.63 17.85
CA SER A 190 -3.71 24.73 18.95
C SER A 190 -4.01 23.26 18.58
N ASP A 191 -5.15 23.03 17.89
CA ASP A 191 -5.60 21.71 17.45
C ASP A 191 -4.64 21.03 16.47
N ILE A 192 -4.10 21.79 15.49
CA ILE A 192 -3.24 21.27 14.43
C ILE A 192 -1.75 21.19 14.80
N VAL A 193 -1.40 21.61 16.02
CA VAL A 193 0.00 21.67 16.45
C VAL A 193 0.29 20.78 17.67
N ILE A 194 1.44 20.07 17.61
CA ILE A 194 1.98 19.23 18.67
C ILE A 194 3.28 19.93 19.10
N ARG A 195 3.32 20.42 20.36
N ARG A 195 3.32 20.43 20.36
CA ARG A 195 4.44 21.18 20.90
CA ARG A 195 4.45 21.18 20.90
C ARG A 195 4.73 20.88 22.38
C ARG A 195 4.73 20.89 22.38
N ASP A 196 5.94 21.22 22.85
CA ASP A 196 6.35 21.04 24.24
C ASP A 196 6.17 22.35 25.03
N SER A 197 6.58 22.38 26.32
CA SER A 197 6.46 23.59 27.15
C SER A 197 7.48 24.67 26.73
N SER A 198 8.66 24.24 26.24
CA SER A 198 9.76 25.08 25.77
C SER A 198 9.38 25.94 24.57
N PHE A 199 8.45 25.46 23.73
CA PHE A 199 7.98 26.20 22.55
C PHE A 199 7.11 27.39 22.97
N ASP A 200 7.40 28.57 22.40
CA ASP A 200 6.66 29.79 22.70
C ASP A 200 5.35 29.79 21.92
N PHE A 201 4.36 29.02 22.40
CA PHE A 201 3.06 28.92 21.76
C PHE A 201 2.25 30.21 21.82
N GLU A 202 2.35 30.95 22.94
CA GLU A 202 1.65 32.22 23.17
C GLU A 202 1.91 33.20 22.02
N THR A 203 3.19 33.35 21.62
CA THR A 203 3.60 34.22 20.53
C THR A 203 3.14 33.64 19.19
N PHE A 204 3.30 32.29 19.01
CA PHE A 204 2.90 31.58 17.80
C PHE A 204 1.42 31.74 17.50
N ASN A 205 0.56 31.54 18.51
CA ASN A 205 -0.90 31.66 18.39
C ASN A 205 -1.32 33.08 17.98
N LYS A 206 -0.58 34.10 18.44
CA LYS A 206 -0.81 35.52 18.11
C LYS A 206 -0.37 35.80 16.67
N GLU A 207 0.84 35.35 16.31
CA GLU A 207 1.46 35.54 14.99
C GLU A 207 0.85 34.70 13.85
N PHE A 208 0.29 33.50 14.17
CA PHE A 208 -0.29 32.61 13.16
C PHE A 208 -1.59 33.16 12.60
N VAL A 209 -1.72 33.06 11.27
CA VAL A 209 -2.88 33.44 10.49
C VAL A 209 -3.12 32.43 9.39
N TYR A 210 -4.37 31.97 9.24
CA TYR A 210 -4.75 31.04 8.19
C TYR A 210 -4.73 31.78 6.86
N VAL A 211 -3.94 31.28 5.88
CA VAL A 211 -3.79 31.86 4.55
C VAL A 211 -4.49 30.92 3.55
N PRO A 212 -5.83 30.98 3.41
CA PRO A 212 -6.50 30.04 2.51
C PRO A 212 -6.72 30.55 1.10
N GLU A 213 -6.90 29.60 0.17
CA GLU A 213 -7.18 29.86 -1.23
C GLU A 213 -8.07 28.73 -1.74
N LEU A 214 -9.27 29.06 -2.24
CA LEU A 214 -10.19 28.04 -2.74
C LEU A 214 -10.07 27.85 -4.24
N SER A 215 -9.73 26.61 -4.64
CA SER A 215 -9.64 26.21 -6.04
C SER A 215 -10.83 25.30 -6.33
N PHE A 216 -11.31 25.31 -7.57
CA PHE A 216 -12.43 24.48 -8.02
C PHE A 216 -12.40 24.31 -9.54
N ILE A 217 -13.04 23.27 -10.04
CA ILE A 217 -13.11 23.07 -11.49
C ILE A 217 -14.38 23.75 -11.97
N GLY A 218 -14.22 24.89 -12.63
CA GLY A 218 -15.32 25.65 -13.20
C GLY A 218 -15.60 25.15 -14.60
N TYR A 219 -16.88 25.20 -15.02
CA TYR A 219 -17.29 24.76 -16.34
C TYR A 219 -18.12 25.85 -17.03
N MET A 220 -17.67 26.32 -18.21
CA MET A 220 -18.43 27.29 -19.01
C MET A 220 -19.25 26.48 -19.98
N VAL A 221 -20.57 26.40 -19.76
CA VAL A 221 -21.46 25.56 -20.56
C VAL A 221 -22.32 26.37 -21.53
N LYS A 222 -22.18 26.07 -22.84
CA LYS A 222 -22.98 26.69 -23.90
C LYS A 222 -24.33 25.97 -23.95
N ASN A 223 -25.42 26.73 -23.76
CA ASN A 223 -26.81 26.28 -23.75
C ASN A 223 -27.04 25.11 -22.79
N VAL A 224 -26.85 25.36 -21.50
CA VAL A 224 -27.02 24.37 -20.43
C VAL A 224 -28.51 24.00 -20.28
N GLN A 225 -28.77 22.70 -20.07
CA GLN A 225 -30.12 22.16 -19.88
C GLN A 225 -30.17 21.58 -18.47
N ILE A 226 -30.48 22.45 -17.49
CA ILE A 226 -30.51 22.09 -16.07
C ILE A 226 -31.77 21.28 -15.71
N LYS A 227 -31.57 20.15 -15.02
CA LYS A 227 -32.60 19.26 -14.51
C LYS A 227 -32.45 19.17 -12.97
N PRO A 228 -33.54 18.94 -12.18
CA PRO A 228 -33.36 18.87 -10.72
C PRO A 228 -32.60 17.62 -10.27
N SER A 229 -31.87 17.73 -9.16
CA SER A 229 -31.08 16.63 -8.62
C SER A 229 -31.36 16.42 -7.12
N PHE A 230 -30.76 15.36 -6.55
CA PHE A 230 -30.88 15.02 -5.13
C PHE A 230 -29.52 15.11 -4.47
N ILE A 231 -29.51 15.48 -3.18
CA ILE A 231 -28.27 15.65 -2.41
C ILE A 231 -28.41 15.09 -0.98
N GLU A 232 -27.36 14.42 -0.50
CA GLU A 232 -27.31 13.88 0.86
C GLU A 232 -26.53 14.88 1.71
N LYS A 233 -27.22 15.50 2.68
CA LYS A 233 -26.61 16.49 3.55
C LYS A 233 -26.36 15.86 4.94
N PRO A 234 -25.11 15.88 5.45
CA PRO A 234 -24.87 15.26 6.76
C PRO A 234 -25.25 16.18 7.93
N ARG A 235 -25.61 15.55 9.05
CA ARG A 235 -26.02 16.17 10.31
C ARG A 235 -25.36 15.40 11.42
N ARG A 236 -24.77 16.11 12.35
CA ARG A 236 -24.06 15.48 13.45
C ARG A 236 -24.71 15.86 14.77
N VAL A 237 -24.77 14.90 15.69
CA VAL A 237 -25.27 15.12 17.04
C VAL A 237 -24.22 14.53 17.98
N ILE A 238 -23.69 15.36 18.88
CA ILE A 238 -22.70 14.92 19.87
C ILE A 238 -23.46 14.84 21.19
N GLY A 239 -23.51 13.64 21.76
CA GLY A 239 -24.17 13.39 23.02
C GLY A 239 -23.47 14.05 24.20
N GLN A 240 -24.15 14.06 25.36
CA GLN A 240 -23.61 14.62 26.58
C GLN A 240 -22.42 13.74 26.98
N ILE A 241 -21.44 14.36 27.63
CA ILE A 241 -20.20 13.73 28.07
C ILE A 241 -20.46 12.44 28.88
N ASN A 242 -19.91 11.30 28.41
CA ASN A 242 -20.02 9.93 28.96
C ASN A 242 -21.43 9.31 28.84
N GLN A 243 -22.42 10.06 28.34
CA GLN A 243 -23.80 9.59 28.20
C GLN A 243 -23.92 8.60 27.03
N PRO A 244 -24.43 7.36 27.28
CA PRO A 244 -24.50 6.37 26.19
C PRO A 244 -25.73 6.51 25.27
N THR A 245 -26.27 7.74 25.14
CA THR A 245 -27.43 8.05 24.30
C THR A 245 -27.29 9.37 23.57
N ALA A 246 -27.88 9.44 22.35
CA ALA A 246 -27.93 10.61 21.48
C ALA A 246 -29.13 10.44 20.57
N THR A 247 -29.85 11.54 20.30
CA THR A 247 -31.03 11.53 19.44
C THR A 247 -30.94 12.57 18.34
N VAL A 248 -31.25 12.15 17.11
CA VAL A 248 -31.28 13.02 15.93
C VAL A 248 -32.77 13.21 15.64
N THR A 249 -33.25 14.46 15.78
CA THR A 249 -34.67 14.79 15.58
C THR A 249 -35.00 15.05 14.12
N GLU A 250 -36.30 15.08 13.81
CA GLU A 250 -36.82 15.37 12.47
C GLU A 250 -36.14 14.52 11.35
N VAL A 251 -36.12 13.19 11.52
CA VAL A 251 -35.57 12.27 10.53
C VAL A 251 -36.75 11.84 9.66
N HIS A 252 -36.81 12.37 8.44
CA HIS A 252 -37.93 12.06 7.54
C HIS A 252 -37.52 11.17 6.35
N ALA A 253 -36.33 11.42 5.76
CA ALA A 253 -35.80 10.65 4.63
C ALA A 253 -34.27 10.56 4.72
N ALA A 254 -33.74 9.58 5.48
CA ALA A 254 -32.29 9.44 5.65
C ALA A 254 -31.69 8.28 4.88
N THR A 255 -30.51 8.52 4.27
CA THR A 255 -29.80 7.54 3.47
C THR A 255 -28.87 6.65 4.30
N SER A 256 -28.36 7.16 5.43
CA SER A 256 -27.47 6.44 6.33
C SER A 256 -27.43 7.04 7.72
N LEU A 257 -26.91 6.27 8.69
CA LEU A 257 -26.71 6.69 10.07
C LEU A 257 -25.42 6.06 10.62
N SER A 258 -24.43 6.90 10.97
CA SER A 258 -23.15 6.46 11.51
C SER A 258 -23.07 6.75 12.99
N VAL A 259 -22.50 5.80 13.75
CA VAL A 259 -22.33 5.92 15.21
C VAL A 259 -20.88 5.62 15.57
N TYR A 260 -20.25 6.55 16.32
CA TYR A 260 -18.90 6.39 16.84
C TYR A 260 -18.71 7.15 18.15
N THR A 261 -17.57 6.90 18.82
CA THR A 261 -17.18 7.48 20.10
C THR A 261 -15.92 8.31 19.94
N LYS A 262 -15.84 9.40 20.71
CA LYS A 262 -14.71 10.32 20.72
C LYS A 262 -14.22 10.54 22.15
N PRO A 263 -12.91 10.76 22.39
CA PRO A 263 -12.49 11.08 23.75
C PRO A 263 -12.57 12.58 24.03
N TYR A 264 -12.79 12.95 25.29
CA TYR A 264 -12.84 14.34 25.73
C TYR A 264 -11.71 14.55 26.74
N TYR A 265 -10.81 15.48 26.43
CA TYR A 265 -9.64 15.75 27.27
C TYR A 265 -9.68 17.11 28.00
N GLY A 266 -10.89 17.58 28.32
CA GLY A 266 -11.10 18.84 29.03
C GLY A 266 -10.61 18.80 30.46
N ASN A 267 -10.73 17.63 31.12
CA ASN A 267 -10.30 17.38 32.50
C ASN A 267 -8.76 17.24 32.62
N THR A 268 -8.03 17.40 31.49
CA THR A 268 -6.56 17.30 31.41
C THR A 268 -5.96 18.57 30.78
N ASP A 269 -4.61 18.66 30.79
CA ASP A 269 -3.87 19.78 30.18
C ASP A 269 -3.49 19.47 28.72
N ASN A 270 -3.99 18.31 28.20
CA ASN A 270 -3.77 17.76 26.85
C ASN A 270 -2.30 17.39 26.60
N LYS A 271 -1.52 17.20 27.68
CA LYS A 271 -0.11 16.82 27.60
C LYS A 271 0.02 15.29 27.63
N PHE A 272 0.92 14.76 26.80
CA PHE A 272 1.19 13.33 26.67
C PHE A 272 2.70 13.09 26.73
N ILE A 273 3.12 11.98 27.35
CA ILE A 273 4.54 11.62 27.51
C ILE A 273 5.26 11.51 26.15
N SER A 274 4.69 10.77 25.20
CA SER A 274 5.31 10.54 23.89
C SER A 274 4.39 10.70 22.70
N TYR A 275 5.02 10.90 21.52
CA TYR A 275 4.39 10.99 20.21
C TYR A 275 5.36 10.45 19.14
N PRO A 276 4.90 9.55 18.22
CA PRO A 276 5.83 8.95 17.26
C PRO A 276 6.21 9.77 16.03
N GLY A 277 5.57 10.93 15.86
CA GLY A 277 5.82 11.81 14.73
C GLY A 277 5.08 11.37 13.49
N TYR A 278 5.81 11.32 12.35
CA TYR A 278 5.28 10.92 11.05
C TYR A 278 4.84 9.45 11.00
N SER A 279 5.64 8.55 11.62
CA SER A 279 5.37 7.12 11.69
C SER A 279 4.13 6.92 12.57
N GLN A 280 2.99 6.57 11.95
CA GLN A 280 1.70 6.49 12.62
C GLN A 280 1.16 5.08 12.96
N ASP A 281 1.96 4.01 12.79
CA ASP A 281 1.47 2.66 13.12
C ASP A 281 1.36 2.45 14.63
N GLU A 282 0.52 1.47 15.05
CA GLU A 282 0.33 1.13 16.46
C GLU A 282 1.68 0.84 17.11
N LYS A 283 2.53 0.04 16.43
CA LYS A 283 3.89 -0.31 16.89
C LYS A 283 4.74 0.95 17.05
N ASP A 284 4.60 1.93 16.10
CA ASP A 284 5.35 3.19 16.14
C ASP A 284 5.00 4.02 17.37
N TYR A 285 3.70 4.06 17.74
CA TYR A 285 3.20 4.75 18.93
C TYR A 285 3.78 4.12 20.18
N ILE A 286 3.74 2.77 20.25
CA ILE A 286 4.26 1.96 21.36
C ILE A 286 5.78 2.15 21.52
N ASP A 287 6.55 2.02 20.43
CA ASP A 287 8.01 2.17 20.44
C ASP A 287 8.45 3.54 20.91
N ALA A 288 7.74 4.61 20.49
CA ALA A 288 8.03 5.98 20.88
C ALA A 288 7.87 6.17 22.40
N TYR A 289 6.88 5.49 23.00
CA TYR A 289 6.59 5.51 24.42
C TYR A 289 7.68 4.80 25.21
N VAL A 290 8.03 3.56 24.80
CA VAL A 290 9.06 2.72 25.41
C VAL A 290 10.40 3.48 25.41
N SER A 291 10.75 4.11 24.26
CA SER A 291 11.96 4.89 24.09
C SER A 291 12.06 6.05 25.07
N ARG A 292 10.93 6.74 25.34
CA ARG A 292 10.87 7.87 26.26
C ARG A 292 11.02 7.43 27.71
N LEU A 293 10.39 6.29 28.08
CA LEU A 293 10.43 5.72 29.43
C LEU A 293 11.79 5.13 29.80
N LEU A 294 12.47 4.48 28.83
CA LEU A 294 13.76 3.81 29.02
C LEU A 294 14.85 4.70 29.60
N ASP A 295 14.80 6.01 29.33
CA ASP A 295 15.78 6.98 29.82
C ASP A 295 15.84 7.03 31.36
N ASP A 296 14.68 6.84 32.03
CA ASP A 296 14.56 6.82 33.48
C ASP A 296 14.36 5.39 34.04
N LEU A 297 13.90 4.45 33.19
CA LEU A 297 13.62 3.07 33.60
C LEU A 297 14.87 2.31 34.03
N VAL A 298 15.95 2.37 33.23
CA VAL A 298 17.22 1.69 33.54
C VAL A 298 18.33 2.74 33.60
N ILE A 299 18.90 2.94 34.81
CA ILE A 299 19.94 3.95 35.06
C ILE A 299 21.28 3.31 35.45
N VAL A 300 22.36 3.75 34.80
CA VAL A 300 23.72 3.31 35.10
C VAL A 300 24.35 4.49 35.86
N SER A 301 24.54 4.34 37.17
CA SER A 301 25.04 5.42 38.02
C SER A 301 26.08 4.98 39.05
N ASP A 302 26.91 5.94 39.51
CA ASP A 302 27.92 5.73 40.55
C ASP A 302 27.17 6.02 41.85
N GLY A 303 26.65 4.95 42.46
CA GLY A 303 25.82 5.02 43.66
C GLY A 303 24.37 5.24 43.31
N PRO A 304 23.44 5.32 44.31
CA PRO A 304 22.01 5.52 43.98
C PRO A 304 21.72 6.74 43.10
N PRO A 305 20.88 6.59 42.04
CA PRO A 305 20.61 7.74 41.14
C PRO A 305 19.94 8.92 41.81
N THR A 306 20.28 10.12 41.34
CA THR A 306 19.78 11.40 41.84
C THR A 306 19.03 12.14 40.73
N GLY A 307 18.15 13.06 41.13
CA GLY A 307 17.36 13.87 40.20
C GLY A 307 15.95 13.34 39.98
N TYR A 308 15.52 12.42 40.86
CA TYR A 308 14.20 11.79 40.83
C TYR A 308 13.42 12.15 42.10
N PRO A 309 12.06 12.13 42.08
CA PRO A 309 11.31 12.45 43.31
C PRO A 309 11.59 11.49 44.48
N GLU A 310 11.28 11.91 45.71
CA GLU A 310 11.46 11.06 46.90
C GLU A 310 10.60 9.81 46.81
N SER A 311 9.43 9.96 46.16
CA SER A 311 8.43 8.91 45.91
C SER A 311 8.95 7.76 45.04
N ALA A 312 10.00 8.01 44.23
CA ALA A 312 10.61 7.02 43.34
C ALA A 312 11.35 5.93 44.11
N GLU A 313 11.14 4.67 43.72
CA GLU A 313 11.77 3.51 44.33
C GLU A 313 12.74 2.86 43.33
N ILE A 314 13.95 3.47 43.21
CA ILE A 314 14.99 2.97 42.30
C ILE A 314 15.83 1.92 43.02
N VAL A 315 15.76 0.68 42.53
CA VAL A 315 16.40 -0.51 43.09
C VAL A 315 17.61 -0.92 42.25
N GLU A 316 18.73 -1.30 42.92
CA GLU A 316 19.95 -1.79 42.28
C GLU A 316 19.69 -3.20 41.76
N VAL A 317 20.04 -3.46 40.48
CA VAL A 317 19.84 -4.77 39.85
C VAL A 317 20.82 -5.79 40.45
N PRO A 318 20.33 -6.93 40.98
CA PRO A 318 21.25 -7.93 41.56
C PRO A 318 22.09 -8.66 40.51
N GLU A 319 23.14 -9.40 40.95
CA GLU A 319 24.06 -10.18 40.09
C GLU A 319 23.28 -11.15 39.18
N ASP A 320 22.16 -11.65 39.73
CA ASP A 320 21.15 -12.53 39.16
C ASP A 320 20.51 -11.93 37.90
N GLY A 321 20.42 -10.58 37.85
CA GLY A 321 19.83 -9.83 36.75
C GLY A 321 18.35 -9.54 36.89
N ILE A 322 17.65 -10.32 37.74
CA ILE A 322 16.20 -10.22 38.00
C ILE A 322 15.86 -9.32 39.20
N VAL A 323 14.99 -8.34 38.98
CA VAL A 323 14.46 -7.41 39.98
C VAL A 323 12.97 -7.77 40.10
N SER A 324 12.50 -8.05 41.32
CA SER A 324 11.11 -8.44 41.55
C SER A 324 10.23 -7.30 42.06
N ILE A 325 9.37 -6.77 41.19
CA ILE A 325 8.39 -5.73 41.52
C ILE A 325 7.12 -6.52 41.76
N GLN A 326 6.84 -6.86 43.04
CA GLN A 326 5.71 -7.70 43.47
C GLN A 326 5.78 -9.05 42.73
N ASP A 327 4.72 -9.42 41.98
CA ASP A 327 4.65 -10.67 41.21
C ASP A 327 5.45 -10.59 39.90
N ALA A 328 5.68 -9.36 39.38
CA ALA A 328 6.39 -9.09 38.13
C ALA A 328 7.92 -9.11 38.26
N ASP A 329 8.58 -9.91 37.40
CA ASP A 329 10.04 -10.05 37.36
C ASP A 329 10.61 -9.33 36.15
N VAL A 330 11.60 -8.45 36.38
CA VAL A 330 12.24 -7.67 35.32
C VAL A 330 13.71 -8.08 35.21
N TYR A 331 14.12 -8.60 34.05
CA TYR A 331 15.49 -9.02 33.78
C TYR A 331 16.23 -7.85 33.14
N VAL A 332 17.23 -7.30 33.84
CA VAL A 332 18.03 -6.18 33.36
C VAL A 332 19.51 -6.56 33.34
N LYS A 333 20.13 -6.55 32.15
CA LYS A 333 21.55 -6.85 31.96
C LYS A 333 22.18 -5.91 30.93
N ILE A 334 23.00 -4.95 31.41
CA ILE A 334 23.69 -3.96 30.57
C ILE A 334 25.19 -4.29 30.48
N ASP A 335 25.74 -4.31 29.26
CA ASP A 335 27.16 -4.57 29.00
C ASP A 335 28.00 -3.30 29.15
N ASN A 336 29.34 -3.47 29.26
CA ASN A 336 30.37 -2.44 29.38
C ASN A 336 30.05 -1.38 30.46
N VAL A 337 29.53 -1.83 31.61
CA VAL A 337 29.22 -0.95 32.74
C VAL A 337 30.53 -0.73 33.51
N PRO A 338 30.93 0.54 33.78
CA PRO A 338 32.18 0.79 34.52
C PRO A 338 32.20 0.14 35.91
N ASP A 339 33.41 -0.15 36.40
CA ASP A 339 33.65 -0.79 37.71
C ASP A 339 33.11 0.03 38.90
N ASN A 340 33.15 1.38 38.78
CA ASN A 340 32.67 2.30 39.80
C ASN A 340 31.14 2.47 39.80
N MET A 341 30.49 2.10 38.68
CA MET A 341 29.04 2.24 38.50
C MET A 341 28.27 0.93 38.62
N SER A 342 26.96 1.06 38.90
CA SER A 342 26.02 -0.06 39.04
C SER A 342 24.78 0.15 38.17
N VAL A 343 24.04 -0.94 37.88
CA VAL A 343 22.81 -0.91 37.10
C VAL A 343 21.61 -0.79 38.05
N TYR A 344 20.77 0.21 37.81
CA TYR A 344 19.58 0.52 38.60
C TYR A 344 18.31 0.47 37.76
N LEU A 345 17.20 0.02 38.37
CA LEU A 345 15.88 -0.04 37.74
C LEU A 345 14.88 0.81 38.52
N HIS A 346 14.08 1.63 37.80
CA HIS A 346 13.04 2.45 38.40
C HIS A 346 11.79 1.55 38.51
N THR A 347 11.53 1.00 39.71
CA THR A 347 10.45 0.03 39.95
C THR A 347 9.01 0.61 40.03
N ASN A 348 8.85 1.95 39.89
CA ASN A 348 7.55 2.63 39.93
C ASN A 348 7.56 3.93 39.10
N LEU A 349 8.07 3.85 37.84
CA LEU A 349 8.18 4.99 36.93
C LEU A 349 6.87 5.78 36.81
N LEU A 350 5.76 5.05 36.62
CA LEU A 350 4.41 5.60 36.55
C LEU A 350 3.51 4.62 37.27
N MET A 351 2.81 5.09 38.31
CA MET A 351 1.93 4.24 39.08
C MET A 351 0.59 4.92 39.38
N PHE A 352 -0.49 4.12 39.38
CA PHE A 352 -1.85 4.58 39.66
C PHE A 352 -2.59 3.60 40.55
N GLY A 353 -3.34 4.16 41.50
CA GLY A 353 -4.16 3.42 42.45
C GLY A 353 -5.16 4.33 43.13
N THR A 354 -6.35 3.81 43.45
CA THR A 354 -7.38 4.61 44.12
C THR A 354 -7.37 4.39 45.63
N ARG A 355 -6.79 3.25 46.10
CA ARG A 355 -6.64 2.95 47.52
C ARG A 355 -5.18 2.66 47.88
N LYS A 356 -4.74 3.08 49.08
CA LYS A 356 -3.37 2.99 49.58
C LYS A 356 -2.79 1.57 49.63
N ASN A 357 -3.62 0.52 49.85
CA ASN A 357 -3.08 -0.83 49.89
C ASN A 357 -3.87 -1.80 49.00
N SER A 358 -4.19 -1.33 47.78
CA SER A 358 -4.95 -2.12 46.79
C SER A 358 -4.13 -2.39 45.52
N PHE A 359 -4.82 -2.68 44.39
CA PHE A 359 -4.23 -2.94 43.07
CA PHE A 359 -4.24 -2.94 43.08
C PHE A 359 -3.54 -1.68 42.58
N ILE A 360 -2.38 -1.85 41.93
CA ILE A 360 -1.59 -0.76 41.38
C ILE A 360 -1.44 -0.99 39.87
N TYR A 361 -1.50 0.11 39.09
CA TYR A 361 -1.21 0.06 37.68
C TYR A 361 0.18 0.68 37.56
N ASN A 362 1.21 -0.18 37.65
CA ASN A 362 2.60 0.23 37.58
C ASN A 362 3.14 -0.03 36.17
N ILE A 363 3.72 1.00 35.52
CA ILE A 363 4.25 0.88 34.16
C ILE A 363 5.55 0.07 34.11
N SER A 364 6.32 0.07 35.23
CA SER A 364 7.58 -0.67 35.32
C SER A 364 7.32 -2.16 35.28
N LYS A 365 6.15 -2.59 35.81
CA LYS A 365 5.70 -3.99 35.84
C LYS A 365 5.38 -4.50 34.44
N LYS A 366 5.12 -3.56 33.49
CA LYS A 366 4.81 -3.85 32.09
C LYS A 366 6.07 -4.19 31.25
N PHE A 367 7.25 -4.29 31.91
CA PHE A 367 8.54 -4.65 31.30
C PHE A 367 9.01 -5.99 31.87
N SER A 368 9.57 -6.86 31.03
CA SER A 368 10.04 -8.18 31.46
C SER A 368 11.53 -8.39 31.24
N ALA A 369 12.11 -7.76 30.21
CA ALA A 369 13.54 -7.85 29.90
C ALA A 369 14.05 -6.59 29.21
N ILE A 370 15.20 -6.08 29.70
CA ILE A 370 15.88 -4.89 29.19
C ILE A 370 17.38 -5.19 29.07
N THR A 371 17.88 -5.27 27.84
CA THR A 371 19.28 -5.52 27.54
C THR A 371 19.86 -4.38 26.72
N GLY A 372 21.12 -4.06 26.98
CA GLY A 372 21.82 -2.98 26.30
C GLY A 372 23.30 -2.95 26.59
N THR A 373 23.97 -1.88 26.13
CA THR A 373 25.41 -1.67 26.32
C THR A 373 25.67 -0.21 26.68
N TYR A 374 26.46 0.02 27.76
CA TYR A 374 26.83 1.35 28.21
C TYR A 374 27.94 1.89 27.32
N SER A 375 27.77 3.14 26.86
CA SER A 375 28.75 3.82 26.02
C SER A 375 29.61 4.73 26.89
N ASP A 376 30.94 4.48 26.90
CA ASP A 376 31.91 5.26 27.67
C ASP A 376 32.07 6.65 27.05
N ALA A 377 32.02 6.73 25.71
CA ALA A 377 32.18 7.95 24.93
C ALA A 377 31.06 8.97 25.16
N THR A 378 29.79 8.54 25.05
CA THR A 378 28.62 9.41 25.22
C THR A 378 28.05 9.40 26.64
N LYS A 379 28.58 8.52 27.52
CA LYS A 379 28.18 8.35 28.93
C LYS A 379 26.66 8.04 29.07
N ARG A 380 26.13 7.23 28.13
CA ARG A 380 24.72 6.83 28.09
C ARG A 380 24.52 5.35 27.73
N THR A 381 23.36 4.80 28.09
CA THR A 381 23.01 3.41 27.82
C THR A 381 22.32 3.30 26.44
N ILE A 382 22.83 2.38 25.61
CA ILE A 382 22.30 2.12 24.27
C ILE A 382 21.55 0.78 24.36
N PHE A 383 20.22 0.84 24.41
CA PHE A 383 19.37 -0.34 24.56
C PHE A 383 19.29 -1.18 23.29
N ALA A 384 19.53 -2.50 23.43
CA ALA A 384 19.52 -3.46 22.34
C ALA A 384 18.14 -4.08 22.13
N HIS A 385 17.65 -4.86 23.08
CA HIS A 385 16.34 -5.52 22.99
C HIS A 385 15.51 -5.29 24.25
N ILE A 386 14.21 -4.98 24.05
CA ILE A 386 13.26 -4.75 25.13
C ILE A 386 12.07 -5.71 24.98
N SER A 387 11.77 -6.47 26.05
CA SER A 387 10.62 -7.36 26.12
C SER A 387 9.63 -6.67 27.07
N HIS A 388 8.47 -6.27 26.54
CA HIS A 388 7.44 -5.56 27.29
C HIS A 388 6.02 -5.92 26.84
N SER A 389 5.03 -5.42 27.59
CA SER A 389 3.61 -5.61 27.34
C SER A 389 2.86 -4.26 27.20
N ILE A 390 3.60 -3.19 26.83
CA ILE A 390 3.08 -1.83 26.61
C ILE A 390 2.08 -1.86 25.43
N ASN A 391 0.91 -1.22 25.61
CA ASN A 391 -0.14 -1.16 24.58
C ASN A 391 -0.43 0.26 24.09
N ILE A 392 -1.31 0.37 23.06
CA ILE A 392 -1.73 1.63 22.44
C ILE A 392 -2.44 2.55 23.45
N ILE A 393 -3.09 1.96 24.46
CA ILE A 393 -3.81 2.70 25.51
C ILE A 393 -2.80 3.47 26.38
N ASP A 394 -1.71 2.80 26.83
CA ASP A 394 -0.65 3.38 27.66
C ASP A 394 -0.10 4.68 27.05
N THR A 395 0.17 4.66 25.74
CA THR A 395 0.70 5.78 24.95
C THR A 395 -0.31 6.91 24.85
N SER A 396 -1.63 6.58 24.96
CA SER A 396 -2.77 7.50 24.86
C SER A 396 -3.24 8.09 26.21
N ILE A 397 -2.57 7.75 27.33
CA ILE A 397 -2.95 8.27 28.64
C ILE A 397 -2.39 9.70 28.84
N PRO A 398 -3.25 10.72 29.07
CA PRO A 398 -2.73 12.08 29.33
C PRO A 398 -2.03 12.12 30.68
N VAL A 399 -0.89 12.84 30.75
CA VAL A 399 -0.03 12.98 31.94
C VAL A 399 -0.83 13.38 33.20
N SER A 400 -1.85 14.25 33.04
CA SER A 400 -2.73 14.73 34.13
C SER A 400 -3.30 13.60 34.97
N LEU A 401 -3.79 12.54 34.30
CA LEU A 401 -4.39 11.38 34.94
C LEU A 401 -3.44 10.61 35.85
N TRP A 402 -2.11 10.62 35.55
CA TRP A 402 -1.12 9.95 36.40
C TRP A 402 -0.95 10.71 37.70
N THR A 403 -1.05 12.05 37.64
CA THR A 403 -0.91 12.96 38.79
C THR A 403 -2.27 13.45 39.33
N SER A 404 -3.37 12.80 38.92
CA SER A 404 -4.74 13.15 39.32
C SER A 404 -5.03 12.92 40.81
N GLN A 405 -6.02 13.67 41.34
CA GLN A 405 -6.46 13.61 42.74
C GLN A 405 -7.02 12.22 43.10
N ARG A 406 -7.50 11.46 42.09
CA ARG A 406 -8.00 10.08 42.23
C ARG A 406 -6.86 9.17 42.69
N ASN A 407 -5.62 9.49 42.31
CA ASN A 407 -4.43 8.70 42.63
C ASN A 407 -3.87 8.98 44.02
N VAL A 408 -3.74 7.90 44.82
CA VAL A 408 -3.20 7.93 46.19
C VAL A 408 -1.67 8.13 46.16
N TYR A 409 -1.01 7.59 45.11
CA TYR A 409 0.43 7.69 44.89
C TYR A 409 0.79 9.01 44.23
N ASN A 410 2.10 9.30 44.11
CA ASN A 410 2.58 10.52 43.46
C ASN A 410 2.20 10.46 41.96
N GLY A 411 2.41 9.29 41.35
CA GLY A 411 2.03 9.02 39.97
C GLY A 411 3.14 9.13 38.95
N ASP A 412 3.62 10.36 38.71
CA ASP A 412 4.67 10.60 37.74
C ASP A 412 6.01 10.68 38.47
N ASN A 413 6.79 9.57 38.44
CA ASN A 413 8.07 9.49 39.15
C ASN A 413 9.27 9.62 38.19
N ARG A 414 9.02 10.15 36.99
CA ARG A 414 10.04 10.39 35.96
C ARG A 414 10.93 11.57 36.37
N SER A 415 12.07 11.75 35.69
CA SER A 415 13.01 12.85 35.92
C SER A 415 12.40 14.14 35.36
N ALA A 416 12.92 15.31 35.81
CA ALA A 416 12.46 16.62 35.34
C ALA A 416 12.75 16.79 33.85
N GLU A 417 13.83 16.14 33.37
CA GLU A 417 14.29 16.13 31.98
C GLU A 417 13.23 15.47 31.10
N SER A 418 12.75 14.26 31.50
CA SER A 418 11.73 13.48 30.80
C SER A 418 10.41 14.23 30.76
N LYS A 419 9.98 14.81 31.91
CA LYS A 419 8.73 15.56 32.07
C LYS A 419 8.70 16.80 31.17
N ALA A 420 9.86 17.42 30.94
CA ALA A 420 10.03 18.61 30.09
C ALA A 420 9.83 18.27 28.62
N LYS A 421 10.03 16.99 28.24
CA LYS A 421 9.90 16.51 26.87
C LYS A 421 8.43 16.14 26.50
N ASP A 422 7.48 16.29 27.45
CA ASP A 422 6.05 15.99 27.24
C ASP A 422 5.46 16.92 26.21
N LEU A 423 4.57 16.39 25.36
CA LEU A 423 3.97 17.15 24.27
C LEU A 423 2.48 17.33 24.39
N PHE A 424 2.00 18.54 24.06
CA PHE A 424 0.59 18.89 24.04
C PHE A 424 0.00 18.39 22.71
N ILE A 425 -1.02 17.53 22.78
CA ILE A 425 -1.72 17.00 21.61
C ILE A 425 -3.19 17.41 21.72
N ASN A 426 -3.68 18.19 20.73
CA ASN A 426 -5.05 18.69 20.70
C ASN A 426 -5.81 18.31 19.42
N ASP A 427 -5.38 17.21 18.76
CA ASP A 427 -6.00 16.71 17.52
C ASP A 427 -7.52 16.64 17.67
N PRO A 428 -8.27 17.36 16.81
CA PRO A 428 -9.73 17.38 16.97
C PRO A 428 -10.46 16.15 16.46
N PHE A 429 -9.78 15.27 15.71
CA PHE A 429 -10.42 14.11 15.09
C PHE A 429 -10.04 12.75 15.70
N ILE A 430 -9.67 12.74 17.00
CA ILE A 430 -9.33 11.49 17.70
C ILE A 430 -10.65 10.73 17.96
N LYS A 431 -10.64 9.40 17.76
CA LYS A 431 -11.80 8.54 17.98
C LYS A 431 -11.48 7.45 19.00
N GLY A 432 -12.50 6.97 19.70
CA GLY A 432 -12.34 5.96 20.73
C GLY A 432 -11.70 6.49 22.01
N ILE A 433 -10.78 5.72 22.60
CA ILE A 433 -10.07 6.11 23.83
C ILE A 433 -8.53 6.03 23.65
N ASP A 434 -8.09 5.59 22.47
CA ASP A 434 -6.67 5.49 22.12
C ASP A 434 -6.37 6.21 20.80
N PHE A 435 -5.10 6.62 20.60
CA PHE A 435 -4.64 7.36 19.41
C PHE A 435 -4.86 6.63 18.08
N LYS A 436 -4.91 5.28 18.10
CA LYS A 436 -5.12 4.47 16.90
C LYS A 436 -6.55 3.97 16.74
N ASN A 437 -7.45 4.33 17.69
CA ASN A 437 -8.87 3.93 17.71
C ASN A 437 -9.02 2.39 17.66
N LYS A 438 -8.07 1.67 18.30
CA LYS A 438 -8.00 0.21 18.37
C LYS A 438 -9.08 -0.36 19.26
N THR A 439 -9.13 0.10 20.52
CA THR A 439 -10.06 -0.37 21.55
C THR A 439 -11.51 -0.02 21.21
N ASP A 440 -12.35 -1.06 21.00
CA ASP A 440 -13.77 -0.87 20.72
C ASP A 440 -14.47 -0.92 22.07
N ILE A 441 -14.90 0.25 22.56
CA ILE A 441 -15.51 0.40 23.87
C ILE A 441 -17.04 0.22 23.83
N ILE A 442 -17.63 0.04 22.64
CA ILE A 442 -19.06 -0.21 22.49
C ILE A 442 -19.27 -1.72 22.55
N SER A 443 -19.99 -2.18 23.58
CA SER A 443 -20.35 -3.58 23.79
C SER A 443 -21.64 -3.95 23.02
N ARG A 444 -22.57 -2.98 22.90
CA ARG A 444 -23.86 -3.16 22.21
C ARG A 444 -24.36 -1.84 21.61
N LEU A 445 -25.03 -1.91 20.46
CA LEU A 445 -25.62 -0.76 19.77
C LEU A 445 -27.10 -1.00 19.52
N GLU A 446 -27.92 0.00 19.83
CA GLU A 446 -29.37 -0.03 19.66
C GLU A 446 -29.79 1.26 18.94
N VAL A 447 -30.52 1.12 17.84
CA VAL A 447 -31.02 2.24 17.04
C VAL A 447 -32.53 2.11 16.98
N ARG A 448 -33.23 3.19 17.37
CA ARG A 448 -34.69 3.24 17.37
C ARG A 448 -35.24 4.30 16.44
N PHE A 449 -36.14 3.89 15.52
CA PHE A 449 -36.82 4.83 14.62
C PHE A 449 -38.13 5.14 15.33
N GLY A 450 -38.16 6.29 15.99
CA GLY A 450 -39.28 6.70 16.83
C GLY A 450 -39.18 5.93 18.13
N ASN A 451 -40.22 5.13 18.42
CA ASN A 451 -40.26 4.32 19.64
C ASN A 451 -39.92 2.86 19.35
N ASP A 452 -40.06 2.44 18.09
CA ASP A 452 -39.78 1.08 17.62
C ASP A 452 -38.30 0.88 17.30
N VAL A 453 -37.76 -0.31 17.62
CA VAL A 453 -36.36 -0.69 17.36
C VAL A 453 -36.12 -0.93 15.85
N LEU A 454 -35.21 -0.15 15.25
CA LEU A 454 -34.83 -0.23 13.83
C LEU A 454 -33.70 -1.24 13.62
N TYR A 455 -32.69 -1.23 14.52
CA TYR A 455 -31.51 -2.11 14.46
C TYR A 455 -30.87 -2.26 15.83
N SER A 456 -30.26 -3.43 16.08
CA SER A 456 -29.53 -3.74 17.30
C SER A 456 -28.42 -4.75 16.99
N GLU A 457 -27.25 -4.58 17.64
CA GLU A 457 -26.10 -5.47 17.46
C GLU A 457 -25.25 -5.63 18.71
N ASN A 458 -24.64 -6.82 18.87
CA ASN A 458 -23.77 -7.16 20.00
C ASN A 458 -22.29 -7.14 19.57
N GLY A 459 -22.07 -7.15 18.27
CA GLY A 459 -20.77 -7.10 17.63
C GLY A 459 -20.71 -5.96 16.62
N PRO A 460 -19.51 -5.47 16.22
CA PRO A 460 -19.47 -4.35 15.26
C PRO A 460 -19.65 -4.78 13.79
N ILE A 461 -20.70 -5.58 13.52
CA ILE A 461 -21.01 -6.08 12.18
C ILE A 461 -21.39 -4.95 11.22
N SER A 462 -22.01 -3.86 11.73
CA SER A 462 -22.36 -2.68 10.91
C SER A 462 -21.09 -1.94 10.50
N ARG A 463 -20.03 -1.95 11.36
CA ARG A 463 -18.72 -1.36 11.08
C ARG A 463 -18.04 -2.23 10.02
N ILE A 464 -18.11 -3.58 10.17
CA ILE A 464 -17.56 -4.55 9.22
C ILE A 464 -18.17 -4.34 7.83
N TYR A 465 -19.51 -4.19 7.75
CA TYR A 465 -20.20 -3.92 6.48
C TYR A 465 -19.78 -2.58 5.89
N ASN A 466 -19.64 -1.56 6.74
CA ASN A 466 -19.21 -0.22 6.31
C ASN A 466 -17.81 -0.27 5.70
N GLU A 467 -16.86 -0.94 6.39
CA GLU A 467 -15.49 -1.11 5.95
C GLU A 467 -15.41 -1.89 4.64
N LEU A 468 -16.23 -2.94 4.52
CA LEU A 468 -16.31 -3.79 3.32
C LEU A 468 -16.93 -3.07 2.13
N LEU A 469 -18.13 -2.50 2.31
CA LEU A 469 -18.88 -1.80 1.26
C LEU A 469 -18.19 -0.54 0.73
N THR A 470 -17.41 0.16 1.58
CA THR A 470 -16.69 1.38 1.17
C THR A 470 -15.21 1.13 0.87
N LYS A 471 -14.72 -0.11 1.07
CA LYS A 471 -13.31 -0.51 0.87
C LYS A 471 -12.39 0.40 1.73
N SER A 472 -12.75 0.56 3.00
CA SER A 472 -12.04 1.40 3.97
C SER A 472 -11.54 0.56 5.14
N ASN A 473 -10.35 0.89 5.65
CA ASN A 473 -9.76 0.18 6.79
C ASN A 473 -10.14 0.87 8.10
N ASN A 474 -10.67 2.12 8.01
CA ASN A 474 -11.08 2.91 9.18
C ASN A 474 -12.53 3.40 9.06
N GLY A 475 -13.46 2.47 9.18
CA GLY A 475 -14.89 2.74 9.13
C GLY A 475 -15.52 2.92 10.50
N THR A 476 -16.85 3.12 10.52
CA THR A 476 -17.65 3.32 11.73
C THR A 476 -18.89 2.42 11.68
N ARG A 477 -19.58 2.25 12.84
CA ARG A 477 -20.83 1.47 12.90
C ARG A 477 -21.88 2.26 12.11
N THR A 478 -22.08 1.88 10.84
CA THR A 478 -22.97 2.59 9.91
C THR A 478 -24.14 1.74 9.44
N LEU A 479 -25.34 2.37 9.40
CA LEU A 479 -26.57 1.78 8.90
C LEU A 479 -26.89 2.46 7.57
N THR A 480 -26.57 1.80 6.44
CA THR A 480 -26.85 2.34 5.12
C THR A 480 -28.26 1.88 4.69
N PHE A 481 -29.06 2.81 4.18
CA PHE A 481 -30.42 2.54 3.72
C PHE A 481 -30.52 2.65 2.20
N ASN A 482 -29.55 3.34 1.57
CA ASN A 482 -29.50 3.52 0.13
C ASN A 482 -28.42 2.66 -0.52
N PHE A 483 -28.86 1.62 -1.25
CA PHE A 483 -27.98 0.70 -1.98
C PHE A 483 -28.23 0.86 -3.49
N THR A 484 -28.94 1.95 -3.85
CA THR A 484 -29.30 2.34 -5.21
C THR A 484 -28.20 3.25 -5.77
N PRO A 485 -27.81 3.12 -7.06
CA PRO A 485 -26.75 3.98 -7.61
C PRO A 485 -27.05 5.48 -7.47
N LYS A 486 -26.04 6.25 -7.06
CA LYS A 486 -26.14 7.70 -6.86
C LYS A 486 -26.27 8.46 -8.19
N ILE A 487 -26.87 9.66 -8.11
CA ILE A 487 -27.10 10.64 -9.19
C ILE A 487 -28.14 10.15 -10.22
N PHE A 488 -27.96 8.95 -10.81
CA PHE A 488 -28.88 8.41 -11.82
C PHE A 488 -30.22 7.91 -11.25
N PHE A 489 -30.34 7.86 -9.92
CA PHE A 489 -31.57 7.42 -9.24
C PHE A 489 -31.86 8.28 -8.01
N ARG A 490 -33.15 8.35 -7.61
CA ARG A 490 -33.55 9.03 -6.38
C ARG A 490 -33.10 8.09 -5.24
N PRO A 491 -32.23 8.54 -4.31
CA PRO A 491 -31.76 7.63 -3.25
C PRO A 491 -32.87 7.03 -2.37
N THR A 492 -32.63 5.79 -1.90
CA THR A 492 -33.54 5.03 -1.02
C THR A 492 -33.34 5.55 0.40
N THR A 493 -34.44 5.83 1.11
CA THR A 493 -34.39 6.40 2.46
C THR A 493 -35.38 5.76 3.42
N ILE A 494 -35.14 5.88 4.76
CA ILE A 494 -36.07 5.44 5.81
C ILE A 494 -37.22 6.42 5.69
N THR A 495 -38.45 5.93 5.57
CA THR A 495 -39.61 6.80 5.41
C THR A 495 -40.29 7.00 6.78
N ALA A 496 -40.47 8.27 7.17
CA ALA A 496 -41.09 8.66 8.43
C ALA A 496 -42.62 8.60 8.43
N ASN A 497 -43.20 8.57 9.64
CA ASN A 497 -44.65 8.57 9.89
C ASN A 497 -44.86 9.44 11.14
N VAL A 498 -44.89 10.77 10.91
CA VAL A 498 -45.04 11.84 11.93
C VAL A 498 -46.19 11.54 12.92
N SER A 499 -47.34 11.08 12.41
CA SER A 499 -48.53 10.74 13.19
C SER A 499 -48.28 9.59 14.18
N ARG A 500 -47.48 8.58 13.76
CA ARG A 500 -47.12 7.43 14.59
C ARG A 500 -45.91 7.70 15.51
N GLY A 501 -45.36 8.92 15.44
CA GLY A 501 -44.20 9.35 16.22
C GLY A 501 -42.86 9.04 15.58
N LYS A 502 -42.84 8.16 14.55
CA LYS A 502 -41.63 7.75 13.85
C LYS A 502 -41.07 8.85 12.94
N ASP A 503 -40.39 9.85 13.54
CA ASP A 503 -39.76 10.97 12.84
C ASP A 503 -38.43 11.39 13.51
N LYS A 504 -37.73 10.42 14.14
CA LYS A 504 -36.46 10.65 14.85
C LYS A 504 -35.71 9.34 15.06
N LEU A 505 -34.36 9.43 15.10
CA LEU A 505 -33.49 8.28 15.34
C LEU A 505 -32.79 8.44 16.67
N SER A 506 -33.05 7.49 17.60
CA SER A 506 -32.48 7.47 18.94
C SER A 506 -31.48 6.34 19.02
N VAL A 507 -30.24 6.68 19.37
CA VAL A 507 -29.15 5.72 19.49
C VAL A 507 -28.82 5.50 20.95
N ARG A 508 -28.80 4.23 21.38
CA ARG A 508 -28.43 3.83 22.73
C ARG A 508 -27.33 2.79 22.62
N VAL A 509 -26.17 3.10 23.21
CA VAL A 509 -25.04 2.17 23.24
C VAL A 509 -24.88 1.62 24.65
N VAL A 510 -24.13 0.52 24.78
CA VAL A 510 -23.80 -0.06 26.08
C VAL A 510 -22.28 -0.12 26.07
N TYR A 511 -21.63 0.83 26.77
CA TYR A 511 -20.18 0.92 26.84
C TYR A 511 -19.59 -0.13 27.78
N SER A 512 -18.50 -0.81 27.35
CA SER A 512 -17.80 -1.76 28.21
C SER A 512 -17.02 -0.93 29.24
N THR A 513 -17.08 -1.33 30.53
CA THR A 513 -16.44 -0.59 31.61
C THR A 513 -15.01 -1.02 31.87
N MET A 514 -14.13 -0.02 32.00
CA MET A 514 -12.70 -0.14 32.26
C MET A 514 -12.43 -0.39 33.75
N ASP A 515 -11.19 -0.76 34.10
CA ASP A 515 -10.80 -0.96 35.49
C ASP A 515 -10.56 0.41 36.11
N VAL A 516 -11.16 0.66 37.26
CA VAL A 516 -11.09 1.95 37.98
C VAL A 516 -9.67 2.30 38.44
N ASN A 517 -8.78 1.29 38.54
CA ASN A 517 -7.38 1.48 38.95
C ASN A 517 -6.44 1.68 37.77
N HIS A 518 -7.01 1.64 36.55
CA HIS A 518 -6.29 1.88 35.30
C HIS A 518 -6.57 3.35 34.91
N PRO A 519 -5.51 4.16 34.68
CA PRO A 519 -5.72 5.58 34.35
C PRO A 519 -6.69 5.91 33.22
N ILE A 520 -6.81 5.05 32.18
CA ILE A 520 -7.68 5.27 31.01
C ILE A 520 -9.19 5.35 31.37
N TYR A 521 -9.59 4.79 32.55
CA TYR A 521 -10.97 4.82 33.02
C TYR A 521 -11.48 6.27 33.08
N TYR A 522 -10.57 7.19 33.46
CA TYR A 522 -10.83 8.62 33.66
C TYR A 522 -10.68 9.47 32.38
N VAL A 523 -10.59 8.82 31.20
CA VAL A 523 -10.60 9.49 29.90
C VAL A 523 -12.09 9.54 29.53
N GLN A 524 -12.63 10.76 29.45
CA GLN A 524 -14.04 11.01 29.14
C GLN A 524 -14.39 10.59 27.70
N LYS A 525 -15.61 10.06 27.49
CA LYS A 525 -16.09 9.60 26.17
C LYS A 525 -17.24 10.48 25.67
N GLN A 526 -17.45 10.53 24.35
CA GLN A 526 -18.54 11.29 23.73
C GLN A 526 -19.13 10.51 22.56
N LEU A 527 -20.44 10.29 22.59
CA LEU A 527 -21.14 9.58 21.52
C LEU A 527 -21.43 10.57 20.38
N VAL A 528 -21.05 10.19 19.16
CA VAL A 528 -21.25 10.98 17.95
C VAL A 528 -22.17 10.21 17.03
N VAL A 529 -23.30 10.80 16.65
CA VAL A 529 -24.28 10.19 15.75
C VAL A 529 -24.43 11.09 14.52
N VAL A 530 -24.14 10.53 13.34
CA VAL A 530 -24.21 11.27 12.08
C VAL A 530 -25.35 10.74 11.22
N CYS A 531 -26.24 11.64 10.78
CA CYS A 531 -27.40 11.34 9.95
C CYS A 531 -27.30 12.06 8.60
N ASN A 532 -27.45 11.33 7.49
CA ASN A 532 -27.44 11.93 6.15
C ASN A 532 -28.88 12.06 5.68
N ASP A 533 -29.38 13.30 5.62
CA ASP A 533 -30.75 13.58 5.20
C ASP A 533 -30.85 13.87 3.71
N LEU A 534 -31.93 13.38 3.08
CA LEU A 534 -32.15 13.60 1.65
C LEU A 534 -32.82 14.94 1.39
N TYR A 535 -32.24 15.69 0.45
CA TYR A 535 -32.70 17.00 0.02
C TYR A 535 -32.83 17.03 -1.50
N LYS A 536 -33.76 17.85 -2.02
CA LYS A 536 -33.96 18.03 -3.46
C LYS A 536 -33.41 19.38 -3.89
N VAL A 537 -32.54 19.36 -4.91
CA VAL A 537 -31.94 20.58 -5.46
C VAL A 537 -32.85 21.11 -6.58
N SER A 538 -33.34 22.34 -6.39
CA SER A 538 -34.22 23.05 -7.31
C SER A 538 -33.44 24.23 -7.88
N TYR A 539 -33.55 24.45 -9.18
CA TYR A 539 -32.82 25.54 -9.84
C TYR A 539 -33.72 26.68 -10.33
N ASP A 540 -35.04 26.58 -10.06
CA ASP A 540 -36.03 27.59 -10.43
C ASP A 540 -35.81 28.87 -9.60
N GLN A 541 -35.37 29.96 -10.28
CA GLN A 541 -35.05 31.27 -9.70
C GLN A 541 -33.92 31.14 -8.65
N GLY A 542 -32.76 30.68 -9.11
CA GLY A 542 -31.58 30.44 -8.29
C GLY A 542 -31.53 29.04 -7.71
N VAL A 543 -30.37 28.66 -7.15
CA VAL A 543 -30.15 27.34 -6.54
C VAL A 543 -30.78 27.29 -5.15
N SER A 544 -31.52 26.21 -4.84
CA SER A 544 -32.17 26.02 -3.55
C SER A 544 -32.34 24.54 -3.22
N ILE A 545 -32.35 24.21 -1.91
CA ILE A 545 -32.54 22.83 -1.45
C ILE A 545 -33.83 22.73 -0.62
N THR A 546 -34.50 21.58 -0.71
CA THR A 546 -35.76 21.31 0.00
C THR A 546 -35.66 19.94 0.68
N LYS A 547 -35.91 19.89 2.00
CA LYS A 547 -35.87 18.66 2.78
C LYS A 547 -37.00 17.72 2.39
N ILE A 548 -36.65 16.48 1.98
CA ILE A 548 -37.62 15.45 1.59
C ILE A 548 -38.35 14.97 2.85
N MET A 549 -39.68 15.17 2.89
CA MET A 549 -40.52 14.81 4.03
C MET A 549 -41.79 14.09 3.61
N GLY B 1 -40.54 -11.68 12.33
CA GLY B 1 -39.47 -12.63 12.09
C GLY B 1 -38.09 -11.99 12.09
N ALA B 2 -37.31 -12.24 11.03
CA ALA B 2 -35.95 -11.70 10.86
C ALA B 2 -35.96 -10.20 10.55
N MET B 3 -36.91 -9.74 9.70
CA MET B 3 -37.06 -8.32 9.39
C MET B 3 -37.75 -7.64 10.57
N ASN B 4 -37.35 -6.40 10.88
CA ASN B 4 -37.94 -5.63 11.98
C ASN B 4 -39.32 -5.13 11.60
N ASN B 5 -40.28 -5.19 12.55
CA ASN B 5 -41.68 -4.77 12.38
C ASN B 5 -41.85 -3.32 11.92
N THR B 6 -40.91 -2.41 12.30
CA THR B 6 -40.93 -1.00 11.91
C THR B 6 -40.71 -0.82 10.40
N ILE B 7 -39.94 -1.74 9.77
CA ILE B 7 -39.63 -1.77 8.34
C ILE B 7 -40.82 -2.33 7.56
N ILE B 8 -41.38 -3.48 8.03
CA ILE B 8 -42.52 -4.19 7.43
C ILE B 8 -43.75 -3.26 7.32
N ASN B 9 -44.08 -2.53 8.39
CA ASN B 9 -45.20 -1.59 8.45
C ASN B 9 -44.97 -0.36 7.55
N SER B 10 -43.70 0.04 7.37
CA SER B 10 -43.30 1.18 6.54
C SER B 10 -43.51 0.93 5.04
N LEU B 11 -43.46 -0.33 4.61
CA LEU B 11 -43.64 -0.71 3.20
C LEU B 11 -45.02 -1.31 2.92
N ILE B 12 -45.42 -2.35 3.68
CA ILE B 12 -46.72 -3.02 3.52
C ILE B 12 -47.85 -2.11 4.02
N GLY B 13 -48.57 -1.52 3.06
CA GLY B 13 -49.67 -0.61 3.30
C GLY B 13 -49.73 0.53 2.30
N ASP B 16 -47.17 2.91 -5.04
CA ASP B 16 -47.74 1.90 -5.93
C ASP B 16 -48.19 2.48 -7.28
N SER B 17 -48.62 3.75 -7.29
CA SER B 17 -49.11 4.47 -8.49
C SER B 17 -47.99 4.90 -9.44
N ILE B 18 -46.88 5.44 -8.90
CA ILE B 18 -45.74 5.96 -9.65
C ILE B 18 -44.92 4.87 -10.34
N LYS B 19 -44.46 5.15 -11.58
CA LYS B 19 -43.65 4.24 -12.40
C LYS B 19 -42.23 4.15 -11.82
N ARG B 20 -41.73 2.92 -11.60
CA ARG B 20 -40.43 2.69 -10.99
C ARG B 20 -39.47 1.90 -11.86
N SER B 21 -38.16 2.27 -11.82
CA SER B 21 -37.09 1.59 -12.55
C SER B 21 -36.67 0.36 -11.75
N ASN B 22 -36.60 -0.80 -12.42
CA ASN B 22 -36.22 -2.08 -11.79
C ASN B 22 -34.76 -2.07 -11.36
N VAL B 23 -34.55 -1.98 -10.04
CA VAL B 23 -33.24 -1.92 -9.39
C VAL B 23 -32.81 -3.32 -8.86
N PHE B 24 -33.72 -4.31 -8.92
CA PHE B 24 -33.44 -5.68 -8.46
C PHE B 24 -33.32 -6.73 -9.56
N ALA B 25 -33.55 -6.34 -10.83
CA ALA B 25 -33.44 -7.24 -11.98
C ALA B 25 -33.08 -6.46 -13.24
N VAL B 26 -32.40 -7.13 -14.19
CA VAL B 26 -32.00 -6.52 -15.45
C VAL B 26 -32.11 -7.51 -16.63
N ASP B 27 -32.44 -7.00 -17.83
CA ASP B 27 -32.54 -7.81 -19.05
C ASP B 27 -31.13 -8.12 -19.53
N SER B 28 -30.75 -9.42 -19.53
CA SER B 28 -29.42 -9.87 -19.95
C SER B 28 -29.28 -9.77 -21.47
N GLN B 29 -28.73 -8.64 -21.94
CA GLN B 29 -28.51 -8.35 -23.36
C GLN B 29 -27.52 -9.35 -23.96
N ILE B 30 -27.85 -9.92 -25.13
CA ILE B 30 -26.95 -10.85 -25.80
C ILE B 30 -25.85 -10.01 -26.47
N PRO B 31 -24.56 -10.21 -26.12
CA PRO B 31 -23.51 -9.41 -26.77
C PRO B 31 -23.11 -9.94 -28.16
N THR B 32 -22.22 -9.21 -28.85
CA THR B 32 -21.67 -9.60 -30.14
C THR B 32 -20.93 -10.92 -29.95
N LEU B 33 -21.17 -11.90 -30.83
CA LEU B 33 -20.52 -13.21 -30.73
C LEU B 33 -19.06 -13.09 -31.10
N TYR B 34 -18.19 -13.35 -30.11
CA TYR B 34 -16.75 -13.28 -30.27
C TYR B 34 -16.03 -14.33 -29.44
N MET B 35 -14.71 -14.41 -29.62
CA MET B 35 -13.86 -15.33 -28.90
C MET B 35 -12.46 -14.71 -28.73
N PRO B 36 -12.00 -14.49 -27.48
CA PRO B 36 -10.66 -13.90 -27.30
C PRO B 36 -9.54 -14.95 -27.30
N GLN B 37 -8.29 -14.49 -27.56
CA GLN B 37 -7.10 -15.33 -27.56
C GLN B 37 -5.85 -14.49 -27.31
N TYR B 38 -4.98 -14.96 -26.39
CA TYR B 38 -3.71 -14.28 -26.11
C TYR B 38 -2.72 -14.72 -27.20
N ILE B 39 -2.33 -13.78 -28.07
CA ILE B 39 -1.43 -14.05 -29.20
C ILE B 39 -0.06 -13.41 -28.96
N SER B 40 1.02 -14.22 -29.04
CA SER B 40 2.39 -13.74 -28.87
C SER B 40 3.14 -13.89 -30.19
N LEU B 41 3.85 -12.83 -30.61
CA LEU B 41 4.59 -12.79 -31.86
C LEU B 41 6.05 -12.41 -31.67
N SER B 42 6.94 -13.09 -32.41
CA SER B 42 8.36 -12.79 -32.44
C SER B 42 8.53 -11.71 -33.51
N GLY B 43 9.44 -10.77 -33.28
CA GLY B 43 9.64 -9.66 -34.20
C GLY B 43 10.78 -9.80 -35.20
N VAL B 44 11.14 -8.66 -35.80
CA VAL B 44 12.22 -8.50 -36.77
C VAL B 44 13.10 -7.38 -36.23
N MET B 45 14.34 -7.71 -35.88
CA MET B 45 15.27 -6.73 -35.33
C MET B 45 16.08 -6.01 -36.42
N THR B 46 16.17 -4.67 -36.30
CA THR B 46 16.87 -3.79 -37.23
C THR B 46 17.77 -2.84 -36.41
N ASN B 47 18.94 -2.46 -36.96
CA ASN B 47 19.88 -1.55 -36.31
C ASN B 47 20.34 -0.44 -37.24
N ASP B 51 22.38 5.79 -36.69
CA ASP B 51 22.80 5.76 -35.29
C ASP B 51 22.83 4.33 -34.72
N ASN B 52 22.40 3.33 -35.54
CA ASN B 52 22.32 1.91 -35.22
C ASN B 52 21.43 1.61 -33.99
N GLN B 53 20.26 2.27 -33.96
CA GLN B 53 19.25 2.15 -32.91
C GLN B 53 18.47 0.85 -33.12
N ALA B 54 18.25 0.06 -32.04
CA ALA B 54 17.54 -1.22 -32.13
C ALA B 54 16.04 -0.99 -32.31
N ILE B 55 15.48 -1.55 -33.41
CA ILE B 55 14.07 -1.41 -33.77
C ILE B 55 13.44 -2.79 -33.98
N ALA B 56 12.34 -3.08 -33.28
CA ALA B 56 11.60 -4.34 -33.41
C ALA B 56 10.29 -4.10 -34.13
N SER B 57 10.04 -4.84 -35.22
CA SER B 57 8.82 -4.72 -36.00
C SER B 57 7.98 -5.98 -35.89
N PHE B 58 6.70 -5.82 -35.53
CA PHE B 58 5.75 -6.92 -35.37
C PHE B 58 4.56 -6.73 -36.31
N GLU B 59 4.38 -7.66 -37.26
CA GLU B 59 3.30 -7.59 -38.24
C GLU B 59 2.12 -8.47 -37.83
N ILE B 60 0.95 -7.85 -37.70
CA ILE B 60 -0.30 -8.51 -37.34
C ILE B 60 -1.22 -8.47 -38.57
N ARG B 61 -1.40 -9.65 -39.19
CA ARG B 61 -2.30 -9.83 -40.32
C ARG B 61 -2.88 -11.23 -40.31
N ASP B 62 -4.17 -11.32 -40.00
CA ASP B 62 -4.94 -12.55 -39.92
C ASP B 62 -6.40 -12.20 -40.16
N GLN B 63 -7.08 -13.01 -40.98
CA GLN B 63 -8.49 -12.80 -41.33
C GLN B 63 -9.37 -12.93 -40.10
N TYR B 64 -8.98 -13.81 -39.16
CA TYR B 64 -9.74 -14.09 -37.95
C TYR B 64 -9.41 -13.14 -36.77
N ILE B 65 -8.30 -12.37 -36.82
CA ILE B 65 -8.02 -11.39 -35.77
C ILE B 65 -8.80 -10.11 -36.15
N THR B 66 -10.06 -10.04 -35.70
CA THR B 66 -10.97 -8.94 -36.02
C THR B 66 -10.59 -7.66 -35.28
N ALA B 67 -10.24 -7.79 -33.98
CA ALA B 67 -9.83 -6.68 -33.12
C ALA B 67 -8.73 -7.09 -32.15
N LEU B 68 -8.03 -6.10 -31.58
CA LEU B 68 -6.97 -6.32 -30.58
C LEU B 68 -6.81 -5.16 -29.59
N ASN B 69 -6.31 -5.48 -28.40
CA ASN B 69 -6.00 -4.54 -27.31
C ASN B 69 -5.01 -5.19 -26.33
N HIS B 70 -4.61 -4.44 -25.27
CA HIS B 70 -3.70 -4.86 -24.21
C HIS B 70 -2.38 -5.43 -24.74
N LEU B 71 -1.53 -4.56 -25.30
CA LEU B 71 -0.23 -4.91 -25.84
C LEU B 71 0.76 -5.07 -24.68
N VAL B 72 1.45 -6.22 -24.62
CA VAL B 72 2.46 -6.51 -23.59
C VAL B 72 3.74 -6.93 -24.31
N LEU B 73 4.84 -6.18 -24.10
CA LEU B 73 6.13 -6.49 -24.73
C LEU B 73 7.04 -7.23 -23.75
N SER B 74 7.47 -8.44 -24.13
CA SER B 74 8.37 -9.25 -23.31
C SER B 74 9.80 -8.87 -23.68
N LEU B 75 10.72 -8.93 -22.71
CA LEU B 75 12.14 -8.68 -22.95
C LEU B 75 12.98 -9.65 -22.17
N GLU B 76 13.79 -10.46 -22.88
CA GLU B 76 14.67 -11.45 -22.28
C GLU B 76 16.01 -10.81 -21.95
N LEU B 77 16.24 -10.56 -20.67
CA LEU B 77 17.48 -9.98 -20.16
C LEU B 77 18.50 -11.10 -20.00
N PRO B 78 19.72 -10.95 -20.57
CA PRO B 78 20.70 -12.04 -20.51
C PRO B 78 21.44 -12.14 -19.19
N GLU B 79 22.19 -13.24 -19.01
CA GLU B 79 23.05 -13.49 -17.86
C GLU B 79 24.19 -12.48 -17.97
N VAL B 80 24.48 -11.77 -16.88
CA VAL B 80 25.54 -10.77 -16.85
C VAL B 80 26.70 -11.36 -16.05
N LYS B 81 27.80 -11.67 -16.75
CA LYS B 81 29.01 -12.25 -16.14
C LYS B 81 30.19 -11.31 -16.28
N GLY B 82 31.07 -11.37 -15.28
CA GLY B 82 32.28 -10.56 -15.26
C GLY B 82 32.55 -9.89 -13.94
N MET B 83 33.46 -8.90 -13.97
CA MET B 83 33.88 -8.15 -12.80
C MET B 83 33.24 -6.78 -12.74
N GLY B 84 33.19 -6.22 -11.53
CA GLY B 84 32.64 -4.90 -11.28
C GLY B 84 31.22 -4.89 -10.76
N ARG B 85 30.73 -3.68 -10.45
CA ARG B 85 29.38 -3.43 -9.95
C ARG B 85 28.42 -3.22 -11.11
N PHE B 86 27.24 -3.86 -11.05
CA PHE B 86 26.21 -3.77 -12.11
C PHE B 86 24.80 -3.98 -11.52
N GLY B 87 23.84 -3.26 -12.09
CA GLY B 87 22.43 -3.33 -11.74
C GLY B 87 21.57 -2.64 -12.76
N TYR B 88 20.31 -3.08 -12.91
CA TYR B 88 19.37 -2.46 -13.85
C TYR B 88 18.60 -1.35 -13.16
N VAL B 89 18.14 -0.34 -13.94
CA VAL B 89 17.33 0.78 -13.45
C VAL B 89 15.95 0.25 -12.99
N PRO B 90 15.24 0.88 -12.00
CA PRO B 90 13.91 0.36 -11.63
C PRO B 90 12.95 0.48 -12.80
N TYR B 91 12.05 -0.51 -12.95
CA TYR B 91 11.07 -0.60 -14.05
C TYR B 91 11.83 -0.59 -15.40
N VAL B 92 12.89 -1.41 -15.47
CA VAL B 92 13.84 -1.59 -16.57
C VAL B 92 13.15 -1.73 -17.95
N GLY B 93 12.06 -2.50 -17.99
CA GLY B 93 11.28 -2.73 -19.19
C GLY B 93 10.73 -1.48 -19.85
N TYR B 94 10.22 -0.53 -19.04
CA TYR B 94 9.69 0.74 -19.53
C TYR B 94 10.81 1.65 -20.01
N LYS B 95 11.94 1.66 -19.27
CA LYS B 95 13.12 2.46 -19.59
C LYS B 95 13.83 2.04 -20.89
N CYS B 96 13.59 0.79 -21.35
CA CYS B 96 14.11 0.21 -22.60
C CYS B 96 13.50 0.94 -23.78
N ILE B 97 12.19 1.21 -23.68
CA ILE B 97 11.38 1.82 -24.72
C ILE B 97 11.77 3.28 -24.99
N ASN B 98 12.05 3.59 -26.25
CA ASN B 98 12.35 4.94 -26.74
C ASN B 98 11.11 5.47 -27.45
N HIS B 99 10.45 4.62 -28.28
CA HIS B 99 9.25 4.97 -29.04
C HIS B 99 8.46 3.72 -29.45
N VAL B 100 7.12 3.82 -29.43
CA VAL B 100 6.20 2.74 -29.83
C VAL B 100 5.29 3.34 -30.91
N SER B 101 5.09 2.61 -32.02
CA SER B 101 4.25 3.03 -33.13
C SER B 101 3.32 1.90 -33.56
N ILE B 102 2.01 2.17 -33.61
CA ILE B 102 1.01 1.23 -34.12
C ILE B 102 0.54 1.85 -35.43
N SER B 103 0.92 1.23 -36.56
CA SER B 103 0.56 1.75 -37.88
C SER B 103 -0.11 0.73 -38.78
N SER B 104 -0.84 1.23 -39.80
CA SER B 104 -1.50 0.43 -40.82
C SER B 104 -0.94 0.85 -42.18
N CYS B 105 -1.51 0.31 -43.29
CA CYS B 105 -1.12 0.63 -44.67
CA CYS B 105 -1.11 0.63 -44.66
C CYS B 105 -1.34 2.12 -44.96
N ASN B 106 -2.31 2.74 -44.25
CA ASN B 106 -2.70 4.14 -44.37
C ASN B 106 -1.84 5.08 -43.52
N GLY B 107 -0.92 4.52 -42.74
CA GLY B 107 0.00 5.26 -41.88
C GLY B 107 -0.16 4.98 -40.39
N VAL B 108 0.48 5.83 -39.56
CA VAL B 108 0.48 5.75 -38.09
C VAL B 108 -0.93 5.97 -37.53
N ILE B 109 -1.44 5.00 -36.72
CA ILE B 109 -2.75 5.04 -36.05
C ILE B 109 -2.59 5.68 -34.68
N TRP B 110 -1.53 5.29 -33.95
CA TRP B 110 -1.20 5.79 -32.62
C TRP B 110 0.28 5.56 -32.35
N GLU B 111 0.92 6.52 -31.66
CA GLU B 111 2.32 6.46 -31.30
C GLU B 111 2.61 7.21 -30.01
N ILE B 112 3.62 6.76 -29.26
CA ILE B 112 4.01 7.35 -27.98
C ILE B 112 5.52 7.30 -27.78
N GLU B 113 6.05 8.30 -27.06
CA GLU B 113 7.46 8.34 -26.68
C GLU B 113 7.59 7.50 -25.41
N GLY B 114 8.72 6.80 -25.27
CA GLY B 114 9.01 5.94 -24.13
C GLY B 114 8.62 6.48 -22.78
N GLU B 115 9.04 7.73 -22.48
CA GLU B 115 8.74 8.41 -21.21
C GLU B 115 7.26 8.65 -21.01
N GLU B 116 6.53 8.96 -22.09
CA GLU B 116 5.09 9.21 -21.99
C GLU B 116 4.31 7.94 -21.71
N LEU B 117 4.75 6.78 -22.25
CA LEU B 117 4.14 5.49 -21.98
C LEU B 117 4.32 5.14 -20.51
N TYR B 118 5.53 5.38 -19.97
CA TYR B 118 5.90 5.16 -18.58
C TYR B 118 5.07 6.05 -17.66
N ASN B 119 4.91 7.34 -18.03
CA ASN B 119 4.11 8.33 -17.28
C ASN B 119 2.65 7.90 -17.20
N ASN B 120 2.12 7.32 -18.30
CA ASN B 120 0.74 6.84 -18.35
C ASN B 120 0.54 5.57 -17.51
N CYS B 121 1.64 4.86 -17.18
CA CYS B 121 1.61 3.63 -16.37
C CYS B 121 2.20 3.77 -14.96
N ILE B 122 2.61 5.00 -14.57
CA ILE B 122 3.21 5.27 -13.26
C ILE B 122 2.26 4.95 -12.08
N ASN B 123 0.94 5.03 -12.30
CA ASN B 123 -0.08 4.73 -11.29
C ASN B 123 -0.40 3.23 -11.20
N ASN B 124 0.01 2.45 -12.21
CA ASN B 124 -0.23 1.01 -12.29
C ASN B 124 0.93 0.24 -11.66
N THR B 125 0.77 -0.14 -10.39
CA THR B 125 1.78 -0.87 -9.60
C THR B 125 2.13 -2.23 -10.24
N ILE B 126 1.11 -2.94 -10.74
CA ILE B 126 1.26 -4.27 -11.36
C ILE B 126 2.11 -4.18 -12.63
N ALA B 127 1.77 -3.24 -13.55
CA ALA B 127 2.51 -3.01 -14.80
C ALA B 127 3.96 -2.63 -14.53
N LEU B 128 4.20 -1.80 -13.49
CA LEU B 128 5.53 -1.38 -13.07
C LEU B 128 6.36 -2.54 -12.51
N LYS B 129 5.72 -3.41 -11.68
CA LYS B 129 6.39 -4.58 -11.10
C LYS B 129 6.79 -5.57 -12.20
N HIS B 130 5.89 -5.82 -13.17
CA HIS B 130 6.09 -6.72 -14.31
C HIS B 130 7.26 -6.29 -15.18
N SER B 131 7.44 -4.96 -15.34
CA SER B 131 8.53 -4.39 -16.16
C SER B 131 9.92 -4.57 -15.56
N GLY B 132 10.00 -5.00 -14.31
CA GLY B 132 11.28 -5.23 -13.65
C GLY B 132 11.56 -4.35 -12.45
N TYR B 133 11.01 -4.73 -11.30
CA TYR B 133 11.23 -4.04 -10.04
C TYR B 133 11.40 -5.07 -8.92
N SER B 134 12.64 -5.57 -8.76
CA SER B 134 13.03 -6.60 -7.79
C SER B 134 14.42 -6.33 -7.24
N SER B 135 14.77 -6.94 -6.09
CA SER B 135 16.11 -6.84 -5.49
C SER B 135 17.09 -7.59 -6.38
N GLU B 136 16.59 -8.63 -7.09
CA GLU B 136 17.36 -9.45 -8.03
C GLU B 136 17.86 -8.61 -9.21
N LEU B 137 17.02 -7.70 -9.73
CA LEU B 137 17.35 -6.84 -10.88
C LEU B 137 17.94 -5.47 -10.54
N ASN B 138 17.34 -4.77 -9.56
CA ASN B 138 17.66 -3.37 -9.26
C ASN B 138 18.73 -3.12 -8.20
N ASP B 139 19.05 -4.09 -7.32
CA ASP B 139 20.13 -3.88 -6.35
C ASP B 139 21.46 -3.98 -7.12
N ILE B 140 22.46 -3.19 -6.71
CA ILE B 140 23.75 -3.19 -7.40
C ILE B 140 24.58 -4.40 -6.97
N SER B 141 24.75 -5.38 -7.88
CA SER B 141 25.48 -6.62 -7.63
C SER B 141 26.95 -6.49 -8.03
N ILE B 142 27.86 -7.13 -7.27
CA ILE B 142 29.30 -7.07 -7.53
C ILE B 142 29.85 -8.43 -8.03
N GLY B 143 30.61 -8.37 -9.12
CA GLY B 143 31.28 -9.51 -9.73
C GLY B 143 32.73 -9.53 -9.30
N LEU B 144 33.17 -10.65 -8.70
CA LEU B 144 34.53 -10.78 -8.17
C LEU B 144 35.54 -11.38 -9.15
N THR B 145 35.15 -12.42 -9.91
CA THR B 145 36.01 -13.09 -10.89
C THR B 145 35.51 -12.82 -12.33
N PRO B 146 36.35 -12.92 -13.39
CA PRO B 146 35.85 -12.64 -14.75
C PRO B 146 34.72 -13.56 -15.25
N ASN B 147 34.47 -14.67 -14.53
CA ASN B 147 33.42 -15.64 -14.85
C ASN B 147 32.31 -15.68 -13.78
N ASP B 148 32.37 -14.77 -12.80
CA ASP B 148 31.38 -14.64 -11.72
C ASP B 148 30.09 -14.08 -12.29
N THR B 149 28.94 -14.66 -11.91
CA THR B 149 27.63 -14.20 -12.36
C THR B 149 27.17 -13.02 -11.51
N ILE B 150 27.01 -11.85 -12.16
CA ILE B 150 26.55 -10.61 -11.52
C ILE B 150 25.01 -10.68 -11.46
N LYS B 151 24.37 -10.87 -12.63
CA LYS B 151 22.92 -10.97 -12.78
C LYS B 151 22.54 -12.25 -13.52
N GLU B 152 21.57 -12.99 -12.96
CA GLU B 152 21.04 -14.22 -13.56
C GLU B 152 20.06 -13.80 -14.67
N PRO B 153 19.88 -14.58 -15.76
CA PRO B 153 18.92 -14.15 -16.81
C PRO B 153 17.49 -14.05 -16.28
N SER B 154 16.72 -13.10 -16.82
CA SER B 154 15.35 -12.85 -16.40
C SER B 154 14.49 -12.35 -17.56
N THR B 155 13.16 -12.46 -17.42
CA THR B 155 12.23 -11.98 -18.43
C THR B 155 11.36 -10.91 -17.80
N VAL B 156 11.23 -9.76 -18.49
CA VAL B 156 10.42 -8.63 -18.01
C VAL B 156 9.27 -8.39 -18.98
N TYR B 157 8.12 -7.95 -18.46
CA TYR B 157 6.90 -7.70 -19.25
C TYR B 157 6.47 -6.24 -19.16
N VAL B 158 6.45 -5.55 -20.31
CA VAL B 158 6.13 -4.14 -20.44
C VAL B 158 4.72 -3.94 -21.01
N TYR B 159 3.78 -3.47 -20.16
CA TYR B 159 2.42 -3.22 -20.62
C TYR B 159 2.35 -1.91 -21.39
N ILE B 160 2.20 -2.02 -22.72
CA ILE B 160 2.07 -0.87 -23.61
C ILE B 160 0.60 -0.44 -23.59
N LYS B 161 0.25 0.43 -22.63
CA LYS B 161 -1.09 0.98 -22.44
C LYS B 161 -1.42 1.86 -23.66
N THR B 162 -2.54 1.54 -24.33
CA THR B 162 -3.02 2.26 -25.52
C THR B 162 -4.46 2.72 -25.28
N PRO B 163 -5.02 3.69 -26.07
CA PRO B 163 -6.42 4.08 -25.84
C PRO B 163 -7.43 2.97 -26.17
N PHE B 164 -6.97 1.87 -26.77
CA PHE B 164 -7.79 0.72 -27.13
C PHE B 164 -8.16 -0.17 -25.92
N ASP B 165 -7.55 0.10 -24.75
CA ASP B 165 -7.78 -0.66 -23.52
C ASP B 165 -8.79 0.00 -22.57
N VAL B 166 -9.01 1.33 -22.73
CA VAL B 166 -9.90 2.17 -21.91
C VAL B 166 -11.24 1.48 -21.59
N GLU B 167 -11.97 1.04 -22.63
CA GLU B 167 -13.27 0.38 -22.44
C GLU B 167 -13.29 -1.04 -23.02
N ASP B 168 -12.20 -1.79 -22.76
CA ASP B 168 -11.98 -3.18 -23.16
C ASP B 168 -12.35 -3.46 -24.64
N THR B 169 -13.38 -4.30 -24.89
CA THR B 169 -13.84 -4.69 -26.23
C THR B 169 -14.38 -3.53 -27.04
N PHE B 170 -15.05 -2.57 -26.37
CA PHE B 170 -15.65 -1.39 -26.99
C PHE B 170 -14.60 -0.46 -27.60
N SER B 171 -13.44 -0.31 -26.93
CA SER B 171 -12.35 0.57 -27.35
C SER B 171 -11.28 -0.08 -28.23
N SER B 172 -11.30 -1.42 -28.34
CA SER B 172 -10.34 -2.24 -29.10
C SER B 172 -10.04 -1.76 -30.52
N LEU B 173 -8.79 -1.94 -30.98
CA LEU B 173 -8.38 -1.58 -32.32
C LEU B 173 -8.92 -2.61 -33.29
N LYS B 174 -9.84 -2.20 -34.17
CA LYS B 174 -10.44 -3.09 -35.18
C LYS B 174 -9.55 -3.16 -36.41
N LEU B 175 -9.47 -4.35 -37.02
CA LEU B 175 -8.67 -4.66 -38.20
C LEU B 175 -9.59 -4.94 -39.39
N SER B 176 -9.73 -3.94 -40.28
CA SER B 176 -10.57 -4.04 -41.49
C SER B 176 -9.80 -4.79 -42.59
N ASP B 177 -9.48 -6.08 -42.34
CA ASP B 177 -8.67 -6.97 -43.22
C ASP B 177 -7.33 -6.29 -43.60
N SER B 178 -6.86 -5.39 -42.70
CA SER B 178 -5.65 -4.57 -42.84
C SER B 178 -4.48 -5.07 -41.99
N LYS B 179 -3.26 -4.79 -42.45
CA LYS B 179 -2.01 -5.18 -41.80
C LYS B 179 -1.65 -4.12 -40.77
N ILE B 180 -1.55 -4.53 -39.49
CA ILE B 180 -1.17 -3.65 -38.39
C ILE B 180 0.28 -3.95 -38.02
N THR B 181 1.13 -2.93 -38.03
CA THR B 181 2.54 -3.08 -37.67
C THR B 181 2.86 -2.33 -36.39
N VAL B 182 3.33 -3.07 -35.38
CA VAL B 182 3.73 -2.51 -34.09
C VAL B 182 5.26 -2.40 -34.12
N THR B 183 5.75 -1.16 -34.04
CA THR B 183 7.17 -0.84 -34.14
C THR B 183 7.66 -0.32 -32.79
N VAL B 184 8.67 -0.99 -32.23
CA VAL B 184 9.24 -0.61 -30.95
C VAL B 184 10.71 -0.21 -31.13
N THR B 185 11.01 1.06 -30.88
CA THR B 185 12.36 1.63 -30.96
C THR B 185 12.94 1.57 -29.55
N PHE B 186 14.14 0.98 -29.40
CA PHE B 186 14.79 0.81 -28.10
C PHE B 186 15.89 1.82 -27.82
N ASN B 187 15.94 2.31 -26.58
CA ASN B 187 16.96 3.20 -26.06
C ASN B 187 18.26 2.39 -25.92
N PRO B 188 19.47 3.00 -25.97
CA PRO B 188 20.70 2.21 -25.77
C PRO B 188 20.73 1.55 -24.39
N VAL B 189 21.36 0.37 -24.28
CA VAL B 189 21.46 -0.40 -23.03
C VAL B 189 22.15 0.44 -21.90
N SER B 190 22.89 1.50 -22.27
CA SER B 190 23.55 2.40 -21.33
C SER B 190 22.53 3.05 -20.39
N ASP B 191 21.35 3.42 -20.93
CA ASP B 191 20.24 4.05 -20.21
C ASP B 191 19.65 3.18 -19.11
N ILE B 192 19.47 1.86 -19.38
CA ILE B 192 18.86 0.90 -18.45
C ILE B 192 19.83 0.25 -17.45
N VAL B 193 21.12 0.61 -17.51
CA VAL B 193 22.15 0.01 -16.68
C VAL B 193 22.87 1.01 -15.76
N ILE B 194 23.08 0.61 -14.49
CA ILE B 194 23.82 1.34 -13.45
C ILE B 194 25.06 0.48 -13.18
N ARG B 195 26.26 1.02 -13.49
N ARG B 195 26.25 1.02 -13.50
CA ARG B 195 27.52 0.30 -13.37
CA ARG B 195 27.53 0.30 -13.36
C ARG B 195 28.69 1.20 -12.89
C ARG B 195 28.68 1.20 -12.91
N ASP B 196 29.77 0.59 -12.39
CA ASP B 196 30.98 1.31 -11.94
C ASP B 196 32.04 1.30 -13.06
N SER B 197 33.24 1.85 -12.80
CA SER B 197 34.34 1.89 -13.78
C SER B 197 34.93 0.49 -14.01
N SER B 198 34.94 -0.36 -12.96
CA SER B 198 35.44 -1.72 -12.96
C SER B 198 34.69 -2.64 -13.93
N PHE B 199 33.39 -2.38 -14.15
CA PHE B 199 32.55 -3.16 -15.06
C PHE B 199 32.96 -2.92 -16.52
N ASP B 200 33.13 -4.01 -17.30
CA ASP B 200 33.50 -3.94 -18.72
C ASP B 200 32.24 -3.64 -19.55
N PHE B 201 31.82 -2.36 -19.55
CA PHE B 201 30.64 -1.94 -20.30
C PHE B 201 30.84 -2.05 -21.82
N GLU B 202 32.05 -1.73 -22.32
CA GLU B 202 32.42 -1.77 -23.74
C GLU B 202 32.04 -3.13 -24.37
N THR B 203 32.42 -4.24 -23.70
CA THR B 203 32.13 -5.60 -24.13
C THR B 203 30.64 -5.88 -24.00
N PHE B 204 30.03 -5.45 -22.86
CA PHE B 204 28.60 -5.64 -22.58
C PHE B 204 27.72 -5.00 -23.63
N ASN B 205 28.00 -3.73 -24.00
CA ASN B 205 27.25 -2.97 -25.02
C ASN B 205 27.31 -3.65 -26.39
N LYS B 206 28.45 -4.30 -26.71
CA LYS B 206 28.66 -5.04 -27.95
C LYS B 206 27.85 -6.35 -27.94
N GLU B 207 27.97 -7.11 -26.84
CA GLU B 207 27.33 -8.41 -26.64
C GLU B 207 25.81 -8.36 -26.38
N PHE B 208 25.30 -7.25 -25.79
CA PHE B 208 23.87 -7.10 -25.49
C PHE B 208 23.02 -6.92 -26.73
N VAL B 209 21.89 -7.64 -26.76
CA VAL B 209 20.88 -7.59 -27.81
C VAL B 209 19.49 -7.66 -27.19
N TYR B 210 18.59 -6.78 -27.63
CA TYR B 210 17.21 -6.78 -27.16
C TYR B 210 16.47 -7.96 -27.78
N VAL B 211 15.87 -8.82 -26.95
CA VAL B 211 15.14 -10.00 -27.42
C VAL B 211 13.64 -9.81 -27.10
N PRO B 212 12.90 -9.09 -27.98
CA PRO B 212 11.49 -8.81 -27.68
C PRO B 212 10.46 -9.78 -28.27
N GLU B 213 9.27 -9.79 -27.66
CA GLU B 213 8.13 -10.60 -28.08
C GLU B 213 6.85 -9.82 -27.75
N LEU B 214 6.01 -9.54 -28.77
CA LEU B 214 4.79 -8.78 -28.55
C LEU B 214 3.57 -9.67 -28.37
N SER B 215 2.93 -9.55 -27.21
CA SER B 215 1.71 -10.26 -26.86
C SER B 215 0.56 -9.25 -26.90
N PHE B 216 -0.66 -9.72 -27.24
CA PHE B 216 -1.86 -8.90 -27.30
C PHE B 216 -3.10 -9.76 -27.17
N ILE B 217 -4.23 -9.16 -26.78
CA ILE B 217 -5.49 -9.91 -26.69
C ILE B 217 -6.20 -9.74 -28.03
N GLY B 218 -6.23 -10.81 -28.81
CA GLY B 218 -6.89 -10.85 -30.13
C GLY B 218 -8.33 -11.31 -29.97
N TYR B 219 -9.24 -10.73 -30.76
CA TYR B 219 -10.67 -11.06 -30.71
C TYR B 219 -11.19 -11.49 -32.07
N MET B 220 -11.75 -12.71 -32.16
CA MET B 220 -12.36 -13.18 -33.40
C MET B 220 -13.84 -12.86 -33.28
N VAL B 221 -14.31 -11.87 -34.06
CA VAL B 221 -15.69 -11.40 -33.98
C VAL B 221 -16.54 -11.87 -35.16
N LYS B 222 -17.63 -12.59 -34.84
CA LYS B 222 -18.61 -13.06 -35.84
C LYS B 222 -19.56 -11.89 -36.13
N ASN B 223 -19.64 -11.48 -37.41
CA ASN B 223 -20.46 -10.38 -37.93
C ASN B 223 -20.23 -9.07 -37.16
N VAL B 224 -19.00 -8.54 -37.25
CA VAL B 224 -18.62 -7.29 -36.58
C VAL B 224 -19.32 -6.09 -37.22
N GLN B 225 -19.78 -5.15 -36.39
CA GLN B 225 -20.45 -3.93 -36.83
C GLN B 225 -19.57 -2.76 -36.41
N ILE B 226 -18.58 -2.41 -37.25
CA ILE B 226 -17.61 -1.35 -36.95
C ILE B 226 -18.22 0.04 -37.14
N LYS B 227 -18.03 0.91 -36.13
CA LYS B 227 -18.46 2.32 -36.10
C LYS B 227 -17.21 3.19 -35.87
N PRO B 228 -17.16 4.45 -36.37
CA PRO B 228 -15.95 5.28 -36.13
C PRO B 228 -15.79 5.69 -34.67
N SER B 229 -14.53 5.87 -34.26
CA SER B 229 -14.17 6.24 -32.89
C SER B 229 -13.19 7.41 -32.85
N PHE B 230 -12.89 7.89 -31.64
CA PHE B 230 -11.96 8.98 -31.41
C PHE B 230 -10.76 8.50 -30.60
N ILE B 231 -9.59 9.11 -30.83
CA ILE B 231 -8.35 8.71 -30.17
C ILE B 231 -7.51 9.94 -29.77
N GLU B 232 -6.91 9.89 -28.57
CA GLU B 232 -6.05 10.95 -28.06
C GLU B 232 -4.60 10.56 -28.33
N LYS B 233 -3.88 11.35 -29.13
CA LYS B 233 -2.48 11.07 -29.47
C LYS B 233 -1.53 12.06 -28.79
N PRO B 234 -0.58 11.58 -27.95
CA PRO B 234 0.34 12.52 -27.28
C PRO B 234 1.44 13.04 -28.20
N ARG B 235 1.88 14.29 -27.95
CA ARG B 235 2.92 14.98 -28.72
C ARG B 235 3.76 15.81 -27.75
N ARG B 236 5.03 15.43 -27.52
CA ARG B 236 5.87 16.16 -26.58
C ARG B 236 6.82 17.15 -27.28
N VAL B 237 7.18 18.22 -26.55
CA VAL B 237 8.09 19.27 -27.00
C VAL B 237 9.08 19.51 -25.85
N ILE B 238 10.38 19.34 -26.15
CA ILE B 238 11.42 19.55 -25.14
C ILE B 238 12.10 20.86 -25.46
N GLY B 239 12.04 21.79 -24.51
CA GLY B 239 12.66 23.10 -24.61
C GLY B 239 14.18 23.03 -24.62
N GLN B 240 14.84 24.14 -25.03
CA GLN B 240 16.30 24.23 -25.08
C GLN B 240 16.90 24.21 -23.67
N ILE B 241 18.17 23.77 -23.56
CA ILE B 241 18.89 23.65 -22.30
C ILE B 241 18.88 24.99 -21.55
N ASN B 242 18.33 24.96 -20.32
CA ASN B 242 18.16 26.03 -19.34
C ASN B 242 17.22 27.17 -19.82
N GLN B 243 16.29 26.87 -20.75
CA GLN B 243 15.31 27.84 -21.22
C GLN B 243 13.97 27.65 -20.51
N PRO B 244 13.36 28.73 -19.95
CA PRO B 244 12.08 28.56 -19.25
C PRO B 244 10.83 28.61 -20.13
N THR B 245 11.01 28.36 -21.45
CA THR B 245 9.90 28.39 -22.42
C THR B 245 9.93 27.23 -23.40
N ALA B 246 8.73 26.80 -23.84
CA ALA B 246 8.50 25.75 -24.83
C ALA B 246 7.15 26.02 -25.49
N THR B 247 7.06 25.76 -26.81
CA THR B 247 5.84 26.00 -27.58
C THR B 247 5.45 24.78 -28.39
N VAL B 248 4.15 24.45 -28.35
CA VAL B 248 3.56 23.34 -29.10
C VAL B 248 2.77 24.00 -30.23
N THR B 249 3.21 23.78 -31.47
CA THR B 249 2.58 24.34 -32.68
C THR B 249 1.40 23.47 -33.15
N GLU B 250 0.54 24.03 -34.02
CA GLU B 250 -0.64 23.40 -34.64
C GLU B 250 -1.54 22.67 -33.61
N VAL B 251 -1.95 23.39 -32.55
CA VAL B 251 -2.86 22.85 -31.54
C VAL B 251 -4.27 23.24 -31.99
N HIS B 252 -5.07 22.25 -32.44
CA HIS B 252 -6.42 22.51 -32.95
C HIS B 252 -7.52 21.90 -32.09
N ALA B 253 -7.27 20.72 -31.53
CA ALA B 253 -8.23 20.03 -30.67
C ALA B 253 -7.47 19.19 -29.63
N ALA B 254 -7.13 19.80 -28.48
CA ALA B 254 -6.37 19.14 -27.43
C ALA B 254 -7.22 18.80 -26.21
N THR B 255 -7.11 17.54 -25.74
CA THR B 255 -7.85 17.04 -24.57
C THR B 255 -7.12 17.33 -23.26
N SER B 256 -5.78 17.49 -23.32
CA SER B 256 -4.94 17.78 -22.15
C SER B 256 -3.58 18.39 -22.51
N LEU B 257 -2.96 19.08 -21.54
CA LEU B 257 -1.63 19.66 -21.66
C LEU B 257 -0.86 19.46 -20.35
N SER B 258 0.22 18.66 -20.39
CA SER B 258 1.06 18.39 -19.22
C SER B 258 2.37 19.13 -19.31
N VAL B 259 2.84 19.66 -18.18
CA VAL B 259 4.09 20.41 -18.09
C VAL B 259 4.95 19.85 -16.95
N TYR B 260 6.21 19.52 -17.25
CA TYR B 260 7.18 19.04 -16.28
C TYR B 260 8.61 19.40 -16.71
N THR B 261 9.58 19.17 -15.83
CA THR B 261 10.99 19.47 -16.06
C THR B 261 11.79 18.18 -16.13
N LYS B 262 12.93 18.22 -16.82
CA LYS B 262 13.87 17.11 -16.97
C LYS B 262 15.29 17.62 -16.81
N PRO B 263 16.17 16.91 -16.08
CA PRO B 263 17.56 17.38 -15.98
C PRO B 263 18.36 16.92 -17.21
N TYR B 264 19.40 17.68 -17.57
CA TYR B 264 20.29 17.35 -18.67
C TYR B 264 21.70 17.16 -18.10
N TYR B 265 22.26 15.95 -18.29
CA TYR B 265 23.57 15.61 -17.74
C TYR B 265 24.67 15.45 -18.80
N GLY B 266 24.55 16.18 -19.91
CA GLY B 266 25.52 16.18 -20.99
C GLY B 266 26.86 16.76 -20.60
N ASN B 267 26.85 17.80 -19.74
CA ASN B 267 28.02 18.50 -19.24
C ASN B 267 28.79 17.67 -18.18
N THR B 268 28.31 16.45 -17.88
CA THR B 268 28.88 15.54 -16.89
C THR B 268 29.20 14.17 -17.51
N ASP B 269 29.88 13.30 -16.74
CA ASP B 269 30.23 11.93 -17.15
C ASP B 269 29.13 10.93 -16.70
N ASN B 270 28.00 11.46 -16.14
CA ASN B 270 26.84 10.74 -15.63
C ASN B 270 27.18 9.85 -14.42
N LYS B 271 28.31 10.12 -13.74
CA LYS B 271 28.77 9.39 -12.56
C LYS B 271 28.22 10.04 -11.29
N PHE B 272 27.77 9.22 -10.33
CA PHE B 272 27.20 9.64 -9.06
C PHE B 272 27.86 8.85 -7.92
N ILE B 273 28.08 9.51 -6.76
CA ILE B 273 28.72 8.92 -5.58
C ILE B 273 27.98 7.67 -5.08
N SER B 274 26.65 7.76 -4.89
CA SER B 274 25.85 6.68 -4.35
C SER B 274 24.55 6.39 -5.10
N TYR B 275 24.03 5.16 -4.90
CA TYR B 275 22.76 4.68 -5.42
C TYR B 275 22.17 3.66 -4.42
N PRO B 276 20.87 3.77 -4.04
CA PRO B 276 20.32 2.87 -3.02
C PRO B 276 19.89 1.47 -3.47
N GLY B 277 19.93 1.22 -4.78
CA GLY B 277 19.54 -0.06 -5.36
C GLY B 277 18.04 -0.18 -5.53
N TYR B 278 17.47 -1.33 -5.08
CA TYR B 278 16.05 -1.63 -5.14
C TYR B 278 15.20 -0.71 -4.27
N SER B 279 15.69 -0.39 -3.04
CA SER B 279 15.02 0.50 -2.09
C SER B 279 15.04 1.91 -2.68
N GLN B 280 13.86 2.39 -3.14
CA GLN B 280 13.72 3.65 -3.87
C GLN B 280 13.12 4.84 -3.09
N ASP B 281 12.94 4.74 -1.76
CA ASP B 281 12.40 5.88 -1.00
C ASP B 281 13.43 7.01 -0.88
N GLU B 282 12.95 8.25 -0.64
CA GLU B 282 13.80 9.43 -0.47
C GLU B 282 14.83 9.15 0.64
N LYS B 283 14.37 8.58 1.78
CA LYS B 283 15.22 8.21 2.91
C LYS B 283 16.28 7.20 2.48
N ASP B 284 15.90 6.22 1.62
CA ASP B 284 16.81 5.19 1.12
C ASP B 284 17.94 5.79 0.30
N TYR B 285 17.62 6.80 -0.55
CA TYR B 285 18.60 7.53 -1.37
C TYR B 285 19.58 8.28 -0.47
N ILE B 286 19.04 8.99 0.55
CA ILE B 286 19.79 9.76 1.54
C ILE B 286 20.72 8.86 2.35
N ASP B 287 20.19 7.76 2.92
CA ASP B 287 20.95 6.80 3.73
C ASP B 287 22.11 6.17 2.97
N ALA B 288 21.90 5.83 1.68
CA ALA B 288 22.93 5.25 0.81
C ALA B 288 24.09 6.22 0.62
N TYR B 289 23.79 7.54 0.54
CA TYR B 289 24.77 8.62 0.39
C TYR B 289 25.58 8.80 1.66
N VAL B 290 24.90 8.92 2.81
CA VAL B 290 25.51 9.07 4.15
C VAL B 290 26.46 7.89 4.41
N SER B 291 26.00 6.66 4.11
CA SER B 291 26.78 5.43 4.27
C SER B 291 28.08 5.44 3.46
N ARG B 292 28.03 5.98 2.22
CA ARG B 292 29.20 6.05 1.33
C ARG B 292 30.21 7.10 1.83
N LEU B 293 29.71 8.25 2.33
CA LEU B 293 30.52 9.35 2.85
C LEU B 293 31.19 9.03 4.18
N LEU B 294 30.47 8.32 5.09
CA LEU B 294 30.93 7.96 6.44
C LEU B 294 32.26 7.21 6.49
N ASP B 295 32.60 6.46 5.42
CA ASP B 295 33.84 5.70 5.31
C ASP B 295 35.07 6.61 5.36
N ASP B 296 34.95 7.82 4.77
CA ASP B 296 35.99 8.85 4.73
C ASP B 296 35.76 10.00 5.71
N LEU B 297 34.50 10.19 6.17
CA LEU B 297 34.12 11.28 7.06
C LEU B 297 34.71 11.14 8.48
N VAL B 298 34.58 9.95 9.10
CA VAL B 298 35.12 9.68 10.44
C VAL B 298 36.12 8.52 10.35
N ILE B 299 37.41 8.82 10.59
CA ILE B 299 38.51 7.86 10.49
C ILE B 299 39.16 7.60 11.85
N VAL B 300 39.33 6.32 12.21
CA VAL B 300 40.02 5.90 13.43
C VAL B 300 41.38 5.40 12.96
N SER B 301 42.44 6.20 13.22
CA SER B 301 43.78 5.90 12.74
C SER B 301 44.88 6.12 13.78
N ASP B 302 46.02 5.43 13.59
CA ASP B 302 47.23 5.55 14.41
C ASP B 302 48.01 6.68 13.74
N GLY B 303 47.82 7.89 14.24
CA GLY B 303 48.41 9.10 13.67
C GLY B 303 47.54 9.69 12.56
N PRO B 304 47.92 10.84 11.95
CA PRO B 304 47.08 11.42 10.90
C PRO B 304 46.77 10.46 9.73
N PRO B 305 45.48 10.39 9.28
CA PRO B 305 45.13 9.46 8.19
C PRO B 305 45.82 9.76 6.86
N THR B 306 46.14 8.69 6.12
CA THR B 306 46.81 8.75 4.82
C THR B 306 45.92 8.16 3.73
N GLY B 307 46.20 8.52 2.48
CA GLY B 307 45.45 8.06 1.32
C GLY B 307 44.41 9.03 0.84
N TYR B 308 44.49 10.27 1.32
CA TYR B 308 43.59 11.37 0.97
C TYR B 308 44.37 12.50 0.27
N PRO B 309 43.73 13.32 -0.61
CA PRO B 309 44.47 14.40 -1.28
C PRO B 309 45.08 15.42 -0.32
N GLU B 310 46.09 16.19 -0.78
CA GLU B 310 46.74 17.22 0.03
C GLU B 310 45.72 18.31 0.41
N SER B 311 44.74 18.55 -0.50
CA SER B 311 43.64 19.50 -0.38
C SER B 311 42.71 19.20 0.81
N ALA B 312 42.65 17.92 1.23
CA ALA B 312 41.83 17.45 2.34
C ALA B 312 42.39 17.88 3.68
N GLU B 313 41.52 18.39 4.56
CA GLU B 313 41.84 18.85 5.90
C GLU B 313 41.20 17.93 6.94
N ILE B 314 41.93 16.88 7.34
CA ILE B 314 41.48 15.92 8.33
C ILE B 314 41.97 16.38 9.70
N VAL B 315 41.02 16.65 10.60
CA VAL B 315 41.26 17.19 11.94
C VAL B 315 40.99 16.13 13.02
N GLU B 316 41.87 16.06 14.04
CA GLU B 316 41.72 15.15 15.19
C GLU B 316 40.60 15.68 16.08
N VAL B 317 39.66 14.80 16.46
CA VAL B 317 38.52 15.15 17.31
C VAL B 317 39.01 15.44 18.75
N PRO B 318 38.72 16.64 19.31
CA PRO B 318 39.17 16.93 20.68
C PRO B 318 38.41 16.17 21.76
N GLU B 319 38.90 16.21 23.02
CA GLU B 319 38.30 15.52 24.17
C GLU B 319 36.81 15.81 24.36
N ASP B 320 36.36 17.07 24.08
CA ASP B 320 34.96 17.50 24.19
C ASP B 320 34.05 16.85 23.13
N GLY B 321 34.66 16.32 22.06
CA GLY B 321 33.97 15.66 20.95
C GLY B 321 33.54 16.57 19.82
N ILE B 322 33.54 17.90 20.05
CA ILE B 322 33.11 18.89 19.06
C ILE B 322 34.27 19.41 18.20
N VAL B 323 34.10 19.32 16.87
CA VAL B 323 35.02 19.82 15.86
C VAL B 323 34.28 20.97 15.18
N SER B 324 34.92 22.16 15.13
CA SER B 324 34.30 23.35 14.55
C SER B 324 34.77 23.65 13.13
N ILE B 325 33.90 23.37 12.14
CA ILE B 325 34.16 23.68 10.74
C ILE B 325 33.42 24.99 10.54
N GLN B 326 34.16 26.12 10.65
CA GLN B 326 33.63 27.49 10.58
C GLN B 326 32.52 27.66 11.64
N ASP B 327 31.29 28.01 11.23
CA ASP B 327 30.14 28.19 12.12
C ASP B 327 29.51 26.84 12.54
N ALA B 328 29.73 25.79 11.72
CA ALA B 328 29.17 24.44 11.93
C ALA B 328 29.96 23.61 12.93
N ASP B 329 29.26 23.04 13.93
CA ASP B 329 29.84 22.19 14.97
C ASP B 329 29.45 20.73 14.75
N VAL B 330 30.46 19.83 14.71
CA VAL B 330 30.26 18.40 14.49
C VAL B 330 30.69 17.63 15.74
N TYR B 331 29.75 16.92 16.37
CA TYR B 331 29.99 16.11 17.55
C TYR B 331 30.33 14.68 17.12
N VAL B 332 31.57 14.24 17.37
CA VAL B 332 32.04 12.90 17.00
C VAL B 332 32.54 12.17 18.25
N LYS B 333 31.89 11.04 18.60
CA LYS B 333 32.28 10.21 19.75
C LYS B 333 32.17 8.72 19.41
N ILE B 334 33.33 8.06 19.23
CA ILE B 334 33.41 6.64 18.88
C ILE B 334 33.90 5.83 20.09
N ASP B 335 33.19 4.74 20.44
CA ASP B 335 33.55 3.86 21.56
C ASP B 335 34.59 2.82 21.12
N ASN B 336 35.23 2.17 22.13
CA ASN B 336 36.24 1.11 22.00
C ASN B 336 37.38 1.45 21.00
N VAL B 337 37.84 2.71 21.04
CA VAL B 337 38.94 3.17 20.18
C VAL B 337 40.25 2.75 20.87
N PRO B 338 41.17 2.04 20.16
CA PRO B 338 42.43 1.62 20.80
C PRO B 338 43.25 2.79 21.34
N ASP B 339 44.09 2.51 22.36
CA ASP B 339 44.95 3.50 23.02
C ASP B 339 45.96 4.15 22.08
N ASN B 340 46.46 3.40 21.08
CA ASN B 340 47.43 3.88 20.08
C ASN B 340 46.78 4.71 18.96
N MET B 341 45.45 4.60 18.81
CA MET B 341 44.69 5.30 17.76
C MET B 341 43.88 6.49 18.27
N SER B 342 43.55 7.41 17.35
CA SER B 342 42.75 8.61 17.61
C SER B 342 41.60 8.77 16.61
N VAL B 343 40.54 9.50 16.99
CA VAL B 343 39.38 9.75 16.14
C VAL B 343 39.62 11.02 15.32
N TYR B 344 39.46 10.92 14.00
CA TYR B 344 39.66 11.98 13.04
C TYR B 344 38.40 12.29 12.24
N LEU B 345 38.21 13.57 11.85
CA LEU B 345 37.07 14.02 11.04
C LEU B 345 37.54 14.75 9.79
N HIS B 346 37.03 14.33 8.63
CA HIS B 346 37.33 14.97 7.36
C HIS B 346 36.44 16.21 7.34
N THR B 347 37.04 17.40 7.53
CA THR B 347 36.31 18.66 7.61
C THR B 347 35.91 19.24 6.23
N ASN B 348 36.39 18.66 5.12
CA ASN B 348 36.05 19.15 3.77
C ASN B 348 35.96 18.02 2.74
N LEU B 349 35.13 17.00 3.03
CA LEU B 349 34.93 15.82 2.19
C LEU B 349 34.55 16.17 0.75
N LEU B 350 33.58 17.08 0.59
CA LEU B 350 33.12 17.60 -0.69
C LEU B 350 32.83 19.08 -0.47
N MET B 351 33.53 19.96 -1.21
CA MET B 351 33.36 21.41 -1.07
C MET B 351 33.25 22.15 -2.42
N PHE B 352 32.46 23.24 -2.44
CA PHE B 352 32.27 24.04 -3.65
C PHE B 352 32.32 25.53 -3.34
N GLY B 353 32.88 26.28 -4.30
CA GLY B 353 33.02 27.73 -4.23
C GLY B 353 33.32 28.35 -5.59
N THR B 354 32.77 29.55 -5.84
CA THR B 354 32.98 30.29 -7.10
C THR B 354 34.16 31.28 -6.98
N ARG B 355 34.33 31.89 -5.78
CA ARG B 355 35.42 32.83 -5.46
C ARG B 355 36.26 32.29 -4.32
N LYS B 356 37.59 32.56 -4.35
CA LYS B 356 38.59 32.06 -3.39
C LYS B 356 38.32 32.39 -1.92
N ASN B 357 37.71 33.55 -1.62
CA ASN B 357 37.42 33.91 -0.24
C ASN B 357 35.97 34.34 -0.03
N SER B 358 35.03 33.54 -0.58
CA SER B 358 33.58 33.78 -0.50
C SER B 358 32.89 32.64 0.29
N PHE B 359 31.56 32.47 0.06
CA PHE B 359 30.76 31.41 0.70
C PHE B 359 31.19 30.05 0.15
N ILE B 360 31.23 29.03 1.03
CA ILE B 360 31.63 27.66 0.70
C ILE B 360 30.52 26.69 1.09
N TYR B 361 30.25 25.72 0.19
CA TYR B 361 29.28 24.66 0.43
C TYR B 361 30.06 23.38 0.69
N ASN B 362 30.15 23.00 1.96
CA ASN B 362 30.89 21.84 2.45
C ASN B 362 29.94 20.76 2.95
N ILE B 363 30.06 19.54 2.39
CA ILE B 363 29.21 18.42 2.78
C ILE B 363 29.45 17.97 4.22
N SER B 364 30.68 18.18 4.75
CA SER B 364 31.04 17.82 6.12
C SER B 364 30.30 18.71 7.14
N LYS B 365 29.94 19.95 6.72
CA LYS B 365 29.19 20.93 7.51
C LYS B 365 27.71 20.50 7.65
N LYS B 366 27.25 19.61 6.75
CA LYS B 366 25.88 19.06 6.73
C LYS B 366 25.68 17.92 7.76
N PHE B 367 26.70 17.67 8.61
CA PHE B 367 26.68 16.67 9.69
C PHE B 367 26.78 17.38 11.03
N SER B 368 26.01 16.94 12.04
CA SER B 368 26.01 17.56 13.36
C SER B 368 26.45 16.62 14.47
N ALA B 369 26.17 15.32 14.33
CA ALA B 369 26.55 14.29 15.30
C ALA B 369 26.80 12.93 14.64
N ILE B 370 27.92 12.30 14.99
CA ILE B 370 28.34 10.98 14.51
C ILE B 370 28.81 10.15 15.71
N THR B 371 28.04 9.11 16.05
CA THR B 371 28.34 8.19 17.15
C THR B 371 28.45 6.78 16.62
N GLY B 372 29.36 6.01 17.21
CA GLY B 372 29.62 4.63 16.82
C GLY B 372 30.54 3.90 17.76
N THR B 373 30.95 2.68 17.36
CA THR B 373 31.85 1.82 18.13
C THR B 373 32.87 1.17 17.19
N TYR B 374 34.16 1.25 17.56
CA TYR B 374 35.24 0.66 16.79
C TYR B 374 35.29 -0.84 17.07
N SER B 375 35.35 -1.64 16.00
CA SER B 375 35.43 -3.09 16.10
C SER B 375 36.89 -3.53 15.98
N ASP B 376 37.40 -4.21 17.02
CA ASP B 376 38.78 -4.70 17.06
C ASP B 376 38.94 -5.88 16.09
N ALA B 377 37.88 -6.71 15.97
CA ALA B 377 37.85 -7.90 15.12
C ALA B 377 37.93 -7.58 13.62
N THR B 378 37.08 -6.66 13.13
CA THR B 378 37.04 -6.27 11.71
C THR B 378 37.89 -5.03 11.39
N LYS B 379 38.46 -4.38 12.43
CA LYS B 379 39.31 -3.18 12.33
C LYS B 379 38.61 -2.02 11.60
N ARG B 380 37.29 -1.88 11.84
CA ARG B 380 36.45 -0.84 11.23
C ARG B 380 35.46 -0.21 12.23
N THR B 381 34.98 1.00 11.92
CA THR B 381 34.02 1.73 12.74
C THR B 381 32.60 1.35 12.34
N ILE B 382 31.80 0.98 13.35
CA ILE B 382 30.40 0.59 13.17
C ILE B 382 29.57 1.77 13.71
N PHE B 383 29.03 2.58 12.80
CA PHE B 383 28.25 3.78 13.15
C PHE B 383 26.87 3.44 13.70
N ALA B 384 26.55 4.00 14.87
CA ALA B 384 25.28 3.79 15.57
C ALA B 384 24.20 4.79 15.15
N HIS B 385 24.40 6.08 15.46
CA HIS B 385 23.44 7.13 15.11
C HIS B 385 24.13 8.31 14.43
N ILE B 386 23.52 8.81 13.35
CA ILE B 386 24.02 9.97 12.59
C ILE B 386 22.95 11.06 12.57
N SER B 387 23.33 12.28 12.99
CA SER B 387 22.47 13.46 12.92
C SER B 387 23.04 14.31 11.80
N HIS B 388 22.26 14.48 10.73
CA HIS B 388 22.68 15.23 9.55
C HIS B 388 21.51 15.98 8.91
N SER B 389 21.85 16.83 7.91
CA SER B 389 20.89 17.62 7.14
C SER B 389 21.01 17.32 5.64
N ILE B 390 21.52 16.12 5.28
CA ILE B 390 21.68 15.65 3.89
C ILE B 390 20.30 15.51 3.24
N ASN B 391 20.15 16.03 2.02
CA ASN B 391 18.89 16.00 1.27
C ASN B 391 18.97 15.18 -0.03
N ILE B 392 17.80 14.98 -0.69
CA ILE B 392 17.67 14.25 -1.95
C ILE B 392 18.50 14.89 -3.07
N ILE B 393 18.71 16.23 -3.01
CA ILE B 393 19.48 16.97 -4.00
C ILE B 393 20.96 16.55 -3.93
N ASP B 394 21.54 16.49 -2.71
CA ASP B 394 22.94 16.09 -2.47
C ASP B 394 23.27 14.76 -3.15
N THR B 395 22.39 13.77 -2.98
CA THR B 395 22.49 12.42 -3.55
C THR B 395 22.42 12.43 -5.07
N SER B 396 21.75 13.47 -5.64
CA SER B 396 21.51 13.66 -7.07
C SER B 396 22.55 14.55 -7.79
N ILE B 397 23.60 14.99 -7.08
CA ILE B 397 24.66 15.81 -7.68
C ILE B 397 25.67 14.92 -8.43
N PRO B 398 25.86 15.10 -9.76
CA PRO B 398 26.88 14.30 -10.46
C PRO B 398 28.27 14.71 -9.97
N VAL B 399 29.18 13.73 -9.85
CA VAL B 399 30.56 13.88 -9.38
C VAL B 399 31.33 14.99 -10.15
N SER B 400 31.09 15.11 -11.48
CA SER B 400 31.71 16.10 -12.36
C SER B 400 31.62 17.52 -11.83
N LEU B 401 30.43 17.92 -11.33
CA LEU B 401 30.18 19.27 -10.80
C LEU B 401 31.01 19.59 -9.56
N TRP B 402 31.38 18.58 -8.75
CA TRP B 402 32.21 18.82 -7.57
C TRP B 402 33.62 19.18 -8.01
N THR B 403 34.10 18.57 -9.11
CA THR B 403 35.43 18.77 -9.68
C THR B 403 35.43 19.69 -10.91
N SER B 404 34.32 20.43 -11.13
CA SER B 404 34.15 21.35 -12.28
C SER B 404 35.13 22.53 -12.25
N GLN B 405 35.33 23.17 -13.42
CA GLN B 405 36.22 24.34 -13.58
C GLN B 405 35.74 25.52 -12.73
N ARG B 406 34.40 25.70 -12.61
CA ARG B 406 33.73 26.74 -11.81
C ARG B 406 34.23 26.73 -10.36
N ASN B 407 34.51 25.52 -9.81
CA ASN B 407 34.98 25.34 -8.44
C ASN B 407 36.44 25.74 -8.29
N VAL B 408 36.70 26.72 -7.41
CA VAL B 408 38.04 27.22 -7.09
C VAL B 408 38.82 26.20 -6.26
N TYR B 409 38.10 25.43 -5.42
CA TYR B 409 38.65 24.37 -4.57
C TYR B 409 38.82 23.08 -5.38
N ASN B 410 39.46 22.05 -4.78
CA ASN B 410 39.65 20.75 -5.43
C ASN B 410 38.29 20.07 -5.66
N GLY B 411 37.43 20.12 -4.65
CA GLY B 411 36.07 19.61 -4.70
C GLY B 411 35.87 18.24 -4.10
N ASP B 412 36.38 17.19 -4.78
CA ASP B 412 36.26 15.81 -4.33
C ASP B 412 37.49 15.42 -3.52
N ASN B 413 37.36 15.46 -2.19
CA ASN B 413 38.47 15.15 -1.29
C ASN B 413 38.36 13.75 -0.65
N ARG B 414 37.53 12.88 -1.26
CA ARG B 414 37.31 11.50 -0.83
C ARG B 414 38.54 10.65 -1.17
N SER B 415 38.63 9.44 -0.59
CA SER B 415 39.70 8.48 -0.84
C SER B 415 39.54 7.89 -2.25
N ALA B 416 40.62 7.32 -2.81
CA ALA B 416 40.61 6.70 -4.14
C ALA B 416 39.67 5.49 -4.16
N GLU B 417 39.53 4.81 -2.99
CA GLU B 417 38.67 3.65 -2.75
C GLU B 417 37.21 4.05 -2.95
N SER B 418 36.79 5.17 -2.30
CA SER B 418 35.44 5.72 -2.37
C SER B 418 35.09 6.16 -3.79
N LYS B 419 36.02 6.88 -4.45
CA LYS B 419 35.88 7.38 -5.83
C LYS B 419 35.69 6.25 -6.84
N ALA B 420 36.32 5.09 -6.59
CA ALA B 420 36.25 3.91 -7.44
C ALA B 420 34.88 3.25 -7.38
N LYS B 421 34.13 3.49 -6.28
CA LYS B 421 32.80 2.92 -6.04
C LYS B 421 31.67 3.76 -6.67
N ASP B 422 32.01 4.88 -7.36
CA ASP B 422 31.04 5.75 -8.03
C ASP B 422 30.35 5.02 -9.17
N LEU B 423 29.06 5.29 -9.36
CA LEU B 423 28.25 4.60 -10.37
C LEU B 423 27.71 5.52 -11.45
N PHE B 424 27.74 5.04 -12.70
CA PHE B 424 27.19 5.73 -13.86
C PHE B 424 25.67 5.49 -13.88
N ILE B 425 24.89 6.58 -13.85
CA ILE B 425 23.43 6.51 -13.91
C ILE B 425 22.99 7.29 -15.14
N ASN B 426 22.34 6.59 -16.09
CA ASN B 426 21.87 7.18 -17.34
C ASN B 426 20.37 6.98 -17.58
N ASP B 427 19.58 6.86 -16.47
CA ASP B 427 18.12 6.69 -16.53
C ASP B 427 17.50 7.75 -17.44
N PRO B 428 16.77 7.34 -18.49
CA PRO B 428 16.21 8.33 -19.42
C PRO B 428 14.96 9.06 -18.93
N PHE B 429 14.34 8.59 -17.84
CA PHE B 429 13.07 9.14 -17.36
C PHE B 429 13.20 9.94 -16.04
N ILE B 430 14.38 10.55 -15.77
CA ILE B 430 14.59 11.38 -14.58
C ILE B 430 13.84 12.70 -14.79
N LYS B 431 13.14 13.18 -13.74
CA LYS B 431 12.38 14.43 -13.78
C LYS B 431 12.85 15.36 -12.69
N GLY B 432 12.69 16.66 -12.90
CA GLY B 432 13.10 17.69 -11.94
C GLY B 432 14.61 17.85 -11.93
N ILE B 433 15.20 18.00 -10.74
CA ILE B 433 16.65 18.15 -10.56
C ILE B 433 17.21 17.12 -9.58
N ASP B 434 16.33 16.31 -8.98
CA ASP B 434 16.69 15.24 -8.05
C ASP B 434 16.12 13.89 -8.47
N PHE B 435 16.72 12.79 -7.99
CA PHE B 435 16.34 11.41 -8.33
C PHE B 435 14.91 11.03 -7.95
N LYS B 436 14.34 11.68 -6.92
CA LYS B 436 12.97 11.44 -6.48
C LYS B 436 11.95 12.46 -7.00
N ASN B 437 12.41 13.44 -7.81
CA ASN B 437 11.60 14.53 -8.37
C ASN B 437 10.84 15.31 -7.26
N LYS B 438 11.48 15.43 -6.08
CA LYS B 438 10.94 16.10 -4.89
C LYS B 438 10.89 17.61 -5.07
N THR B 439 12.04 18.22 -5.39
CA THR B 439 12.21 19.66 -5.54
C THR B 439 11.42 20.20 -6.72
N ASP B 440 10.43 21.08 -6.41
CA ASP B 440 9.61 21.73 -7.43
C ASP B 440 10.32 23.04 -7.76
N ILE B 441 10.98 23.07 -8.92
CA ILE B 441 11.79 24.21 -9.35
C ILE B 441 10.97 25.23 -10.14
N ILE B 442 9.69 24.93 -10.41
CA ILE B 442 8.78 25.84 -11.09
C ILE B 442 8.10 26.65 -9.98
N SER B 443 8.38 27.96 -9.94
CA SER B 443 7.79 28.88 -8.95
C SER B 443 6.47 29.41 -9.48
N ARG B 444 6.39 29.57 -10.81
CA ARG B 444 5.20 30.05 -11.51
C ARG B 444 5.10 29.39 -12.89
N LEU B 445 3.87 29.09 -13.32
CA LEU B 445 3.56 28.49 -14.61
C LEU B 445 2.54 29.34 -15.35
N GLU B 446 2.85 29.68 -16.61
CA GLU B 446 1.98 30.45 -17.49
C GLU B 446 1.78 29.71 -18.79
N VAL B 447 0.52 29.49 -19.16
CA VAL B 447 0.14 28.82 -20.40
C VAL B 447 -0.62 29.84 -21.24
N ARG B 448 -0.12 30.09 -22.45
CA ARG B 448 -0.69 31.05 -23.40
C ARG B 448 -1.19 30.37 -24.67
N PHE B 449 -2.44 30.65 -25.05
CA PHE B 449 -3.07 30.14 -26.27
C PHE B 449 -3.10 31.34 -27.25
N GLY B 450 -1.94 31.60 -27.84
CA GLY B 450 -1.71 32.74 -28.72
C GLY B 450 -1.09 33.85 -27.91
N ASN B 451 -1.74 35.03 -27.88
CA ASN B 451 -1.28 36.17 -27.08
C ASN B 451 -1.94 36.17 -25.70
N ASP B 452 -3.19 35.67 -25.64
CA ASP B 452 -4.01 35.54 -24.43
C ASP B 452 -3.43 34.51 -23.45
N VAL B 453 -3.67 34.71 -22.14
CA VAL B 453 -3.22 33.79 -21.10
C VAL B 453 -4.34 32.83 -20.77
N LEU B 454 -4.23 31.58 -21.25
CA LEU B 454 -5.20 30.51 -21.02
C LEU B 454 -5.26 30.11 -19.54
N TYR B 455 -4.08 29.92 -18.91
CA TYR B 455 -3.98 29.52 -17.51
C TYR B 455 -2.67 30.02 -16.89
N SER B 456 -2.69 30.31 -15.59
CA SER B 456 -1.53 30.74 -14.81
C SER B 456 -1.69 30.27 -13.37
N GLU B 457 -0.57 29.84 -12.74
CA GLU B 457 -0.57 29.39 -11.35
C GLU B 457 0.74 29.71 -10.61
N ASN B 458 0.63 29.95 -9.30
CA ASN B 458 1.78 30.24 -8.42
C ASN B 458 2.14 29.02 -7.57
N GLY B 459 1.21 28.07 -7.50
CA GLY B 459 1.35 26.81 -6.79
C GLY B 459 1.05 25.64 -7.72
N PRO B 460 1.51 24.40 -7.41
CA PRO B 460 1.23 23.28 -8.32
C PRO B 460 -0.18 22.69 -8.16
N ILE B 461 -1.21 23.56 -8.19
CA ILE B 461 -2.62 23.18 -8.04
C ILE B 461 -3.08 22.30 -9.22
N SER B 462 -2.52 22.51 -10.44
CA SER B 462 -2.84 21.69 -11.60
C SER B 462 -2.28 20.26 -11.41
N ARG B 463 -1.12 20.12 -10.70
CA ARG B 463 -0.54 18.82 -10.38
C ARG B 463 -1.40 18.15 -9.30
N ILE B 464 -1.87 18.94 -8.29
CA ILE B 464 -2.76 18.47 -7.23
C ILE B 464 -4.06 17.90 -7.84
N TYR B 465 -4.68 18.63 -8.80
CA TYR B 465 -5.88 18.16 -9.49
C TYR B 465 -5.59 16.90 -10.31
N ASN B 466 -4.42 16.85 -10.99
CA ASN B 466 -4.01 15.70 -11.79
C ASN B 466 -3.87 14.47 -10.91
N GLU B 467 -3.17 14.60 -9.77
CA GLU B 467 -2.96 13.53 -8.79
C GLU B 467 -4.27 13.04 -8.19
N LEU B 468 -5.20 13.98 -7.89
CA LEU B 468 -6.49 13.67 -7.32
C LEU B 468 -7.42 12.98 -8.34
N LEU B 469 -7.61 13.60 -9.52
CA LEU B 469 -8.50 13.09 -10.58
C LEU B 469 -8.07 11.73 -11.16
N THR B 470 -6.74 11.46 -11.19
CA THR B 470 -6.23 10.19 -11.74
C THR B 470 -5.86 9.16 -10.65
N LYS B 471 -6.01 9.55 -9.36
CA LYS B 471 -5.66 8.73 -8.18
C LYS B 471 -4.19 8.25 -8.29
N SER B 472 -3.28 9.20 -8.58
CA SER B 472 -1.85 8.99 -8.76
C SER B 472 -1.06 9.75 -7.71
N ASN B 473 0.04 9.16 -7.23
CA ASN B 473 0.90 9.81 -6.24
C ASN B 473 2.02 10.57 -6.93
N ASN B 474 2.25 10.28 -8.23
CA ASN B 474 3.30 10.93 -9.03
C ASN B 474 2.75 11.55 -10.31
N GLY B 475 2.02 12.65 -10.16
CA GLY B 475 1.45 13.39 -11.27
C GLY B 475 2.31 14.53 -11.75
N THR B 476 1.81 15.27 -12.75
CA THR B 476 2.47 16.44 -13.36
C THR B 476 1.49 17.59 -13.43
N ARG B 477 1.99 18.84 -13.65
CA ARG B 477 1.15 20.02 -13.80
C ARG B 477 0.36 19.83 -15.11
N THR B 478 -0.88 19.34 -15.00
CA THR B 478 -1.72 19.01 -16.15
C THR B 478 -2.99 19.85 -16.23
N LEU B 479 -3.35 20.29 -17.46
CA LEU B 479 -4.59 21.02 -17.71
C LEU B 479 -5.45 20.10 -18.53
N THR B 480 -6.48 19.55 -17.91
CA THR B 480 -7.41 18.64 -18.56
C THR B 480 -8.54 19.46 -19.14
N PHE B 481 -8.88 19.19 -20.41
CA PHE B 481 -9.97 19.87 -21.12
C PHE B 481 -11.15 18.92 -21.29
N ASN B 482 -10.88 17.60 -21.25
CA ASN B 482 -11.89 16.56 -21.39
C ASN B 482 -12.33 15.95 -20.03
N PHE B 483 -13.52 16.36 -19.55
CA PHE B 483 -14.11 15.83 -18.32
C PHE B 483 -15.37 15.01 -18.68
N THR B 484 -15.51 14.72 -19.98
CA THR B 484 -16.59 13.93 -20.57
C THR B 484 -16.15 12.45 -20.59
N PRO B 485 -17.05 11.48 -20.31
CA PRO B 485 -16.63 10.06 -20.33
C PRO B 485 -16.03 9.63 -21.66
N LYS B 486 -14.89 8.92 -21.59
CA LYS B 486 -14.15 8.43 -22.76
C LYS B 486 -14.92 7.35 -23.51
N ILE B 487 -14.62 7.20 -24.82
CA ILE B 487 -15.15 6.19 -25.76
C ILE B 487 -16.64 6.43 -26.10
N PHE B 488 -17.53 6.51 -25.09
CA PHE B 488 -18.97 6.69 -25.30
C PHE B 488 -19.36 8.12 -25.75
N PHE B 489 -18.41 9.07 -25.73
CA PHE B 489 -18.62 10.46 -26.13
C PHE B 489 -17.44 11.01 -26.92
N ARG B 490 -17.69 12.03 -27.76
CA ARG B 490 -16.63 12.72 -28.49
C ARG B 490 -15.91 13.58 -27.44
N PRO B 491 -14.59 13.42 -27.21
CA PRO B 491 -13.91 14.20 -26.17
C PRO B 491 -14.01 15.72 -26.35
N THR B 492 -14.13 16.43 -25.24
CA THR B 492 -14.18 17.88 -25.20
C THR B 492 -12.74 18.35 -25.41
N THR B 493 -12.54 19.31 -26.31
CA THR B 493 -11.21 19.82 -26.64
C THR B 493 -11.13 21.34 -26.55
N ILE B 494 -9.89 21.87 -26.55
CA ILE B 494 -9.63 23.30 -26.59
C ILE B 494 -9.55 23.68 -28.08
N THR B 495 -10.61 24.32 -28.57
CA THR B 495 -10.77 24.71 -29.97
C THR B 495 -9.89 25.92 -30.34
N ALA B 496 -9.16 25.80 -31.46
CA ALA B 496 -8.24 26.81 -31.98
C ALA B 496 -8.88 27.89 -32.84
N ASN B 497 -8.19 29.04 -32.98
CA ASN B 497 -8.59 30.17 -33.83
C ASN B 497 -7.34 30.61 -34.61
N VAL B 498 -7.08 29.92 -35.74
CA VAL B 498 -5.92 30.12 -36.63
C VAL B 498 -5.77 31.58 -37.09
N SER B 499 -6.91 32.25 -37.40
CA SER B 499 -6.95 33.65 -37.84
C SER B 499 -6.45 34.62 -36.76
N ARG B 500 -6.79 34.35 -35.47
CA ARG B 500 -6.38 35.17 -34.33
C ARG B 500 -4.99 34.76 -33.77
N GLY B 501 -4.36 33.76 -34.39
CA GLY B 501 -3.06 33.25 -33.97
C GLY B 501 -3.13 32.33 -32.76
N LYS B 502 -4.35 31.80 -32.47
CA LYS B 502 -4.67 30.91 -31.35
C LYS B 502 -4.55 29.43 -31.76
N ASP B 503 -3.44 29.09 -32.47
CA ASP B 503 -3.18 27.72 -32.92
C ASP B 503 -1.82 27.21 -32.39
N LYS B 504 -1.43 27.71 -31.20
CA LYS B 504 -0.18 27.36 -30.50
C LYS B 504 -0.32 27.49 -28.98
N LEU B 505 0.37 26.62 -28.24
CA LEU B 505 0.37 26.66 -26.78
C LEU B 505 1.77 27.00 -26.29
N SER B 506 1.94 28.24 -25.83
CA SER B 506 3.23 28.72 -25.34
C SER B 506 3.28 28.63 -23.81
N VAL B 507 4.18 27.78 -23.30
CA VAL B 507 4.35 27.56 -21.86
C VAL B 507 5.58 28.33 -21.39
N ARG B 508 5.42 29.16 -20.35
CA ARG B 508 6.50 29.93 -19.74
C ARG B 508 6.52 29.64 -18.24
N VAL B 509 7.71 29.31 -17.71
CA VAL B 509 7.89 29.06 -16.28
C VAL B 509 8.85 30.06 -15.63
N VAL B 510 8.79 30.16 -14.31
CA VAL B 510 9.68 31.00 -13.53
C VAL B 510 10.47 30.01 -12.66
N TYR B 511 11.69 29.68 -13.09
CA TYR B 511 12.53 28.74 -12.33
C TYR B 511 12.99 29.39 -11.03
N SER B 512 13.15 28.57 -9.98
CA SER B 512 13.62 29.03 -8.68
C SER B 512 15.05 29.55 -8.79
N THR B 513 15.40 30.56 -8.00
CA THR B 513 16.75 31.10 -8.00
C THR B 513 17.59 30.35 -6.98
N MET B 514 18.63 29.68 -7.47
CA MET B 514 19.52 28.85 -6.65
C MET B 514 20.84 29.56 -6.37
N ASP B 515 21.57 29.08 -5.34
CA ASP B 515 22.86 29.63 -4.93
C ASP B 515 23.96 29.12 -5.88
N VAL B 516 24.87 30.01 -6.32
CA VAL B 516 25.97 29.66 -7.24
C VAL B 516 27.02 28.76 -6.59
N ASN B 517 27.16 28.84 -5.26
CA ASN B 517 28.14 28.05 -4.52
C ASN B 517 27.64 26.63 -4.20
N HIS B 518 26.41 26.30 -4.63
CA HIS B 518 25.80 24.97 -4.49
C HIS B 518 25.89 24.28 -5.86
N PRO B 519 26.45 23.05 -5.93
CA PRO B 519 26.62 22.38 -7.23
C PRO B 519 25.37 22.14 -8.09
N ILE B 520 24.17 21.97 -7.49
CA ILE B 520 22.93 21.69 -8.24
C ILE B 520 22.53 22.84 -9.19
N TYR B 521 23.04 24.06 -8.94
CA TYR B 521 22.83 25.27 -9.74
C TYR B 521 23.22 25.00 -11.20
N TYR B 522 24.24 24.14 -11.40
CA TYR B 522 24.85 23.80 -12.69
C TYR B 522 24.20 22.59 -13.36
N VAL B 523 23.13 22.03 -12.75
CA VAL B 523 22.38 20.93 -13.36
C VAL B 523 21.47 21.58 -14.40
N GLN B 524 21.77 21.30 -15.67
CA GLN B 524 21.04 21.84 -16.82
C GLN B 524 19.60 21.34 -16.80
N LYS B 525 18.65 22.22 -17.14
CA LYS B 525 17.20 21.94 -17.09
C LYS B 525 16.59 21.96 -18.49
N GLN B 526 15.50 21.20 -18.68
CA GLN B 526 14.75 21.15 -19.93
C GLN B 526 13.27 21.10 -19.61
N LEU B 527 12.49 22.01 -20.23
CA LEU B 527 11.05 22.08 -20.01
C LEU B 527 10.35 21.16 -21.00
N VAL B 528 9.61 20.17 -20.47
CA VAL B 528 8.88 19.20 -21.30
C VAL B 528 7.40 19.56 -21.27
N VAL B 529 6.82 19.76 -22.46
CA VAL B 529 5.41 20.11 -22.62
C VAL B 529 4.76 19.04 -23.49
N VAL B 530 3.74 18.35 -22.94
CA VAL B 530 3.04 17.28 -23.64
C VAL B 530 1.61 17.71 -23.97
N CYS B 531 1.24 17.59 -25.26
CA CYS B 531 -0.08 17.95 -25.77
C CYS B 531 -0.76 16.71 -26.37
N ASN B 532 -1.98 16.39 -25.90
CA ASN B 532 -2.77 15.24 -26.37
C ASN B 532 -3.76 15.72 -27.44
N ASP B 533 -3.45 15.47 -28.73
CA ASP B 533 -4.28 15.90 -29.87
C ASP B 533 -5.40 14.92 -30.17
N LEU B 534 -6.58 15.45 -30.51
CA LEU B 534 -7.73 14.62 -30.86
C LEU B 534 -7.69 14.23 -32.33
N TYR B 535 -7.89 12.93 -32.60
CA TYR B 535 -7.90 12.33 -33.92
C TYR B 535 -9.16 11.48 -34.07
N LYS B 536 -9.66 11.35 -35.31
CA LYS B 536 -10.83 10.52 -35.61
C LYS B 536 -10.38 9.26 -36.33
N VAL B 537 -10.79 8.09 -35.82
CA VAL B 537 -10.48 6.79 -36.39
C VAL B 537 -11.56 6.43 -37.41
N SER B 538 -11.14 6.26 -38.67
CA SER B 538 -11.99 5.90 -39.80
C SER B 538 -11.61 4.49 -40.22
N TYR B 539 -12.62 3.65 -40.50
CA TYR B 539 -12.38 2.26 -40.90
C TYR B 539 -12.72 1.99 -42.37
N ASP B 540 -13.16 3.04 -43.11
CA ASP B 540 -13.50 2.97 -44.53
C ASP B 540 -12.23 2.71 -45.36
N GLN B 541 -12.14 1.50 -45.97
CA GLN B 541 -11.01 1.01 -46.77
C GLN B 541 -9.71 1.00 -45.93
N GLY B 542 -9.74 0.20 -44.86
CA GLY B 542 -8.63 0.07 -43.91
C GLY B 542 -8.71 1.06 -42.77
N VAL B 543 -7.87 0.86 -41.73
CA VAL B 543 -7.80 1.73 -40.55
C VAL B 543 -7.00 2.98 -40.88
N SER B 544 -7.53 4.15 -40.49
CA SER B 544 -6.89 5.46 -40.70
C SER B 544 -7.28 6.48 -39.65
N ILE B 545 -6.39 7.44 -39.36
CA ILE B 545 -6.65 8.51 -38.41
C ILE B 545 -6.62 9.87 -39.10
N THR B 546 -7.45 10.81 -38.63
CA THR B 546 -7.56 12.16 -39.18
C THR B 546 -7.52 13.17 -38.04
N LYS B 547 -6.59 14.15 -38.10
CA LYS B 547 -6.44 15.18 -37.08
C LYS B 547 -7.65 16.13 -37.09
N ILE B 548 -8.32 16.26 -35.94
CA ILE B 548 -9.49 17.13 -35.76
C ILE B 548 -9.00 18.58 -35.81
N MET B 549 -9.49 19.36 -36.81
CA MET B 549 -9.11 20.75 -37.02
C MET B 549 -10.32 21.62 -37.33
N ILE C 18 -26.72 21.12 -33.86
CA ILE C 18 -26.58 19.67 -33.71
C ILE C 18 -27.12 19.16 -32.36
N LYS C 19 -27.74 17.96 -32.36
CA LYS C 19 -28.29 17.31 -31.16
C LYS C 19 -27.16 16.84 -30.25
N ARG C 20 -27.21 17.22 -28.96
CA ARG C 20 -26.18 16.89 -27.98
C ARG C 20 -26.74 16.18 -26.76
N SER C 21 -25.97 15.21 -26.22
CA SER C 21 -26.33 14.45 -25.02
C SER C 21 -26.02 15.27 -23.78
N ASN C 22 -27.00 15.40 -22.86
CA ASN C 22 -26.84 16.16 -21.63
C ASN C 22 -25.84 15.51 -20.68
N VAL C 23 -24.66 16.14 -20.58
CA VAL C 23 -23.54 15.69 -19.78
C VAL C 23 -23.48 16.43 -18.42
N PHE C 24 -24.33 17.46 -18.23
CA PHE C 24 -24.38 18.25 -17.00
C PHE C 24 -25.63 18.03 -16.13
N ALA C 25 -26.60 17.24 -16.61
CA ALA C 25 -27.82 16.94 -15.87
C ALA C 25 -28.37 15.57 -16.26
N VAL C 26 -29.08 14.93 -15.32
CA VAL C 26 -29.69 13.61 -15.53
C VAL C 26 -31.03 13.49 -14.79
N ASP C 27 -31.98 12.75 -15.39
CA ASP C 27 -33.30 12.52 -14.81
C ASP C 27 -33.16 11.50 -13.68
N SER C 28 -33.46 11.91 -12.43
CA SER C 28 -33.37 11.05 -11.26
C SER C 28 -34.54 10.04 -11.23
N GLN C 29 -34.30 8.85 -11.81
CA GLN C 29 -35.26 7.76 -11.89
C GLN C 29 -35.67 7.27 -10.51
N ILE C 30 -36.98 7.09 -10.29
CA ILE C 30 -37.47 6.58 -9.00
C ILE C 30 -37.20 5.06 -8.99
N PRO C 31 -36.41 4.55 -8.04
CA PRO C 31 -36.12 3.10 -8.04
C PRO C 31 -37.23 2.27 -7.41
N THR C 32 -37.07 0.93 -7.43
CA THR C 32 -37.99 -0.03 -6.82
C THR C 32 -38.02 0.28 -5.32
N LEU C 33 -39.22 0.37 -4.73
CA LEU C 33 -39.35 0.66 -3.29
C LEU C 33 -38.90 -0.54 -2.47
N TYR C 34 -37.83 -0.34 -1.71
CA TYR C 34 -37.24 -1.37 -0.86
C TYR C 34 -36.67 -0.77 0.41
N MET C 35 -36.23 -1.66 1.31
CA MET C 35 -35.63 -1.30 2.58
C MET C 35 -34.58 -2.36 2.98
N PRO C 36 -33.30 -1.97 3.13
CA PRO C 36 -32.29 -2.96 3.51
C PRO C 36 -32.17 -3.14 5.03
N GLN C 37 -31.63 -4.30 5.46
CA GLN C 37 -31.41 -4.61 6.86
C GLN C 37 -30.28 -5.63 7.01
N TYR C 38 -29.33 -5.35 7.94
CA TYR C 38 -28.24 -6.29 8.21
C TYR C 38 -28.80 -7.36 9.16
N ILE C 39 -28.92 -8.60 8.66
CA ILE C 39 -29.48 -9.71 9.43
C ILE C 39 -28.39 -10.72 9.80
N SER C 40 -28.27 -11.04 11.10
CA SER C 40 -27.30 -12.01 11.61
C SER C 40 -28.04 -13.22 12.17
N LEU C 41 -27.59 -14.43 11.79
CA LEU C 41 -28.21 -15.69 12.21
C LEU C 41 -27.22 -16.65 12.84
N SER C 42 -27.64 -17.32 13.91
CA SER C 42 -26.87 -18.37 14.57
C SER C 42 -27.19 -19.66 13.82
N GLY C 43 -26.20 -20.53 13.66
CA GLY C 43 -26.37 -21.77 12.92
C GLY C 43 -26.65 -23.02 13.71
N VAL C 44 -26.53 -24.17 13.03
CA VAL C 44 -26.71 -25.51 13.58
C VAL C 44 -25.43 -26.26 13.26
N MET C 45 -24.69 -26.66 14.30
CA MET C 45 -23.43 -27.38 14.12
C MET C 45 -23.63 -28.88 14.06
N THR C 46 -22.98 -29.52 13.08
CA THR C 46 -23.01 -30.95 12.81
C THR C 46 -21.58 -31.47 12.65
N ASN C 47 -21.31 -32.72 13.08
CA ASN C 47 -19.98 -33.34 12.96
C ASN C 47 -20.07 -34.74 12.38
N ASP C 51 -16.18 -38.66 8.78
CA ASP C 51 -14.89 -38.08 9.15
C ASP C 51 -15.00 -37.06 10.29
N ASN C 52 -16.26 -36.81 10.76
CA ASN C 52 -16.62 -35.86 11.83
C ASN C 52 -16.18 -34.41 11.52
N GLN C 53 -16.44 -33.99 10.26
CA GLN C 53 -16.15 -32.65 9.74
C GLN C 53 -17.20 -31.66 10.26
N ALA C 54 -16.77 -30.48 10.75
CA ALA C 54 -17.67 -29.47 11.29
C ALA C 54 -18.44 -28.77 10.17
N ILE C 55 -19.79 -28.83 10.25
CA ILE C 55 -20.68 -28.23 9.25
C ILE C 55 -21.69 -27.31 9.94
N ALA C 56 -21.78 -26.05 9.47
CA ALA C 56 -22.73 -25.07 10.00
C ALA C 56 -23.82 -24.81 8.97
N SER C 57 -25.08 -24.98 9.38
CA SER C 57 -26.23 -24.76 8.51
C SER C 57 -27.04 -23.56 8.97
N PHE C 58 -27.31 -22.63 8.04
CA PHE C 58 -28.06 -21.41 8.31
C PHE C 58 -29.30 -21.38 7.39
N GLU C 59 -30.51 -21.40 7.98
CA GLU C 59 -31.75 -21.36 7.22
C GLU C 59 -32.33 -19.96 7.17
N ILE C 60 -32.53 -19.46 5.94
CA ILE C 60 -33.11 -18.14 5.68
C ILE C 60 -34.49 -18.34 5.07
N ARG C 61 -35.53 -18.05 5.85
CA ARG C 61 -36.93 -18.13 5.41
C ARG C 61 -37.75 -17.09 6.13
N ASP C 62 -38.16 -16.09 5.35
CA ASP C 62 -38.96 -14.97 5.80
C ASP C 62 -39.69 -14.42 4.58
N GLN C 63 -40.99 -14.16 4.73
CA GLN C 63 -41.82 -13.62 3.65
C GLN C 63 -41.34 -12.24 3.20
N TYR C 64 -40.80 -11.46 4.16
CA TYR C 64 -40.35 -10.10 3.92
C TYR C 64 -38.89 -10.02 3.47
N ILE C 65 -38.10 -11.13 3.55
CA ILE C 65 -36.75 -11.11 3.01
C ILE C 65 -36.92 -11.45 1.52
N THR C 66 -37.05 -10.40 0.69
CA THR C 66 -37.28 -10.57 -0.74
C THR C 66 -36.00 -10.96 -1.46
N ALA C 67 -34.87 -10.31 -1.11
CA ALA C 67 -33.56 -10.55 -1.71
C ALA C 67 -32.44 -10.43 -0.67
N LEU C 68 -31.25 -10.99 -0.99
CA LEU C 68 -30.07 -10.92 -0.12
C LEU C 68 -28.76 -10.97 -0.91
N ASN C 69 -27.71 -10.36 -0.32
CA ASN C 69 -26.34 -10.34 -0.83
C ASN C 69 -25.36 -10.01 0.32
N HIS C 70 -24.04 -9.97 0.02
CA HIS C 70 -22.95 -9.66 0.95
C HIS C 70 -22.96 -10.53 2.21
N LEU C 71 -22.66 -11.82 2.04
CA LEU C 71 -22.60 -12.79 3.14
C LEU C 71 -21.29 -12.61 3.89
N VAL C 72 -21.37 -12.44 5.23
CA VAL C 72 -20.21 -12.28 6.11
C VAL C 72 -20.34 -13.30 7.22
N LEU C 73 -19.36 -14.22 7.32
CA LEU C 73 -19.37 -15.24 8.36
C LEU C 73 -18.48 -14.81 9.52
N SER C 74 -19.04 -14.71 10.73
CA SER C 74 -18.27 -14.32 11.89
C SER C 74 -17.84 -15.56 12.68
N LEU C 75 -16.65 -15.53 13.28
CA LEU C 75 -16.15 -16.64 14.08
C LEU C 75 -15.53 -16.19 15.38
N GLU C 76 -16.04 -16.75 16.50
CA GLU C 76 -15.57 -16.44 17.85
C GLU C 76 -14.45 -17.41 18.23
N LEU C 77 -13.19 -16.99 17.99
CA LEU C 77 -11.99 -17.76 18.31
C LEU C 77 -11.79 -17.79 19.82
N PRO C 78 -11.57 -18.98 20.43
CA PRO C 78 -11.48 -19.04 21.90
C PRO C 78 -10.12 -18.63 22.46
N GLU C 79 -10.07 -18.44 23.79
CA GLU C 79 -8.87 -18.15 24.54
C GLU C 79 -8.01 -19.40 24.47
N VAL C 80 -6.74 -19.24 24.12
CA VAL C 80 -5.81 -20.37 24.02
C VAL C 80 -4.87 -20.30 25.23
N LYS C 81 -5.04 -21.25 26.16
CA LYS C 81 -4.24 -21.34 27.38
C LYS C 81 -3.40 -22.62 27.40
N GLY C 82 -2.23 -22.52 28.01
CA GLY C 82 -1.32 -23.65 28.14
C GLY C 82 0.12 -23.32 27.83
N MET C 83 0.92 -24.37 27.62
CA MET C 83 2.35 -24.28 27.33
C MET C 83 2.68 -24.51 25.85
N GLY C 84 3.83 -24.00 25.43
CA GLY C 84 4.33 -24.13 24.06
C GLY C 84 4.07 -22.94 23.17
N ARG C 85 4.56 -23.02 21.93
N ARG C 85 4.57 -23.01 21.93
CA ARG C 85 4.42 -21.97 20.91
CA ARG C 85 4.43 -21.98 20.91
C ARG C 85 3.15 -22.22 20.09
C ARG C 85 3.15 -22.22 20.10
N PHE C 86 2.36 -21.16 19.88
CA PHE C 86 1.08 -21.22 19.13
C PHE C 86 0.80 -19.89 18.42
N GLY C 87 0.19 -20.00 17.24
CA GLY C 87 -0.22 -18.88 16.41
C GLY C 87 -1.17 -19.31 15.32
N TYR C 88 -2.05 -18.40 14.88
CA TYR C 88 -2.99 -18.71 13.78
C TYR C 88 -2.36 -18.32 12.44
N VAL C 89 -2.78 -19.01 11.35
CA VAL C 89 -2.33 -18.73 9.99
C VAL C 89 -2.82 -17.33 9.55
N PRO C 90 -2.13 -16.59 8.63
CA PRO C 90 -2.67 -15.28 8.22
C PRO C 90 -3.99 -15.47 7.49
N TYR C 91 -4.94 -14.54 7.69
CA TYR C 91 -6.29 -14.57 7.10
C TYR C 91 -6.99 -15.88 7.54
N VAL C 92 -6.87 -16.18 8.86
CA VAL C 92 -7.36 -17.37 9.56
C VAL C 92 -8.83 -17.71 9.20
N GLY C 93 -9.68 -16.70 9.11
CA GLY C 93 -11.09 -16.84 8.77
C GLY C 93 -11.36 -17.51 7.44
N TYR C 94 -10.57 -17.15 6.41
CA TYR C 94 -10.70 -17.75 5.07
C TYR C 94 -10.19 -19.17 5.05
N LYS C 95 -9.08 -19.43 5.78
CA LYS C 95 -8.44 -20.75 5.89
C LYS C 95 -9.29 -21.79 6.63
N CYS C 96 -10.25 -21.32 7.47
N CYS C 96 -10.24 -21.35 7.48
CA CYS C 96 -11.21 -22.13 8.23
CA CYS C 96 -11.11 -22.29 8.19
C CYS C 96 -12.19 -22.81 7.28
C CYS C 96 -12.22 -22.84 7.28
N ILE C 97 -12.57 -22.12 6.20
CA ILE C 97 -13.56 -22.53 5.21
C ILE C 97 -12.99 -23.64 4.31
N ASN C 98 -13.73 -24.75 4.21
CA ASN C 98 -13.38 -25.85 3.32
C ASN C 98 -14.31 -25.77 2.11
N HIS C 99 -15.60 -25.43 2.36
CA HIS C 99 -16.65 -25.32 1.34
C HIS C 99 -17.82 -24.46 1.83
N VAL C 100 -18.48 -23.76 0.89
CA VAL C 100 -19.66 -22.93 1.15
C VAL C 100 -20.69 -23.31 0.09
N SER C 101 -21.94 -23.55 0.50
CA SER C 101 -23.05 -23.91 -0.39
C SER C 101 -24.30 -23.10 -0.10
N ILE C 102 -24.83 -22.40 -1.11
CA ILE C 102 -26.07 -21.64 -1.02
C ILE C 102 -27.09 -22.47 -1.82
N SER C 103 -28.04 -23.08 -1.14
CA SER C 103 -29.04 -23.93 -1.79
C SER C 103 -30.47 -23.58 -1.44
N SER C 104 -31.41 -23.98 -2.30
CA SER C 104 -32.85 -23.81 -2.12
C SER C 104 -33.50 -25.21 -2.12
N CYS C 105 -34.84 -25.28 -2.07
CA CYS C 105 -35.52 -26.58 -2.07
C CYS C 105 -35.37 -27.30 -3.41
N ASN C 106 -34.99 -26.55 -4.48
CA ASN C 106 -34.73 -27.07 -5.83
C ASN C 106 -33.26 -27.55 -5.99
N GLY C 107 -32.45 -27.36 -4.95
CA GLY C 107 -31.04 -27.76 -4.93
C GLY C 107 -30.06 -26.61 -4.79
N VAL C 108 -28.76 -26.90 -5.04
CA VAL C 108 -27.65 -25.94 -4.96
C VAL C 108 -27.77 -24.84 -6.00
N ILE C 109 -27.76 -23.56 -5.56
CA ILE C 109 -27.84 -22.36 -6.41
C ILE C 109 -26.41 -21.90 -6.77
N TRP C 110 -25.51 -21.93 -5.78
CA TRP C 110 -24.10 -21.55 -5.92
C TRP C 110 -23.29 -22.18 -4.81
N GLU C 111 -22.06 -22.61 -5.14
CA GLU C 111 -21.14 -23.23 -4.20
C GLU C 111 -19.68 -22.97 -4.59
N ILE C 112 -18.80 -22.91 -3.59
CA ILE C 112 -17.37 -22.65 -3.78
C ILE C 112 -16.52 -23.44 -2.78
N GLU C 113 -15.31 -23.81 -3.21
CA GLU C 113 -14.34 -24.48 -2.35
C GLU C 113 -13.62 -23.36 -1.60
N GLY C 114 -13.25 -23.63 -0.35
CA GLY C 114 -12.56 -22.69 0.53
C GLY C 114 -11.46 -21.87 -0.12
N GLU C 115 -10.53 -22.56 -0.82
CA GLU C 115 -9.40 -21.93 -1.51
C GLU C 115 -9.84 -21.00 -2.63
N GLU C 116 -10.91 -21.37 -3.34
CA GLU C 116 -11.41 -20.54 -4.44
C GLU C 116 -12.05 -19.25 -3.94
N LEU C 117 -12.74 -19.30 -2.78
CA LEU C 117 -13.34 -18.12 -2.16
C LEU C 117 -12.22 -17.15 -1.75
N TYR C 118 -11.13 -17.70 -1.17
CA TYR C 118 -9.94 -16.96 -0.73
C TYR C 118 -9.26 -16.32 -1.93
N ASN C 119 -9.11 -17.08 -3.05
CA ASN C 119 -8.50 -16.62 -4.30
C ASN C 119 -9.27 -15.46 -4.90
N ASN C 120 -10.63 -15.50 -4.79
CA ASN C 120 -11.50 -14.44 -5.28
C ASN C 120 -11.41 -13.17 -4.43
N CYS C 121 -10.91 -13.31 -3.17
CA CYS C 121 -10.79 -12.20 -2.22
C CYS C 121 -9.32 -11.78 -1.96
N ILE C 122 -8.33 -12.41 -2.63
CA ILE C 122 -6.90 -12.13 -2.44
C ILE C 122 -6.53 -10.67 -2.75
N ASN C 123 -7.24 -10.02 -3.68
CA ASN C 123 -7.00 -8.62 -4.06
C ASN C 123 -7.74 -7.63 -3.11
N ASN C 124 -8.68 -8.12 -2.28
CA ASN C 124 -9.45 -7.32 -1.31
C ASN C 124 -8.74 -7.28 0.05
N THR C 125 -7.97 -6.21 0.29
CA THR C 125 -7.20 -5.99 1.52
C THR C 125 -8.09 -5.94 2.77
N ILE C 126 -9.27 -5.26 2.66
CA ILE C 126 -10.24 -5.09 3.75
C ILE C 126 -10.79 -6.44 4.20
N ALA C 127 -11.29 -7.26 3.24
CA ALA C 127 -11.84 -8.59 3.50
C ALA C 127 -10.79 -9.51 4.14
N LEU C 128 -9.53 -9.41 3.68
CA LEU C 128 -8.41 -10.19 4.21
C LEU C 128 -8.06 -9.78 5.64
N LYS C 129 -8.07 -8.45 5.94
CA LYS C 129 -7.79 -7.93 7.28
C LYS C 129 -8.86 -8.38 8.27
N HIS C 130 -10.14 -8.29 7.86
CA HIS C 130 -11.30 -8.68 8.67
C HIS C 130 -11.25 -10.15 9.06
N SER C 131 -10.75 -11.02 8.16
CA SER C 131 -10.67 -12.46 8.39
C SER C 131 -9.62 -12.87 9.42
N GLY C 132 -8.78 -11.93 9.83
CA GLY C 132 -7.77 -12.21 10.84
C GLY C 132 -6.34 -12.07 10.37
N TYR C 133 -5.84 -10.82 10.35
CA TYR C 133 -4.48 -10.52 9.98
C TYR C 133 -3.95 -9.43 10.92
N SER C 134 -3.46 -9.86 12.09
CA SER C 134 -2.94 -9.01 13.17
C SER C 134 -1.74 -9.66 13.86
N SER C 135 -0.93 -8.86 14.60
CA SER C 135 0.20 -9.36 15.37
C SER C 135 -0.33 -10.17 16.54
N GLU C 136 -1.55 -9.81 17.02
CA GLU C 136 -2.24 -10.48 18.11
C GLU C 136 -2.57 -11.93 17.73
N LEU C 137 -3.01 -12.16 16.48
CA LEU C 137 -3.40 -13.49 16.00
C LEU C 137 -2.30 -14.31 15.31
N ASN C 138 -1.53 -13.66 14.41
CA ASN C 138 -0.58 -14.34 13.54
C ASN C 138 0.86 -14.47 14.05
N ASP C 139 1.30 -13.64 15.02
CA ASP C 139 2.66 -13.81 15.57
C ASP C 139 2.65 -15.07 16.44
N ILE C 140 3.77 -15.82 16.47
CA ILE C 140 3.84 -17.06 17.25
C ILE C 140 4.08 -16.72 18.73
N SER C 141 3.05 -16.92 19.56
CA SER C 141 3.08 -16.62 21.00
C SER C 141 3.52 -17.83 21.80
N ILE C 142 4.28 -17.62 22.89
CA ILE C 142 4.77 -18.69 23.76
C ILE C 142 4.08 -18.68 25.14
N GLY C 143 3.60 -19.87 25.55
CA GLY C 143 2.98 -20.12 26.83
C GLY C 143 3.97 -20.74 27.78
N LEU C 144 4.19 -20.11 28.95
CA LEU C 144 5.19 -20.56 29.91
C LEU C 144 4.65 -21.52 30.99
N THR C 145 3.45 -21.22 31.53
CA THR C 145 2.81 -22.05 32.56
C THR C 145 1.55 -22.76 32.00
N PRO C 146 1.07 -23.88 32.58
CA PRO C 146 -0.12 -24.55 32.02
C PRO C 146 -1.41 -23.70 32.00
N ASN C 147 -1.42 -22.57 32.73
CA ASN C 147 -2.54 -21.64 32.81
C ASN C 147 -2.24 -20.27 32.18
N ASP C 148 -1.06 -20.16 31.52
CA ASP C 148 -0.64 -18.93 30.84
C ASP C 148 -1.46 -18.76 29.57
N THR C 149 -1.92 -17.52 29.30
CA THR C 149 -2.71 -17.22 28.11
C THR C 149 -1.78 -16.97 26.93
N ILE C 150 -1.87 -17.85 25.90
CA ILE C 150 -1.09 -17.75 24.67
C ILE C 150 -1.79 -16.74 23.76
N LYS C 151 -3.09 -16.96 23.48
CA LYS C 151 -3.92 -16.11 22.65
C LYS C 151 -5.21 -15.72 23.37
N GLU C 152 -5.52 -14.42 23.36
CA GLU C 152 -6.74 -13.88 23.95
C GLU C 152 -7.90 -14.17 22.98
N PRO C 153 -9.16 -14.36 23.44
CA PRO C 153 -10.25 -14.62 22.49
C PRO C 153 -10.46 -13.45 21.52
N SER C 154 -10.88 -13.77 20.29
CA SER C 154 -11.09 -12.77 19.24
C SER C 154 -12.21 -13.18 18.29
N THR C 155 -12.80 -12.21 17.58
CA THR C 155 -13.84 -12.46 16.58
C THR C 155 -13.32 -12.04 15.19
N VAL C 156 -13.37 -12.97 14.22
CA VAL C 156 -12.93 -12.73 12.84
C VAL C 156 -14.13 -12.72 11.90
N TYR C 157 -14.08 -11.89 10.84
CA TYR C 157 -15.17 -11.76 9.89
C TYR C 157 -14.72 -12.15 8.47
N VAL C 158 -15.37 -13.19 7.92
CA VAL C 158 -15.04 -13.75 6.60
C VAL C 158 -16.08 -13.33 5.56
N TYR C 159 -15.67 -12.45 4.63
CA TYR C 159 -16.57 -12.00 3.57
C TYR C 159 -16.69 -13.08 2.49
N ILE C 160 -17.84 -13.75 2.46
CA ILE C 160 -18.14 -14.78 1.47
C ILE C 160 -18.65 -14.06 0.20
N LYS C 161 -17.71 -13.67 -0.67
CA LYS C 161 -17.96 -13.00 -1.94
C LYS C 161 -18.72 -13.97 -2.85
N THR C 162 -19.90 -13.54 -3.32
CA THR C 162 -20.77 -14.34 -4.20
C THR C 162 -21.08 -13.53 -5.46
N PRO C 163 -21.58 -14.14 -6.58
CA PRO C 163 -21.90 -13.33 -7.77
C PRO C 163 -23.07 -12.37 -7.55
N PHE C 164 -23.78 -12.50 -6.40
CA PHE C 164 -24.91 -11.66 -6.03
C PHE C 164 -24.48 -10.26 -5.57
N ASP C 165 -23.18 -10.04 -5.36
CA ASP C 165 -22.63 -8.76 -4.89
C ASP C 165 -22.09 -7.88 -6.01
N VAL C 166 -21.77 -8.48 -7.18
CA VAL C 166 -21.20 -7.83 -8.37
C VAL C 166 -21.86 -6.47 -8.68
N GLU C 167 -23.19 -6.45 -8.83
CA GLU C 167 -23.92 -5.22 -9.13
C GLU C 167 -24.98 -4.88 -8.07
N ASP C 168 -24.58 -5.03 -6.79
CA ASP C 168 -25.35 -4.73 -5.59
C ASP C 168 -26.79 -5.29 -5.64
N THR C 169 -27.82 -4.40 -5.65
CA THR C 169 -29.23 -4.77 -5.68
C THR C 169 -29.64 -5.51 -6.95
N PHE C 170 -29.04 -5.14 -8.09
CA PHE C 170 -29.32 -5.73 -9.41
C PHE C 170 -28.94 -7.21 -9.48
N SER C 171 -27.80 -7.57 -8.84
CA SER C 171 -27.26 -8.94 -8.85
C SER C 171 -27.73 -9.82 -7.68
N SER C 172 -28.37 -9.22 -6.64
CA SER C 172 -28.84 -9.89 -5.41
C SER C 172 -29.62 -11.17 -5.63
N LEU C 173 -29.47 -12.13 -4.70
CA LEU C 173 -30.19 -13.41 -4.75
C LEU C 173 -31.63 -13.16 -4.31
N LYS C 174 -32.58 -13.33 -5.23
CA LYS C 174 -34.01 -13.15 -4.94
C LYS C 174 -34.57 -14.45 -4.33
N LEU C 175 -35.44 -14.33 -3.31
CA LEU C 175 -36.09 -15.43 -2.59
C LEU C 175 -37.59 -15.46 -2.93
N SER C 176 -37.99 -16.32 -3.92
CA SER C 176 -39.38 -16.46 -4.38
C SER C 176 -40.18 -17.26 -3.33
N ASP C 177 -40.35 -16.67 -2.12
CA ASP C 177 -41.00 -17.25 -0.94
C ASP C 177 -40.43 -18.66 -0.63
N SER C 178 -39.14 -18.86 -1.02
CA SER C 178 -38.37 -20.10 -0.89
C SER C 178 -37.36 -20.05 0.27
N LYS C 179 -37.06 -21.24 0.82
CA LYS C 179 -36.12 -21.43 1.91
C LYS C 179 -34.69 -21.52 1.35
N ILE C 180 -33.81 -20.60 1.75
CA ILE C 180 -32.42 -20.58 1.32
C ILE C 180 -31.56 -21.10 2.48
N THR C 181 -30.75 -22.14 2.22
CA THR C 181 -29.86 -22.73 3.23
C THR C 181 -28.41 -22.48 2.88
N VAL C 182 -27.69 -21.78 3.78
CA VAL C 182 -26.27 -21.50 3.64
C VAL C 182 -25.53 -22.51 4.50
N THR C 183 -24.75 -23.38 3.83
CA THR C 183 -24.01 -24.45 4.48
C THR C 183 -22.53 -24.12 4.42
N VAL C 184 -21.87 -24.14 5.58
CA VAL C 184 -20.43 -23.88 5.66
C VAL C 184 -19.72 -25.09 6.25
N THR C 185 -18.85 -25.72 5.45
CA THR C 185 -18.04 -26.86 5.85
C THR C 185 -16.68 -26.35 6.30
N PHE C 186 -16.26 -26.74 7.50
CA PHE C 186 -15.00 -26.27 8.06
C PHE C 186 -13.86 -27.26 7.97
N ASN C 187 -12.66 -26.75 7.64
CA ASN C 187 -11.41 -27.50 7.60
C ASN C 187 -11.02 -27.83 9.05
N PRO C 188 -10.26 -28.91 9.34
CA PRO C 188 -9.85 -29.16 10.73
C PRO C 188 -8.99 -28.01 11.28
N VAL C 189 -9.08 -27.75 12.60
CA VAL C 189 -8.35 -26.68 13.27
C VAL C 189 -6.80 -26.81 13.07
N SER C 190 -6.33 -28.01 12.70
CA SER C 190 -4.91 -28.27 12.41
C SER C 190 -4.39 -27.36 11.30
N ASP C 191 -5.22 -27.14 10.25
CA ASP C 191 -4.96 -26.32 9.07
C ASP C 191 -4.76 -24.84 9.37
N ILE C 192 -5.51 -24.28 10.35
CA ILE C 192 -5.46 -22.85 10.72
C ILE C 192 -4.49 -22.53 11.85
N VAL C 193 -3.79 -23.54 12.38
CA VAL C 193 -2.89 -23.38 13.52
C VAL C 193 -1.42 -23.73 13.21
N ILE C 194 -0.49 -22.89 13.69
CA ILE C 194 0.97 -23.04 13.61
C ILE C 194 1.43 -23.22 15.05
N ARG C 195 2.01 -24.40 15.36
CA ARG C 195 2.43 -24.79 16.70
C ARG C 195 3.71 -25.62 16.73
N ASP C 196 4.35 -25.70 17.91
CA ASP C 196 5.55 -26.53 18.11
C ASP C 196 5.17 -27.87 18.77
N SER C 197 6.16 -28.73 19.09
CA SER C 197 5.90 -30.02 19.73
C SER C 197 5.44 -29.86 21.18
N SER C 198 5.94 -28.81 21.87
CA SER C 198 5.63 -28.45 23.26
C SER C 198 4.15 -28.13 23.49
N PHE C 199 3.47 -27.59 22.46
CA PHE C 199 2.04 -27.26 22.53
C PHE C 199 1.19 -28.53 22.58
N ASP C 200 0.23 -28.59 23.52
CA ASP C 200 -0.67 -29.74 23.68
C ASP C 200 -1.81 -29.63 22.65
N PHE C 201 -1.52 -30.00 21.39
CA PHE C 201 -2.49 -29.94 20.31
C PHE C 201 -3.61 -30.95 20.48
N GLU C 202 -3.29 -32.16 21.00
CA GLU C 202 -4.25 -33.26 21.25
C GLU C 202 -5.46 -32.76 22.04
N THR C 203 -5.21 -32.03 23.15
CA THR C 203 -6.22 -31.45 24.01
C THR C 203 -6.95 -30.32 23.29
N PHE C 204 -6.18 -29.45 22.60
CA PHE C 204 -6.71 -28.30 21.85
C PHE C 204 -7.69 -28.74 20.77
N ASN C 205 -7.34 -29.75 19.97
CA ASN C 205 -8.17 -30.29 18.88
C ASN C 205 -9.49 -30.84 19.41
N LYS C 206 -9.47 -31.43 20.63
CA LYS C 206 -10.64 -31.99 21.30
C LYS C 206 -11.54 -30.86 21.81
N GLU C 207 -10.94 -29.88 22.50
CA GLU C 207 -11.61 -28.72 23.11
C GLU C 207 -12.11 -27.67 22.12
N PHE C 208 -11.44 -27.51 20.95
CA PHE C 208 -11.82 -26.50 19.95
C PHE C 208 -13.13 -26.84 19.25
N VAL C 209 -13.97 -25.81 19.10
CA VAL C 209 -15.25 -25.84 18.40
C VAL C 209 -15.45 -24.55 17.62
N TYR C 210 -15.87 -24.67 16.35
CA TYR C 210 -16.14 -23.52 15.50
C TYR C 210 -17.45 -22.86 15.96
N VAL C 211 -17.40 -21.57 16.26
CA VAL C 211 -18.56 -20.80 16.73
C VAL C 211 -18.95 -19.78 15.63
N PRO C 212 -19.74 -20.20 14.61
CA PRO C 212 -20.06 -19.30 13.51
C PRO C 212 -21.39 -18.55 13.62
N GLU C 213 -21.49 -17.42 12.88
CA GLU C 213 -22.68 -16.59 12.79
C GLU C 213 -22.71 -15.98 11.38
N LEU C 214 -23.80 -16.22 10.63
CA LEU C 214 -23.91 -15.70 9.26
C LEU C 214 -24.70 -14.40 9.20
N SER C 215 -24.04 -13.35 8.71
CA SER C 215 -24.64 -12.04 8.50
C SER C 215 -24.81 -11.84 7.00
N PHE C 216 -25.83 -11.07 6.59
CA PHE C 216 -26.11 -10.77 5.18
C PHE C 216 -26.96 -9.51 5.07
N ILE C 217 -26.94 -8.86 3.89
CA ILE C 217 -27.77 -7.68 3.69
C ILE C 217 -29.10 -8.16 3.08
N GLY C 218 -30.15 -8.11 3.87
CA GLY C 218 -31.50 -8.51 3.46
C GLY C 218 -32.24 -7.31 2.91
N TYR C 219 -33.07 -7.53 1.88
CA TYR C 219 -33.83 -6.45 1.24
C TYR C 219 -35.33 -6.77 1.22
N MET C 220 -36.16 -5.89 1.81
CA MET C 220 -37.61 -6.04 1.76
C MET C 220 -38.08 -5.22 0.59
N VAL C 221 -38.51 -5.89 -0.50
CA VAL C 221 -38.91 -5.22 -1.73
C VAL C 221 -40.42 -5.18 -1.94
N LYS C 222 -40.99 -3.96 -2.06
CA LYS C 222 -42.41 -3.75 -2.33
C LYS C 222 -42.63 -3.90 -3.84
N ASN C 223 -43.50 -4.86 -4.22
CA ASN C 223 -43.86 -5.20 -5.60
C ASN C 223 -42.61 -5.49 -6.47
N VAL C 224 -41.89 -6.57 -6.13
CA VAL C 224 -40.68 -6.98 -6.83
C VAL C 224 -41.01 -7.51 -8.23
N GLN C 225 -40.18 -7.14 -9.21
CA GLN C 225 -40.33 -7.56 -10.61
C GLN C 225 -39.09 -8.39 -10.96
N ILE C 226 -39.14 -9.68 -10.63
CA ILE C 226 -38.03 -10.61 -10.85
C ILE C 226 -37.92 -11.02 -12.32
N LYS C 227 -36.69 -10.94 -12.86
CA LYS C 227 -36.32 -11.33 -14.23
C LYS C 227 -35.21 -12.40 -14.13
N PRO C 228 -35.06 -13.34 -15.09
CA PRO C 228 -33.98 -14.35 -14.97
C PRO C 228 -32.58 -13.74 -15.13
N SER C 229 -31.59 -14.35 -14.47
CA SER C 229 -30.20 -13.90 -14.50
C SER C 229 -29.24 -15.05 -14.81
N PHE C 230 -27.95 -14.73 -14.96
CA PHE C 230 -26.88 -15.68 -15.22
C PHE C 230 -25.89 -15.70 -14.06
N ILE C 231 -25.30 -16.87 -13.79
CA ILE C 231 -24.35 -17.04 -12.69
C ILE C 231 -23.15 -17.91 -13.10
N GLU C 232 -21.94 -17.53 -12.66
CA GLU C 232 -20.72 -18.27 -12.92
C GLU C 232 -20.42 -19.12 -11.70
N LYS C 233 -20.42 -20.46 -11.85
CA LYS C 233 -20.16 -21.40 -10.76
C LYS C 233 -18.74 -21.98 -10.86
N PRO C 234 -17.85 -21.75 -9.87
CA PRO C 234 -16.49 -22.30 -9.97
C PRO C 234 -16.42 -23.78 -9.65
N ARG C 235 -15.70 -24.53 -10.50
CA ARG C 235 -15.49 -25.98 -10.42
C ARG C 235 -14.00 -26.23 -10.39
N ARG C 236 -13.51 -27.06 -9.47
CA ARG C 236 -12.08 -27.35 -9.46
C ARG C 236 -11.81 -28.84 -9.54
N VAL C 237 -10.74 -29.19 -10.23
CA VAL C 237 -10.26 -30.55 -10.40
C VAL C 237 -8.79 -30.53 -9.98
N ILE C 238 -8.47 -31.33 -8.95
CA ILE C 238 -7.11 -31.47 -8.42
C ILE C 238 -6.54 -32.77 -8.99
N GLY C 239 -5.44 -32.63 -9.73
CA GLY C 239 -4.74 -33.76 -10.32
C GLY C 239 -4.08 -34.66 -9.28
N GLN C 240 -3.65 -35.85 -9.70
CA GLN C 240 -2.96 -36.80 -8.83
C GLN C 240 -1.56 -36.28 -8.47
N ILE C 241 -1.00 -36.74 -7.33
CA ILE C 241 0.32 -36.33 -6.86
C ILE C 241 1.39 -36.56 -7.93
N ASN C 242 2.10 -35.50 -8.29
CA ASN C 242 3.18 -35.44 -9.29
C ASN C 242 2.71 -35.73 -10.74
N GLN C 243 1.37 -35.75 -10.97
CA GLN C 243 0.78 -35.93 -12.29
C GLN C 243 0.66 -34.54 -12.94
N PRO C 244 1.29 -34.32 -14.12
CA PRO C 244 1.23 -32.99 -14.76
C PRO C 244 0.02 -32.77 -15.66
N THR C 245 -1.06 -33.52 -15.42
CA THR C 245 -2.30 -33.46 -16.17
C THR C 245 -3.51 -33.44 -15.26
N ALA C 246 -4.53 -32.70 -15.67
CA ALA C 246 -5.84 -32.60 -15.02
C ALA C 246 -6.88 -32.31 -16.09
N THR C 247 -8.06 -32.92 -15.96
CA THR C 247 -9.14 -32.74 -16.94
C THR C 247 -10.45 -32.37 -16.26
N VAL C 248 -11.13 -31.36 -16.81
CA VAL C 248 -12.44 -30.89 -16.35
C VAL C 248 -13.43 -31.40 -17.39
N THR C 249 -14.32 -32.33 -16.98
CA THR C 249 -15.32 -32.94 -17.85
C THR C 249 -16.57 -32.09 -18.00
N GLU C 250 -17.39 -32.40 -19.02
CA GLU C 250 -18.67 -31.77 -19.37
C GLU C 250 -18.61 -30.23 -19.40
N VAL C 251 -17.59 -29.69 -20.10
CA VAL C 251 -17.43 -28.25 -20.28
C VAL C 251 -18.28 -27.86 -21.49
N HIS C 252 -19.41 -27.20 -21.24
CA HIS C 252 -20.33 -26.80 -22.29
C HIS C 252 -20.34 -25.29 -22.53
N ALA C 253 -20.24 -24.50 -21.45
CA ALA C 253 -20.20 -23.04 -21.52
C ALA C 253 -19.38 -22.49 -20.34
N ALA C 254 -18.07 -22.28 -20.58
CA ALA C 254 -17.17 -21.75 -19.56
C ALA C 254 -16.78 -20.32 -19.84
N THR C 255 -16.68 -19.50 -18.78
CA THR C 255 -16.32 -18.08 -18.87
C THR C 255 -14.83 -17.85 -18.66
N SER C 256 -14.17 -18.77 -17.97
CA SER C 256 -12.73 -18.71 -17.67
C SER C 256 -12.18 -20.06 -17.24
N LEU C 257 -10.84 -20.17 -17.24
CA LEU C 257 -10.13 -21.37 -16.81
C LEU C 257 -8.81 -20.97 -16.17
N SER C 258 -8.65 -21.25 -14.88
CA SER C 258 -7.44 -20.94 -14.12
C SER C 258 -6.64 -22.20 -13.84
N VAL C 259 -5.31 -22.09 -13.95
CA VAL C 259 -4.39 -23.21 -13.72
C VAL C 259 -3.29 -22.77 -12.74
N TYR C 260 -3.12 -23.56 -11.67
CA TYR C 260 -2.07 -23.34 -10.68
C TYR C 260 -1.62 -24.66 -10.05
N THR C 261 -0.51 -24.60 -9.31
CA THR C 261 0.10 -25.74 -8.63
C THR C 261 -0.09 -25.54 -7.14
N LYS C 262 -0.14 -26.65 -6.41
CA LYS C 262 -0.27 -26.67 -4.96
C LYS C 262 0.76 -27.67 -4.44
N PRO C 263 1.51 -27.37 -3.35
CA PRO C 263 2.43 -28.38 -2.84
C PRO C 263 1.67 -29.40 -1.99
N TYR C 264 2.15 -30.64 -1.96
CA TYR C 264 1.57 -31.71 -1.15
C TYR C 264 2.63 -32.14 -0.14
N TYR C 265 2.30 -32.02 1.16
CA TYR C 265 3.22 -32.33 2.23
C TYR C 265 2.87 -33.61 3.02
N GLY C 266 2.23 -34.57 2.37
CA GLY C 266 1.86 -35.85 2.96
C GLY C 266 3.04 -36.73 3.32
N ASN C 267 4.10 -36.66 2.49
CA ASN C 267 5.35 -37.41 2.65
C ASN C 267 6.23 -36.83 3.78
N THR C 268 5.75 -35.77 4.46
CA THR C 268 6.45 -35.07 5.55
C THR C 268 5.58 -35.01 6.82
N ASP C 269 6.16 -34.53 7.93
CA ASP C 269 5.47 -34.37 9.20
C ASP C 269 4.87 -32.94 9.33
N ASN C 270 4.96 -32.14 8.23
CA ASN C 270 4.51 -30.75 8.08
C ASN C 270 5.25 -29.77 9.00
N LYS C 271 6.43 -30.18 9.50
CA LYS C 271 7.28 -29.37 10.37
C LYS C 271 8.26 -28.55 9.53
N PHE C 272 8.46 -27.29 9.92
CA PHE C 272 9.35 -26.33 9.27
C PHE C 272 10.25 -25.68 10.32
N ILE C 273 11.51 -25.40 9.96
CA ILE C 273 12.51 -24.80 10.85
C ILE C 273 12.05 -23.43 11.40
N SER C 274 11.60 -22.53 10.51
CA SER C 274 11.21 -21.17 10.90
C SER C 274 9.88 -20.69 10.29
N TYR C 275 9.29 -19.66 10.94
CA TYR C 275 8.09 -18.97 10.52
C TYR C 275 8.18 -17.50 10.98
N PRO C 276 7.90 -16.50 10.10
CA PRO C 276 8.07 -15.09 10.50
C PRO C 276 6.94 -14.45 11.31
N GLY C 277 5.84 -15.17 11.50
CA GLY C 277 4.69 -14.67 12.24
C GLY C 277 3.80 -13.78 11.41
N TYR C 278 3.43 -12.60 11.95
CA TYR C 278 2.57 -11.61 11.31
C TYR C 278 3.24 -10.98 10.08
N SER C 279 4.55 -10.66 10.17
CA SER C 279 5.34 -10.07 9.09
C SER C 279 5.45 -11.13 7.98
N GLN C 280 4.73 -10.91 6.86
CA GLN C 280 4.61 -11.87 5.76
C GLN C 280 5.41 -11.57 4.49
N ASP C 281 6.31 -10.57 4.49
CA ASP C 281 7.10 -10.28 3.29
C ASP C 281 8.14 -11.37 3.04
N GLU C 282 8.60 -11.50 1.78
CA GLU C 282 9.63 -12.47 1.39
C GLU C 282 10.86 -12.30 2.28
N LYS C 283 11.30 -11.03 2.49
CA LYS C 283 12.44 -10.68 3.35
C LYS C 283 12.20 -11.13 4.78
N ASP C 284 10.94 -10.98 5.28
CA ASP C 284 10.56 -11.39 6.64
C ASP C 284 10.71 -12.89 6.85
N TYR C 285 10.30 -13.69 5.84
CA TYR C 285 10.42 -15.15 5.84
C TYR C 285 11.90 -15.55 5.88
N ILE C 286 12.73 -14.90 5.04
CA ILE C 286 14.18 -15.12 4.93
C ILE C 286 14.88 -14.77 6.26
N ASP C 287 14.62 -13.56 6.80
CA ASP C 287 15.22 -13.10 8.07
C ASP C 287 14.92 -14.01 9.25
N ALA C 288 13.68 -14.52 9.33
CA ALA C 288 13.24 -15.45 10.39
C ALA C 288 14.05 -16.75 10.34
N TYR C 289 14.38 -17.22 9.12
CA TYR C 289 15.16 -18.43 8.86
C TYR C 289 16.61 -18.24 9.28
N VAL C 290 17.25 -17.13 8.82
CA VAL C 290 18.64 -16.77 9.13
C VAL C 290 18.81 -16.66 10.65
N SER C 291 17.85 -16.00 11.34
CA SER C 291 17.83 -15.83 12.79
C SER C 291 17.82 -17.16 13.54
N ARG C 292 17.06 -18.15 13.03
CA ARG C 292 16.96 -19.48 13.64
C ARG C 292 18.24 -20.30 13.45
N LEU C 293 18.86 -20.20 12.26
CA LEU C 293 20.10 -20.90 11.91
C LEU C 293 21.32 -20.35 12.63
N LEU C 294 21.40 -19.02 12.80
CA LEU C 294 22.53 -18.32 13.44
C LEU C 294 22.89 -18.81 14.83
N ASP C 295 21.91 -19.33 15.59
CA ASP C 295 22.10 -19.86 16.94
C ASP C 295 23.09 -21.04 16.95
N ASP C 296 23.07 -21.86 15.89
CA ASP C 296 23.93 -23.03 15.70
C ASP C 296 25.06 -22.78 14.70
N LEU C 297 24.90 -21.79 13.80
CA LEU C 297 25.87 -21.47 12.74
C LEU C 297 27.20 -20.90 13.28
N VAL C 298 27.14 -19.92 14.18
CA VAL C 298 28.32 -19.31 14.80
C VAL C 298 28.25 -19.50 16.31
N ILE C 299 29.17 -20.31 16.87
CA ILE C 299 29.22 -20.66 18.29
C ILE C 299 30.48 -20.11 18.97
N VAL C 300 30.29 -19.43 20.11
CA VAL C 300 31.39 -18.91 20.94
C VAL C 300 31.45 -19.87 22.12
N SER C 301 32.48 -20.75 22.13
CA SER C 301 32.62 -21.79 23.15
C SER C 301 34.03 -21.95 23.69
N ASP C 302 34.14 -22.50 24.93
CA ASP C 302 35.39 -22.82 25.60
C ASP C 302 35.70 -24.25 25.16
N GLY C 303 36.51 -24.35 24.11
CA GLY C 303 36.86 -25.61 23.47
C GLY C 303 35.84 -26.00 22.41
N PRO C 304 36.03 -27.13 21.69
CA PRO C 304 35.06 -27.51 20.64
C PRO C 304 33.62 -27.62 21.14
N PRO C 305 32.62 -27.04 20.39
CA PRO C 305 31.23 -27.09 20.85
C PRO C 305 30.65 -28.49 20.98
N THR C 306 29.79 -28.66 22.00
CA THR C 306 29.10 -29.92 22.31
C THR C 306 27.59 -29.75 22.20
N GLY C 307 26.89 -30.87 22.02
CA GLY C 307 25.44 -30.90 21.90
C GLY C 307 24.97 -30.98 20.46
N TYR C 308 25.89 -31.30 19.54
CA TYR C 308 25.63 -31.42 18.12
C TYR C 308 25.89 -32.87 17.66
N PRO C 309 25.24 -33.36 16.57
CA PRO C 309 25.51 -34.74 16.13
C PRO C 309 26.96 -34.98 15.71
N GLU C 310 27.40 -36.26 15.69
CA GLU C 310 28.77 -36.62 15.30
C GLU C 310 29.02 -36.22 13.85
N SER C 311 27.95 -36.26 13.02
CA SER C 311 27.91 -35.90 11.61
C SER C 311 28.28 -34.44 11.34
N ALA C 312 28.15 -33.57 12.36
CA ALA C 312 28.46 -32.15 12.27
C ALA C 312 29.95 -31.89 12.16
N GLU C 313 30.33 -30.91 11.33
CA GLU C 313 31.71 -30.52 11.11
C GLU C 313 31.91 -29.07 11.54
N ILE C 314 32.03 -28.86 12.86
CA ILE C 314 32.22 -27.54 13.46
C ILE C 314 33.72 -27.22 13.48
N VAL C 315 34.11 -26.21 12.70
CA VAL C 315 35.49 -25.75 12.50
C VAL C 315 35.75 -24.43 13.24
N GLU C 316 36.93 -24.32 13.91
CA GLU C 316 37.35 -23.11 14.62
C GLU C 316 37.74 -22.06 13.58
N VAL C 317 37.23 -20.83 13.74
CA VAL C 317 37.51 -19.72 12.83
C VAL C 317 38.98 -19.27 12.97
N PRO C 318 39.77 -19.26 11.86
CA PRO C 318 41.18 -18.84 11.98
C PRO C 318 41.33 -17.33 12.20
N GLU C 319 42.59 -16.89 12.51
CA GLU C 319 42.93 -15.49 12.76
C GLU C 319 42.46 -14.51 11.67
N ASP C 320 42.52 -14.91 10.39
CA ASP C 320 42.11 -14.07 9.25
C ASP C 320 40.58 -13.90 9.15
N GLY C 321 39.84 -14.75 9.86
CA GLY C 321 38.37 -14.72 9.89
C GLY C 321 37.68 -15.54 8.82
N ILE C 322 38.42 -15.99 7.79
CA ILE C 322 37.86 -16.76 6.68
C ILE C 322 37.94 -18.29 6.92
N VAL C 323 36.79 -18.96 6.82
CA VAL C 323 36.63 -20.41 6.90
C VAL C 323 36.23 -20.86 5.50
N SER C 324 36.98 -21.81 4.93
CA SER C 324 36.72 -22.29 3.57
C SER C 324 35.97 -23.62 3.53
N ILE C 325 34.67 -23.55 3.17
CA ILE C 325 33.82 -24.73 3.00
C ILE C 325 33.86 -24.95 1.48
N GLN C 326 34.76 -25.85 1.02
CA GLN C 326 35.01 -26.12 -0.39
C GLN C 326 35.36 -24.81 -1.12
N ASP C 327 34.61 -24.44 -2.16
CA ASP C 327 34.83 -23.21 -2.92
C ASP C 327 34.29 -21.96 -2.21
N ALA C 328 33.33 -22.15 -1.27
CA ALA C 328 32.68 -21.08 -0.50
C ALA C 328 33.50 -20.61 0.70
N ASP C 329 33.72 -19.29 0.78
CA ASP C 329 34.46 -18.64 1.87
C ASP C 329 33.51 -17.89 2.79
N VAL C 330 33.59 -18.18 4.10
CA VAL C 330 32.73 -17.56 5.11
C VAL C 330 33.60 -16.72 6.05
N TYR C 331 33.34 -15.40 6.09
CA TYR C 331 34.06 -14.46 6.95
C TYR C 331 33.30 -14.33 8.26
N VAL C 332 33.90 -14.78 9.37
CA VAL C 332 33.29 -14.72 10.70
C VAL C 332 34.21 -13.95 11.65
N LYS C 333 33.73 -12.82 12.18
CA LYS C 333 34.46 -11.99 13.13
C LYS C 333 33.54 -11.46 14.23
N ILE C 334 33.67 -12.03 15.44
CA ILE C 334 32.87 -11.65 16.61
C ILE C 334 33.73 -10.86 17.60
N ASP C 335 33.23 -9.69 18.05
CA ASP C 335 33.92 -8.83 19.01
C ASP C 335 33.66 -9.29 20.45
N ASN C 336 34.50 -8.81 21.39
CA ASN C 336 34.45 -9.04 22.84
C ASN C 336 34.33 -10.55 23.21
N VAL C 337 35.08 -11.40 22.50
CA VAL C 337 35.09 -12.83 22.77
C VAL C 337 36.09 -13.07 23.94
N PRO C 338 35.67 -13.77 25.02
CA PRO C 338 36.60 -14.01 26.14
C PRO C 338 37.87 -14.76 25.73
N ASP C 339 38.96 -14.54 26.50
CA ASP C 339 40.28 -15.14 26.27
C ASP C 339 40.26 -16.67 26.33
N ASN C 340 39.39 -17.26 27.18
CA ASN C 340 39.26 -18.71 27.33
C ASN C 340 38.42 -19.36 26.22
N MET C 341 37.62 -18.54 25.50
CA MET C 341 36.72 -19.01 24.43
C MET C 341 37.24 -18.72 23.02
N SER C 342 36.72 -19.49 22.03
CA SER C 342 37.04 -19.36 20.61
C SER C 342 35.78 -19.30 19.76
N VAL C 343 35.89 -18.72 18.55
CA VAL C 343 34.77 -18.60 17.58
C VAL C 343 34.76 -19.83 16.65
N TYR C 344 33.59 -20.46 16.51
CA TYR C 344 33.38 -21.65 15.70
C TYR C 344 32.28 -21.47 14.64
N LEU C 345 32.44 -22.12 13.47
CA LEU C 345 31.47 -22.10 12.37
C LEU C 345 31.01 -23.53 12.05
N HIS C 346 29.69 -23.75 12.02
CA HIS C 346 29.11 -25.04 11.69
C HIS C 346 29.11 -25.12 10.16
N THR C 347 30.09 -25.84 9.58
CA THR C 347 30.28 -25.92 8.12
C THR C 347 29.22 -26.76 7.37
N ASN C 348 28.37 -27.52 8.07
CA ASN C 348 27.36 -28.34 7.41
C ASN C 348 26.03 -28.40 8.20
N LEU C 349 25.54 -27.22 8.65
CA LEU C 349 24.30 -27.08 9.44
C LEU C 349 23.14 -27.89 8.86
N LEU C 350 22.93 -27.76 7.54
CA LEU C 350 21.93 -28.50 6.78
C LEU C 350 22.55 -28.87 5.45
N MET C 351 22.62 -30.17 5.14
CA MET C 351 23.22 -30.63 3.89
C MET C 351 22.41 -31.75 3.19
N PHE C 352 22.45 -31.75 1.85
CA PHE C 352 21.72 -32.73 1.04
C PHE C 352 22.58 -33.21 -0.13
N GLY C 353 22.57 -34.53 -0.33
CA GLY C 353 23.30 -35.21 -1.40
C GLY C 353 22.64 -36.53 -1.73
N THR C 354 22.30 -36.73 -3.00
CA THR C 354 21.64 -37.95 -3.48
C THR C 354 22.62 -39.13 -3.59
N ARG C 355 23.87 -38.80 -3.93
CA ARG C 355 24.99 -39.71 -4.15
C ARG C 355 26.23 -39.20 -3.39
N LYS C 356 27.10 -40.14 -2.95
CA LYS C 356 28.31 -39.84 -2.16
C LYS C 356 29.34 -38.94 -2.83
N ASN C 357 29.41 -38.92 -4.18
CA ASN C 357 30.35 -38.08 -4.88
C ASN C 357 29.69 -37.22 -5.97
N SER C 358 28.55 -36.59 -5.61
CA SER C 358 27.76 -35.72 -6.48
C SER C 358 27.71 -34.28 -5.90
N PHE C 359 26.72 -33.48 -6.34
CA PHE C 359 26.56 -32.11 -5.84
C PHE C 359 25.99 -32.15 -4.43
N ILE C 360 26.41 -31.20 -3.58
CA ILE C 360 25.94 -31.10 -2.20
C ILE C 360 25.29 -29.73 -2.00
N TYR C 361 24.05 -29.73 -1.47
CA TYR C 361 23.37 -28.50 -1.13
C TYR C 361 23.58 -28.28 0.35
N ASN C 362 24.54 -27.40 0.68
CA ASN C 362 24.94 -27.07 2.05
C ASN C 362 24.46 -25.65 2.40
N ILE C 363 23.67 -25.53 3.49
CA ILE C 363 23.12 -24.24 3.89
C ILE C 363 24.20 -23.28 4.45
N SER C 364 25.30 -23.82 5.03
CA SER C 364 26.37 -23.00 5.59
C SER C 364 27.11 -22.29 4.45
N LYS C 365 27.17 -22.92 3.26
CA LYS C 365 27.81 -22.37 2.06
C LYS C 365 27.05 -21.14 1.54
N LYS C 366 25.76 -21.01 1.93
CA LYS C 366 24.86 -19.91 1.56
C LYS C 366 25.12 -18.64 2.38
N PHE C 367 26.16 -18.64 3.25
CA PHE C 367 26.58 -17.51 4.07
C PHE C 367 27.98 -17.05 3.62
N SER C 368 28.21 -15.73 3.58
CA SER C 368 29.50 -15.18 3.15
C SER C 368 30.19 -14.35 4.22
N ALA C 369 29.40 -13.67 5.09
CA ALA C 369 29.92 -12.86 6.19
C ALA C 369 28.98 -12.83 7.38
N ILE C 370 29.53 -13.04 8.59
CA ILE C 370 28.81 -13.03 9.87
C ILE C 370 29.62 -12.21 10.87
N THR C 371 29.10 -11.05 11.27
CA THR C 371 29.75 -10.16 12.23
C THR C 371 28.81 -9.91 13.40
N GLY C 372 29.39 -9.79 14.59
CA GLY C 372 28.65 -9.56 15.82
C GLY C 372 29.54 -9.26 17.00
N THR C 373 28.92 -9.20 18.20
CA THR C 373 29.62 -8.92 19.46
C THR C 373 29.10 -9.85 20.55
N TYR C 374 30.02 -10.49 21.28
CA TYR C 374 29.69 -11.39 22.39
C TYR C 374 29.35 -10.55 23.62
N SER C 375 28.22 -10.87 24.24
CA SER C 375 27.76 -10.18 25.45
C SER C 375 28.18 -10.99 26.68
N ASP C 376 28.98 -10.37 27.56
CA ASP C 376 29.45 -11.00 28.80
C ASP C 376 28.30 -11.13 29.80
N ALA C 377 27.39 -10.14 29.82
CA ALA C 377 26.23 -10.07 30.70
C ALA C 377 25.20 -11.18 30.45
N THR C 378 24.78 -11.38 29.18
CA THR C 378 23.79 -12.38 28.80
C THR C 378 24.43 -13.71 28.33
N LYS C 379 25.77 -13.75 28.19
CA LYS C 379 26.56 -14.91 27.75
C LYS C 379 26.09 -15.45 26.38
N ARG C 380 25.73 -14.53 25.47
CA ARG C 380 25.27 -14.84 24.11
C ARG C 380 25.84 -13.90 23.05
N THR C 381 25.85 -14.36 21.78
CA THR C 381 26.35 -13.59 20.64
C THR C 381 25.23 -12.75 20.05
N ILE C 382 25.48 -11.44 19.90
CA ILE C 382 24.54 -10.48 19.34
C ILE C 382 25.04 -10.16 17.94
N PHE C 383 24.40 -10.75 16.92
CA PHE C 383 24.78 -10.58 15.50
C PHE C 383 24.42 -9.21 14.96
N ALA C 384 25.41 -8.52 14.37
CA ALA C 384 25.27 -7.20 13.80
C ALA C 384 24.82 -7.23 12.34
N HIS C 385 25.68 -7.73 11.44
CA HIS C 385 25.40 -7.81 10.01
C HIS C 385 25.68 -9.19 9.46
N ILE C 386 24.75 -9.70 8.61
CA ILE C 386 24.86 -10.99 7.95
C ILE C 386 24.77 -10.82 6.44
N SER C 387 25.78 -11.34 5.72
CA SER C 387 25.81 -11.36 4.26
C SER C 387 25.55 -12.80 3.86
N HIS C 388 24.42 -13.05 3.18
CA HIS C 388 24.00 -14.39 2.77
C HIS C 388 23.24 -14.39 1.44
N SER C 389 22.97 -15.61 0.91
CA SER C 389 22.24 -15.86 -0.32
C SER C 389 20.99 -16.74 -0.09
N ILE C 390 20.47 -16.75 1.16
CA ILE C 390 19.27 -17.51 1.55
C ILE C 390 18.04 -16.99 0.78
N ASN C 391 17.23 -17.90 0.25
CA ASN C 391 16.03 -17.58 -0.54
C ASN C 391 14.72 -18.06 0.11
N ILE C 392 13.58 -17.66 -0.48
CA ILE C 392 12.23 -18.04 -0.03
C ILE C 392 12.00 -19.57 -0.06
N ILE C 393 12.71 -20.28 -0.97
CA ILE C 393 12.61 -21.73 -1.11
C ILE C 393 13.20 -22.40 0.14
N ASP C 394 14.41 -21.97 0.58
CA ASP C 394 15.10 -22.51 1.76
C ASP C 394 14.20 -22.52 2.98
N THR C 395 13.49 -21.40 3.22
CA THR C 395 12.56 -21.21 4.33
C THR C 395 11.34 -22.13 4.24
N SER C 396 10.99 -22.54 3.00
CA SER C 396 9.84 -23.38 2.67
C SER C 396 10.14 -24.89 2.59
N ILE C 397 11.38 -25.30 2.90
CA ILE C 397 11.73 -26.72 2.87
C ILE C 397 11.27 -27.43 4.15
N PRO C 398 10.40 -28.47 4.04
CA PRO C 398 9.98 -29.22 5.25
C PRO C 398 11.17 -29.98 5.83
N VAL C 399 11.32 -29.95 7.18
CA VAL C 399 12.43 -30.60 7.91
C VAL C 399 12.65 -32.06 7.45
N SER C 400 11.54 -32.80 7.20
CA SER C 400 11.56 -34.19 6.76
C SER C 400 12.45 -34.41 5.52
N LEU C 401 12.41 -33.49 4.55
CA LEU C 401 13.19 -33.55 3.31
C LEU C 401 14.70 -33.43 3.51
N TRP C 402 15.15 -32.82 4.62
CA TRP C 402 16.57 -32.74 4.94
C TRP C 402 17.06 -34.09 5.45
N THR C 403 16.19 -34.81 6.21
CA THR C 403 16.47 -36.12 6.80
C THR C 403 15.88 -37.27 5.95
N SER C 404 15.51 -36.95 4.69
CA SER C 404 14.93 -37.83 3.66
C SER C 404 15.80 -39.09 3.39
N GLN C 405 15.16 -40.16 2.84
CA GLN C 405 15.87 -41.40 2.49
C GLN C 405 16.85 -41.17 1.35
N ARG C 406 16.48 -40.27 0.38
CA ARG C 406 17.28 -39.90 -0.79
C ARG C 406 18.60 -39.21 -0.42
N ASN C 407 18.72 -38.71 0.83
CA ASN C 407 19.92 -38.03 1.29
C ASN C 407 20.91 -39.02 1.93
N VAL C 408 22.09 -39.17 1.30
CA VAL C 408 23.16 -40.07 1.77
C VAL C 408 23.83 -39.55 3.05
N TYR C 409 23.67 -38.24 3.33
CA TYR C 409 24.20 -37.56 4.52
C TYR C 409 23.12 -37.54 5.62
N ASN C 410 23.51 -37.13 6.86
CA ASN C 410 22.57 -37.06 7.98
C ASN C 410 21.47 -36.02 7.68
N GLY C 411 21.87 -34.85 7.17
CA GLY C 411 20.94 -33.81 6.77
C GLY C 411 20.76 -32.68 7.76
N ASP C 412 20.08 -32.96 8.88
CA ASP C 412 19.80 -31.98 9.92
C ASP C 412 20.87 -32.09 11.01
N ASN C 413 21.87 -31.20 10.98
CA ASN C 413 22.98 -31.22 11.93
C ASN C 413 22.86 -30.12 13.00
N ARG C 414 21.63 -29.59 13.17
CA ARG C 414 21.31 -28.56 14.16
C ARG C 414 21.28 -29.17 15.56
N SER C 415 21.29 -28.33 16.60
CA SER C 415 21.23 -28.75 18.01
C SER C 415 19.81 -29.24 18.32
N ALA C 416 19.65 -30.03 19.41
CA ALA C 416 18.34 -30.54 19.84
C ALA C 416 17.42 -29.39 20.24
N GLU C 417 18.01 -28.27 20.74
CA GLU C 417 17.35 -27.04 21.16
C GLU C 417 16.67 -26.39 19.95
N SER C 418 17.42 -26.23 18.84
CA SER C 418 16.95 -25.65 17.58
C SER C 418 15.84 -26.49 16.97
N LYS C 419 16.03 -27.83 16.94
CA LYS C 419 15.07 -28.81 16.40
C LYS C 419 13.74 -28.78 17.15
N ALA C 420 13.78 -28.51 18.47
CA ALA C 420 12.60 -28.42 19.35
C ALA C 420 11.75 -27.18 19.05
N LYS C 421 12.38 -26.16 18.43
CA LYS C 421 11.73 -24.89 18.09
C LYS C 421 11.01 -24.94 16.71
N ASP C 422 11.07 -26.10 16.01
CA ASP C 422 10.42 -26.30 14.71
C ASP C 422 8.92 -26.22 14.85
N LEU C 423 8.26 -25.64 13.85
CA LEU C 423 6.82 -25.44 13.87
C LEU C 423 6.09 -26.20 12.79
N PHE C 424 4.92 -26.77 13.15
CA PHE C 424 4.03 -27.48 12.25
C PHE C 424 3.20 -26.45 11.50
N ILE C 425 3.27 -26.45 10.15
CA ILE C 425 2.50 -25.55 9.30
C ILE C 425 1.65 -26.42 8.39
N ASN C 426 0.33 -26.28 8.52
CA ASN C 426 -0.64 -27.05 7.74
C ASN C 426 -1.61 -26.16 6.95
N ASP C 427 -1.17 -24.92 6.59
CA ASP C 427 -1.97 -23.96 5.81
C ASP C 427 -2.54 -24.65 4.56
N PRO C 428 -3.88 -24.67 4.41
CA PRO C 428 -4.47 -25.38 3.27
C PRO C 428 -4.38 -24.65 1.94
N PHE C 429 -4.02 -23.36 1.94
CA PHE C 429 -4.01 -22.55 0.71
C PHE C 429 -2.62 -22.18 0.18
N ILE C 430 -1.60 -23.01 0.48
CA ILE C 430 -0.24 -22.77 -0.03
C ILE C 430 -0.22 -23.09 -1.53
N LYS C 431 0.45 -22.25 -2.33
CA LYS C 431 0.57 -22.43 -3.77
C LYS C 431 2.02 -22.46 -4.18
N GLY C 432 2.30 -23.19 -5.24
CA GLY C 432 3.64 -23.37 -5.77
C GLY C 432 4.46 -24.30 -4.92
N ILE C 433 5.72 -23.94 -4.66
CA ILE C 433 6.62 -24.77 -3.86
C ILE C 433 7.23 -23.98 -2.71
N ASP C 434 6.93 -22.67 -2.63
CA ASP C 434 7.41 -21.78 -1.57
C ASP C 434 6.25 -21.05 -0.88
N PHE C 435 6.47 -20.60 0.37
CA PHE C 435 5.47 -19.91 1.19
C PHE C 435 4.94 -18.62 0.61
N LYS C 436 5.72 -17.94 -0.25
CA LYS C 436 5.31 -16.69 -0.89
C LYS C 436 4.84 -16.87 -2.34
N ASN C 437 4.82 -18.13 -2.83
CA ASN C 437 4.42 -18.51 -4.20
C ASN C 437 5.24 -17.73 -5.28
N LYS C 438 6.52 -17.45 -4.96
CA LYS C 438 7.45 -16.71 -5.82
C LYS C 438 7.89 -17.53 -7.03
N THR C 439 8.42 -18.75 -6.77
CA THR C 439 8.94 -19.65 -7.79
C THR C 439 7.84 -20.20 -8.69
N ASP C 440 7.94 -19.88 -10.00
CA ASP C 440 7.00 -20.37 -10.99
C ASP C 440 7.60 -21.66 -11.55
N ILE C 441 7.02 -22.79 -11.16
CA ILE C 441 7.52 -24.11 -11.54
C ILE C 441 6.89 -24.64 -12.85
N ILE C 442 5.96 -23.90 -13.48
CA ILE C 442 5.41 -24.35 -14.75
C ILE C 442 6.25 -23.76 -15.89
N SER C 443 6.99 -24.62 -16.62
CA SER C 443 7.86 -24.26 -17.74
C SER C 443 7.06 -24.09 -19.04
N ARG C 444 5.99 -24.89 -19.20
CA ARG C 444 5.12 -24.88 -20.36
C ARG C 444 3.70 -25.30 -19.97
N LEU C 445 2.69 -24.58 -20.50
CA LEU C 445 1.26 -24.88 -20.28
C LEU C 445 0.65 -25.28 -21.62
N GLU C 446 -0.31 -26.23 -21.58
CA GLU C 446 -1.03 -26.70 -22.78
C GLU C 446 -2.48 -27.01 -22.41
N VAL C 447 -3.41 -26.21 -22.94
CA VAL C 447 -4.85 -26.38 -22.70
C VAL C 447 -5.51 -26.91 -23.98
N ARG C 448 -6.26 -28.01 -23.85
CA ARG C 448 -6.92 -28.64 -25.00
C ARG C 448 -8.43 -28.71 -24.80
N PHE C 449 -9.20 -28.24 -25.81
CA PHE C 449 -10.66 -28.32 -25.81
C PHE C 449 -10.99 -29.57 -26.62
N GLY C 450 -11.36 -30.63 -25.92
CA GLY C 450 -11.58 -31.93 -26.51
C GLY C 450 -10.23 -32.56 -26.77
N ASN C 451 -9.80 -32.57 -28.04
CA ASN C 451 -8.52 -33.13 -28.46
C ASN C 451 -7.63 -32.07 -29.11
N ASP C 452 -8.24 -30.99 -29.63
CA ASP C 452 -7.57 -29.87 -30.29
C ASP C 452 -7.02 -28.86 -29.27
N VAL C 453 -5.80 -28.34 -29.53
CA VAL C 453 -5.13 -27.37 -28.66
C VAL C 453 -5.89 -26.04 -28.70
N LEU C 454 -6.40 -25.61 -27.54
CA LEU C 454 -7.12 -24.34 -27.36
C LEU C 454 -6.15 -23.21 -27.10
N TYR C 455 -5.11 -23.48 -26.28
CA TYR C 455 -4.08 -22.51 -25.92
C TYR C 455 -2.81 -23.22 -25.46
N SER C 456 -1.65 -22.60 -25.71
CA SER C 456 -0.34 -23.09 -25.29
C SER C 456 0.58 -21.90 -25.04
N GLU C 457 1.43 -22.00 -24.00
CA GLU C 457 2.39 -20.95 -23.67
C GLU C 457 3.69 -21.50 -23.07
N ASN C 458 4.80 -20.80 -23.34
CA ASN C 458 6.13 -21.13 -22.83
C ASN C 458 6.54 -20.19 -21.69
N GLY C 459 5.80 -19.09 -21.56
CA GLY C 459 5.97 -18.09 -20.52
C GLY C 459 4.66 -17.85 -19.80
N PRO C 460 4.65 -17.29 -18.57
CA PRO C 460 3.38 -17.10 -17.86
C PRO C 460 2.61 -15.83 -18.28
N ILE C 461 2.43 -15.66 -19.61
CA ILE C 461 1.77 -14.50 -20.18
C ILE C 461 0.28 -14.46 -19.78
N SER C 462 -0.37 -15.64 -19.61
CA SER C 462 -1.76 -15.71 -19.16
C SER C 462 -1.89 -15.23 -17.71
N ARG C 463 -0.85 -15.49 -16.88
CA ARG C 463 -0.77 -15.02 -15.49
C ARG C 463 -0.54 -13.51 -15.48
N ILE C 464 0.34 -13.00 -16.37
CA ILE C 464 0.64 -11.57 -16.51
C ILE C 464 -0.65 -10.83 -16.88
N TYR C 465 -1.44 -11.36 -17.85
CA TYR C 465 -2.72 -10.76 -18.25
C TYR C 465 -3.71 -10.78 -17.12
N ASN C 466 -3.76 -11.90 -16.36
CA ASN C 466 -4.65 -12.06 -15.20
C ASN C 466 -4.34 -11.01 -14.14
N GLU C 467 -3.05 -10.85 -13.79
CA GLU C 467 -2.58 -9.89 -12.79
C GLU C 467 -2.87 -8.45 -13.22
N LEU C 468 -2.68 -8.17 -14.53
CA LEU C 468 -2.93 -6.85 -15.12
C LEU C 468 -4.42 -6.51 -15.18
N LEU C 469 -5.23 -7.40 -15.79
CA LEU C 469 -6.67 -7.20 -15.97
C LEU C 469 -7.46 -7.15 -14.66
N THR C 470 -7.00 -7.85 -13.61
CA THR C 470 -7.70 -7.86 -12.32
C THR C 470 -7.06 -6.94 -11.27
N LYS C 471 -5.92 -6.29 -11.64
CA LYS C 471 -5.14 -5.39 -10.77
C LYS C 471 -4.77 -6.15 -9.45
N SER C 472 -4.22 -7.36 -9.63
CA SER C 472 -3.83 -8.26 -8.55
C SER C 472 -2.34 -8.57 -8.63
N ASN C 473 -1.67 -8.66 -7.49
CA ASN C 473 -0.24 -8.99 -7.43
C ASN C 473 -0.04 -10.49 -7.30
N ASN C 474 -1.13 -11.23 -6.95
CA ASN C 474 -1.10 -12.68 -6.76
C ASN C 474 -2.16 -13.39 -7.63
N GLY C 475 -1.91 -13.38 -8.93
CA GLY C 475 -2.76 -14.03 -9.93
C GLY C 475 -2.29 -15.42 -10.30
N THR C 476 -3.04 -16.05 -11.21
CA THR C 476 -2.77 -17.40 -11.71
C THR C 476 -2.83 -17.42 -13.24
N ARG C 477 -2.33 -18.49 -13.88
CA ARG C 477 -2.38 -18.66 -15.33
C ARG C 477 -3.87 -18.84 -15.69
N THR C 478 -4.52 -17.75 -16.10
CA THR C 478 -5.95 -17.73 -16.38
C THR C 478 -6.27 -17.43 -17.85
N LEU C 479 -7.19 -18.22 -18.39
CA LEU C 479 -7.72 -18.07 -19.74
C LEU C 479 -9.11 -17.48 -19.59
N THR C 480 -9.24 -16.18 -19.86
CA THR C 480 -10.53 -15.49 -19.77
C THR C 480 -11.20 -15.57 -21.13
N PHE C 481 -12.49 -15.95 -21.15
CA PHE C 481 -13.27 -16.03 -22.37
C PHE C 481 -14.30 -14.90 -22.45
N ASN C 482 -14.72 -14.40 -21.27
CA ASN C 482 -15.70 -13.33 -21.11
C ASN C 482 -15.04 -11.98 -20.80
N PHE C 483 -15.07 -11.06 -21.79
CA PHE C 483 -14.58 -9.68 -21.67
C PHE C 483 -15.78 -8.72 -21.80
N THR C 484 -17.00 -9.29 -21.66
CA THR C 484 -18.28 -8.60 -21.72
C THR C 484 -18.69 -8.20 -20.28
N PRO C 485 -19.27 -6.98 -20.07
CA PRO C 485 -19.66 -6.58 -18.70
C PRO C 485 -20.62 -7.55 -18.04
N LYS C 486 -20.36 -7.85 -16.76
CA LYS C 486 -21.17 -8.77 -15.95
C LYS C 486 -22.55 -8.20 -15.61
N ILE C 487 -23.52 -9.10 -15.35
CA ILE C 487 -24.92 -8.86 -14.96
C ILE C 487 -25.76 -8.23 -16.11
N PHE C 488 -25.31 -7.11 -16.70
CA PHE C 488 -26.03 -6.42 -17.77
C PHE C 488 -25.99 -7.14 -19.13
N PHE C 489 -25.17 -8.19 -19.25
CA PHE C 489 -25.02 -8.99 -20.47
C PHE C 489 -24.90 -10.47 -20.17
N ARG C 490 -25.30 -11.34 -21.13
CA ARG C 490 -25.14 -12.79 -21.01
C ARG C 490 -23.61 -13.02 -21.20
N PRO C 491 -22.92 -13.64 -20.23
CA PRO C 491 -21.46 -13.80 -20.38
C PRO C 491 -21.03 -14.58 -21.62
N THR C 492 -19.92 -14.14 -22.25
CA THR C 492 -19.31 -14.74 -23.44
C THR C 492 -18.62 -16.01 -23.01
N THR C 493 -19.10 -17.14 -23.52
CA THR C 493 -18.60 -18.46 -23.15
C THR C 493 -17.96 -19.22 -24.29
N ILE C 494 -17.10 -20.18 -23.94
CA ILE C 494 -16.48 -21.08 -24.91
C ILE C 494 -17.55 -22.09 -25.30
N THR C 495 -18.03 -22.00 -26.55
CA THR C 495 -19.06 -22.84 -27.14
C THR C 495 -18.55 -24.26 -27.40
N ALA C 496 -19.25 -25.27 -26.85
CA ALA C 496 -18.88 -26.68 -26.96
C ALA C 496 -19.54 -27.41 -28.12
N ASN C 497 -18.86 -28.46 -28.64
CA ASN C 497 -19.36 -29.33 -29.71
C ASN C 497 -19.22 -30.79 -29.26
N VAL C 498 -20.34 -31.36 -28.76
CA VAL C 498 -20.40 -32.74 -28.23
C VAL C 498 -20.03 -33.77 -29.32
N SER C 499 -20.61 -33.61 -30.53
CA SER C 499 -20.37 -34.50 -31.69
C SER C 499 -18.89 -34.61 -32.06
N ARG C 500 -18.14 -33.49 -31.97
CA ARG C 500 -16.71 -33.41 -32.25
C ARG C 500 -15.83 -33.82 -31.05
N GLY C 501 -16.46 -34.10 -29.92
CA GLY C 501 -15.77 -34.48 -28.68
C GLY C 501 -15.25 -33.32 -27.87
N LYS C 502 -15.58 -32.07 -28.29
CA LYS C 502 -15.19 -30.82 -27.63
C LYS C 502 -16.16 -30.52 -26.47
N ASP C 503 -16.15 -31.38 -25.45
CA ASP C 503 -17.01 -31.28 -24.26
C ASP C 503 -16.19 -31.40 -22.98
N LYS C 504 -14.87 -31.13 -23.07
CA LYS C 504 -13.93 -31.21 -21.95
C LYS C 504 -12.70 -30.33 -22.13
N LEU C 505 -12.11 -29.90 -21.01
CA LEU C 505 -10.88 -29.10 -21.00
C LEU C 505 -9.80 -29.90 -20.31
N SER C 506 -8.75 -30.25 -21.09
CA SER C 506 -7.61 -31.01 -20.60
C SER C 506 -6.39 -30.10 -20.50
N VAL C 507 -5.81 -30.04 -19.31
CA VAL C 507 -4.64 -29.20 -19.05
C VAL C 507 -3.42 -30.10 -18.86
N ARG C 508 -2.32 -29.79 -19.58
CA ARG C 508 -1.07 -30.53 -19.51
C ARG C 508 0.04 -29.52 -19.26
N VAL C 509 0.81 -29.73 -18.19
CA VAL C 509 1.93 -28.83 -17.86
C VAL C 509 3.27 -29.55 -17.96
N VAL C 510 4.32 -28.78 -18.19
CA VAL C 510 5.69 -29.28 -18.21
C VAL C 510 6.35 -28.49 -17.08
N TYR C 511 6.75 -29.19 -16.02
CA TYR C 511 7.38 -28.52 -14.88
C TYR C 511 8.85 -28.14 -15.16
N SER C 512 9.31 -27.08 -14.50
CA SER C 512 10.67 -26.59 -14.61
C SER C 512 11.62 -27.56 -13.91
N THR C 513 12.62 -28.00 -14.66
CA THR C 513 13.66 -28.94 -14.25
C THR C 513 14.56 -28.33 -13.15
N MET C 514 14.69 -29.05 -12.02
CA MET C 514 15.49 -28.65 -10.85
CA MET C 514 15.48 -28.66 -10.84
C MET C 514 16.63 -29.66 -10.68
N ASP C 515 17.75 -29.25 -10.03
CA ASP C 515 18.86 -30.19 -9.78
C ASP C 515 18.45 -31.15 -8.67
N VAL C 516 18.64 -32.46 -8.89
CA VAL C 516 18.26 -33.55 -7.97
C VAL C 516 18.84 -33.41 -6.56
N ASN C 517 20.01 -32.78 -6.40
CA ASN C 517 20.68 -32.61 -5.12
C ASN C 517 20.17 -31.43 -4.26
N HIS C 518 19.06 -30.78 -4.67
CA HIS C 518 18.40 -29.70 -3.94
C HIS C 518 17.20 -30.32 -3.20
N PRO C 519 17.00 -30.06 -1.88
CA PRO C 519 15.87 -30.68 -1.16
C PRO C 519 14.48 -30.40 -1.71
N ILE C 520 14.24 -29.19 -2.26
CA ILE C 520 12.94 -28.77 -2.79
C ILE C 520 12.47 -29.63 -3.98
N TYR C 521 13.40 -30.30 -4.70
CA TYR C 521 13.11 -31.18 -5.85
C TYR C 521 12.14 -32.30 -5.45
N TYR C 522 12.08 -32.63 -4.15
CA TYR C 522 11.28 -33.70 -3.56
C TYR C 522 9.96 -33.22 -2.94
N VAL C 523 9.55 -31.98 -3.26
CA VAL C 523 8.26 -31.43 -2.82
C VAL C 523 7.23 -31.93 -3.84
N GLN C 524 6.28 -32.75 -3.37
CA GLN C 524 5.22 -33.32 -4.20
C GLN C 524 4.29 -32.22 -4.70
N LYS C 525 4.02 -32.20 -6.01
CA LYS C 525 3.20 -31.18 -6.66
C LYS C 525 1.81 -31.69 -7.04
N GLN C 526 0.81 -30.80 -7.04
CA GLN C 526 -0.57 -31.10 -7.43
C GLN C 526 -1.12 -30.00 -8.34
N LEU C 527 -1.56 -30.38 -9.55
CA LEU C 527 -2.09 -29.45 -10.54
C LEU C 527 -3.58 -29.18 -10.28
N VAL C 528 -3.91 -27.91 -10.02
CA VAL C 528 -5.27 -27.44 -9.74
C VAL C 528 -5.78 -26.69 -10.96
N VAL C 529 -6.94 -27.13 -11.49
CA VAL C 529 -7.57 -26.51 -12.66
C VAL C 529 -8.98 -26.08 -12.24
N VAL C 530 -9.25 -24.78 -12.38
CA VAL C 530 -10.54 -24.19 -12.01
C VAL C 530 -11.29 -23.73 -13.25
N CYS C 531 -12.53 -24.20 -13.42
CA CYS C 531 -13.42 -23.87 -14.53
C CYS C 531 -14.67 -23.17 -14.02
N ASN C 532 -14.98 -22.00 -14.60
CA ASN C 532 -16.16 -21.23 -14.24
C ASN C 532 -17.26 -21.50 -15.28
N ASP C 533 -18.15 -22.45 -14.97
CA ASP C 533 -19.27 -22.88 -15.81
C ASP C 533 -20.45 -21.93 -15.70
N LEU C 534 -21.09 -21.62 -16.84
CA LEU C 534 -22.24 -20.72 -16.91
C LEU C 534 -23.54 -21.46 -16.61
N TYR C 535 -24.35 -20.86 -15.73
CA TYR C 535 -25.64 -21.37 -15.30
C TYR C 535 -26.69 -20.27 -15.43
N LYS C 536 -27.96 -20.65 -15.68
CA LYS C 536 -29.07 -19.71 -15.77
C LYS C 536 -29.94 -19.82 -14.52
N VAL C 537 -30.19 -18.69 -13.87
CA VAL C 537 -31.02 -18.61 -12.67
C VAL C 537 -32.47 -18.40 -13.10
N SER C 538 -33.32 -19.35 -12.72
CA SER C 538 -34.76 -19.36 -12.99
C SER C 538 -35.49 -19.18 -11.67
N TYR C 539 -36.52 -18.33 -11.65
CA TYR C 539 -37.28 -18.05 -10.43
C TYR C 539 -38.71 -18.61 -10.46
N ASP C 540 -39.07 -19.33 -11.55
CA ASP C 540 -40.38 -19.95 -11.73
C ASP C 540 -40.54 -21.13 -10.74
N GLN C 541 -41.46 -20.96 -9.77
CA GLN C 541 -41.74 -21.91 -8.68
C GLN C 541 -40.49 -22.18 -7.83
N GLY C 542 -39.97 -21.11 -7.21
CA GLY C 542 -38.77 -21.14 -6.40
C GLY C 542 -37.50 -20.87 -7.20
N VAL C 543 -36.37 -20.67 -6.50
CA VAL C 543 -35.07 -20.40 -7.12
C VAL C 543 -34.44 -21.70 -7.61
N SER C 544 -33.91 -21.70 -8.84
CA SER C 544 -33.25 -22.86 -9.44
C SER C 544 -32.21 -22.45 -10.47
N ILE C 545 -31.17 -23.28 -10.65
CA ILE C 545 -30.11 -23.04 -11.62
C ILE C 545 -30.10 -24.15 -12.68
N THR C 546 -29.75 -23.79 -13.92
CA THR C 546 -29.72 -24.72 -15.05
C THR C 546 -28.40 -24.54 -15.80
N LYS C 547 -27.63 -25.62 -15.98
CA LYS C 547 -26.35 -25.59 -16.68
C LYS C 547 -26.53 -25.31 -18.17
N ILE C 548 -25.87 -24.25 -18.67
CA ILE C 548 -25.94 -23.84 -20.08
C ILE C 548 -25.19 -24.88 -20.90
N MET C 549 -25.92 -25.56 -21.83
CA MET C 549 -25.37 -26.63 -22.68
C MET C 549 -25.80 -26.46 -24.13
#